data_1RYB
# 
_entry.id   1RYB 
# 
_audit_conform.dict_name       mmcif_pdbx.dic 
_audit_conform.dict_version    5.376 
_audit_conform.dict_location   http://mmcif.pdb.org/dictionaries/ascii/mmcif_pdbx.dic 
# 
loop_
_database_2.database_id 
_database_2.database_code 
_database_2.pdbx_database_accession 
_database_2.pdbx_DOI 
PDB   1RYB         pdb_00001ryb 10.2210/pdb1ryb/pdb 
RCSB  RCSB021144   ?            ?                   
WWPDB D_1000021144 ?            ?                   
# 
_pdbx_database_status.status_code                     REL 
_pdbx_database_status.entry_id                        1RYB 
_pdbx_database_status.recvd_initial_deposition_date   2003-12-21 
_pdbx_database_status.deposit_site                    RCSB 
_pdbx_database_status.process_site                    RCSB 
_pdbx_database_status.status_code_sf                  REL 
_pdbx_database_status.status_code_mr                  ? 
_pdbx_database_status.SG_entry                        ? 
_pdbx_database_status.pdb_format_compatible           Y 
_pdbx_database_status.status_code_cs                  ? 
_pdbx_database_status.status_code_nmr_data            ? 
_pdbx_database_status.methods_development_category    ? 
# 
loop_
_audit_author.name 
_audit_author.pdbx_ordinal 
'Ostheimer, G.J.' 1 
'Barkan, A.'      2 
'Matthews, B.W.'  3 
# 
_citation.id                        primary 
_citation.title                     
'Structural analysis of the group II intron splicing factor CRS2 yields insights into its protein and RNA interaction surfaces' 
_citation.journal_abbrev            J.Mol.Biol. 
_citation.journal_volume            345 
_citation.page_first                51 
_citation.page_last                 68 
_citation.year                      2005 
_citation.journal_id_ASTM           JMOBAK 
_citation.country                   UK 
_citation.journal_id_ISSN           0022-2836 
_citation.journal_id_CSD            0070 
_citation.book_publisher            ? 
_citation.pdbx_database_id_PubMed   15567410 
_citation.pdbx_database_id_DOI      10.1016/j.jmb.2004.10.032 
# 
loop_
_citation_author.citation_id 
_citation_author.name 
_citation_author.ordinal 
_citation_author.identifier_ORCID 
primary 'Ostheimer, G.J.'   1 ? 
primary 'Hadjivasiliou, H.' 2 ? 
primary 'Kloer, D.P.'       3 ? 
primary 'Barkan, A.'        4 ? 
primary 'Matthews, B.W.'    5 ? 
# 
_cell.entry_id           1RYB 
_cell.length_a           36.375 
_cell.length_b           62.644 
_cell.length_c           78.235 
_cell.angle_alpha        90.00 
_cell.angle_beta         90.00 
_cell.angle_gamma        90.00 
_cell.Z_PDB              4 
_cell.pdbx_unique_axis   ? 
# 
_symmetry.entry_id                         1RYB 
_symmetry.space_group_name_H-M             'P 21 21 21' 
_symmetry.pdbx_full_space_group_name_H-M   ? 
_symmetry.Int_Tables_number                19 
_symmetry.cell_setting                     ? 
_symmetry.space_group_name_Hall            ? 
# 
loop_
_entity.id 
_entity.type 
_entity.src_method 
_entity.pdbx_description 
_entity.formula_weight 
_entity.pdbx_number_of_molecules 
_entity.pdbx_ec 
_entity.pdbx_mutation 
_entity.pdbx_fragment 
_entity.details 
1 polymer man CRS2  22676.805 1   3.1.1.29 ? ? ? 
2 water   nat water 18.015    164 ?        ? ? ? 
# 
_entity_poly.entity_id                      1 
_entity_poly.type                           'polypeptide(L)' 
_entity_poly.nstd_linkage                   no 
_entity_poly.nstd_monomer                   no 
_entity_poly.pdbx_seq_one_letter_code       
;MRGSHHHHHHGSVEYTPWLIAGLGNPGNKYYGTRHNVGFEMVDRIAAEEGITMNTIQSKSLLGIGSIGEVPVLVVKPQSY
MNYSGEAIGPLAAYYQVPLRHILLIYDDTSLPNGVLRLQKKGGHGRHNGLQNVIEHLDGRREFPRLSIGIGSPPGKMDPR
AFLLQKFSSEERVQIDTALEQGVDAVRTLVLKGFSGSTERFNLVQ
;
_entity_poly.pdbx_seq_one_letter_code_can   
;MRGSHHHHHHGSVEYTPWLIAGLGNPGNKYYGTRHNVGFEMVDRIAAEEGITMNTIQSKSLLGIGSIGEVPVLVVKPQSY
MNYSGEAIGPLAAYYQVPLRHILLIYDDTSLPNGVLRLQKKGGHGRHNGLQNVIEHLDGRREFPRLSIGIGSPPGKMDPR
AFLLQKFSSEERVQIDTALEQGVDAVRTLVLKGFSGSTERFNLVQ
;
_entity_poly.pdbx_strand_id                 A 
_entity_poly.pdbx_target_identifier         ? 
# 
loop_
_entity_poly_seq.entity_id 
_entity_poly_seq.num 
_entity_poly_seq.mon_id 
_entity_poly_seq.hetero 
1 1   MET n 
1 2   ARG n 
1 3   GLY n 
1 4   SER n 
1 5   HIS n 
1 6   HIS n 
1 7   HIS n 
1 8   HIS n 
1 9   HIS n 
1 10  HIS n 
1 11  GLY n 
1 12  SER n 
1 13  VAL n 
1 14  GLU n 
1 15  TYR n 
1 16  THR n 
1 17  PRO n 
1 18  TRP n 
1 19  LEU n 
1 20  ILE n 
1 21  ALA n 
1 22  GLY n 
1 23  LEU n 
1 24  GLY n 
1 25  ASN n 
1 26  PRO n 
1 27  GLY n 
1 28  ASN n 
1 29  LYS n 
1 30  TYR n 
1 31  TYR n 
1 32  GLY n 
1 33  THR n 
1 34  ARG n 
1 35  HIS n 
1 36  ASN n 
1 37  VAL n 
1 38  GLY n 
1 39  PHE n 
1 40  GLU n 
1 41  MET n 
1 42  VAL n 
1 43  ASP n 
1 44  ARG n 
1 45  ILE n 
1 46  ALA n 
1 47  ALA n 
1 48  GLU n 
1 49  GLU n 
1 50  GLY n 
1 51  ILE n 
1 52  THR n 
1 53  MET n 
1 54  ASN n 
1 55  THR n 
1 56  ILE n 
1 57  GLN n 
1 58  SER n 
1 59  LYS n 
1 60  SER n 
1 61  LEU n 
1 62  LEU n 
1 63  GLY n 
1 64  ILE n 
1 65  GLY n 
1 66  SER n 
1 67  ILE n 
1 68  GLY n 
1 69  GLU n 
1 70  VAL n 
1 71  PRO n 
1 72  VAL n 
1 73  LEU n 
1 74  VAL n 
1 75  VAL n 
1 76  LYS n 
1 77  PRO n 
1 78  GLN n 
1 79  SER n 
1 80  TYR n 
1 81  MET n 
1 82  ASN n 
1 83  TYR n 
1 84  SER n 
1 85  GLY n 
1 86  GLU n 
1 87  ALA n 
1 88  ILE n 
1 89  GLY n 
1 90  PRO n 
1 91  LEU n 
1 92  ALA n 
1 93  ALA n 
1 94  TYR n 
1 95  TYR n 
1 96  GLN n 
1 97  VAL n 
1 98  PRO n 
1 99  LEU n 
1 100 ARG n 
1 101 HIS n 
1 102 ILE n 
1 103 LEU n 
1 104 LEU n 
1 105 ILE n 
1 106 TYR n 
1 107 ASP n 
1 108 ASP n 
1 109 THR n 
1 110 SER n 
1 111 LEU n 
1 112 PRO n 
1 113 ASN n 
1 114 GLY n 
1 115 VAL n 
1 116 LEU n 
1 117 ARG n 
1 118 LEU n 
1 119 GLN n 
1 120 LYS n 
1 121 LYS n 
1 122 GLY n 
1 123 GLY n 
1 124 HIS n 
1 125 GLY n 
1 126 ARG n 
1 127 HIS n 
1 128 ASN n 
1 129 GLY n 
1 130 LEU n 
1 131 GLN n 
1 132 ASN n 
1 133 VAL n 
1 134 ILE n 
1 135 GLU n 
1 136 HIS n 
1 137 LEU n 
1 138 ASP n 
1 139 GLY n 
1 140 ARG n 
1 141 ARG n 
1 142 GLU n 
1 143 PHE n 
1 144 PRO n 
1 145 ARG n 
1 146 LEU n 
1 147 SER n 
1 148 ILE n 
1 149 GLY n 
1 150 ILE n 
1 151 GLY n 
1 152 SER n 
1 153 PRO n 
1 154 PRO n 
1 155 GLY n 
1 156 LYS n 
1 157 MET n 
1 158 ASP n 
1 159 PRO n 
1 160 ARG n 
1 161 ALA n 
1 162 PHE n 
1 163 LEU n 
1 164 LEU n 
1 165 GLN n 
1 166 LYS n 
1 167 PHE n 
1 168 SER n 
1 169 SER n 
1 170 GLU n 
1 171 GLU n 
1 172 ARG n 
1 173 VAL n 
1 174 GLN n 
1 175 ILE n 
1 176 ASP n 
1 177 THR n 
1 178 ALA n 
1 179 LEU n 
1 180 GLU n 
1 181 GLN n 
1 182 GLY n 
1 183 VAL n 
1 184 ASP n 
1 185 ALA n 
1 186 VAL n 
1 187 ARG n 
1 188 THR n 
1 189 LEU n 
1 190 VAL n 
1 191 LEU n 
1 192 LYS n 
1 193 GLY n 
1 194 PHE n 
1 195 SER n 
1 196 GLY n 
1 197 SER n 
1 198 THR n 
1 199 GLU n 
1 200 ARG n 
1 201 PHE n 
1 202 ASN n 
1 203 LEU n 
1 204 VAL n 
1 205 GLN n 
# 
_entity_src_gen.entity_id                          1 
_entity_src_gen.pdbx_src_id                        1 
_entity_src_gen.pdbx_alt_source_flag               sample 
_entity_src_gen.pdbx_seq_type                      ? 
_entity_src_gen.pdbx_beg_seq_num                   ? 
_entity_src_gen.pdbx_end_seq_num                   ? 
_entity_src_gen.gene_src_common_name               ? 
_entity_src_gen.gene_src_genus                     Zea 
_entity_src_gen.pdbx_gene_src_gene                 crs2 
_entity_src_gen.gene_src_species                   ? 
_entity_src_gen.gene_src_strain                    ? 
_entity_src_gen.gene_src_tissue                    ? 
_entity_src_gen.gene_src_tissue_fraction           ? 
_entity_src_gen.gene_src_details                   ? 
_entity_src_gen.pdbx_gene_src_fragment             ? 
_entity_src_gen.pdbx_gene_src_scientific_name      'Zea mays' 
_entity_src_gen.pdbx_gene_src_ncbi_taxonomy_id     4577 
_entity_src_gen.pdbx_gene_src_variant              ? 
_entity_src_gen.pdbx_gene_src_cell_line            ? 
_entity_src_gen.pdbx_gene_src_atcc                 ? 
_entity_src_gen.pdbx_gene_src_organ                ? 
_entity_src_gen.pdbx_gene_src_organelle            ? 
_entity_src_gen.pdbx_gene_src_cell                 ? 
_entity_src_gen.pdbx_gene_src_cellular_location    ? 
_entity_src_gen.host_org_common_name               ? 
_entity_src_gen.pdbx_host_org_scientific_name      'Escherichia coli' 
_entity_src_gen.pdbx_host_org_ncbi_taxonomy_id     562 
_entity_src_gen.host_org_genus                     Escherichia 
_entity_src_gen.pdbx_host_org_gene                 ? 
_entity_src_gen.pdbx_host_org_organ                ? 
_entity_src_gen.host_org_species                   ? 
_entity_src_gen.pdbx_host_org_tissue               ? 
_entity_src_gen.pdbx_host_org_tissue_fraction      ? 
_entity_src_gen.pdbx_host_org_strain               M15 
_entity_src_gen.pdbx_host_org_variant              ? 
_entity_src_gen.pdbx_host_org_cell_line            ? 
_entity_src_gen.pdbx_host_org_atcc                 ? 
_entity_src_gen.pdbx_host_org_culture_collection   ? 
_entity_src_gen.pdbx_host_org_cell                 ? 
_entity_src_gen.pdbx_host_org_organelle            ? 
_entity_src_gen.pdbx_host_org_cellular_location    ? 
_entity_src_gen.pdbx_host_org_vector_type          PLASMID 
_entity_src_gen.pdbx_host_org_vector               ? 
_entity_src_gen.host_org_details                   ? 
_entity_src_gen.expression_system_id               ? 
_entity_src_gen.plasmid_name                       pQE40 
_entity_src_gen.plasmid_details                    ? 
_entity_src_gen.pdbx_description                   ? 
# 
_struct_ref.id                         1 
_struct_ref.db_name                    UNP 
_struct_ref.db_code                    Q9M5P4_MAIZE 
_struct_ref.pdbx_db_accession          Q9M5P4 
_struct_ref.entity_id                  1 
_struct_ref.pdbx_seq_one_letter_code   
;VEYTPWLIAGLGNPGNKYYGTRHNVGFEMVDRIAAEEGITMNTIQSKSLLGIGSIGEVPVLVVKPQSYMNYSGEAIGPLA
AYYQVPLRHILLIYDDTSLPNGVLRLQKKGGHGRHNGLQNVIEHLDGRREFPRLSIGIGSPPGKMDPRAFLLQKFSSEER
VQIDTALEQGVDAVRTLVLKGFSGSTERFNLVQ
;
_struct_ref.pdbx_align_begin           57 
_struct_ref.pdbx_db_isoform            ? 
# 
_struct_ref_seq.align_id                      1 
_struct_ref_seq.ref_id                        1 
_struct_ref_seq.pdbx_PDB_id_code              1RYB 
_struct_ref_seq.pdbx_strand_id                A 
_struct_ref_seq.seq_align_beg                 13 
_struct_ref_seq.pdbx_seq_align_beg_ins_code   ? 
_struct_ref_seq.seq_align_end                 205 
_struct_ref_seq.pdbx_seq_align_end_ins_code   ? 
_struct_ref_seq.pdbx_db_accession             Q9M5P4 
_struct_ref_seq.db_align_beg                  57 
_struct_ref_seq.pdbx_db_align_beg_ins_code    ? 
_struct_ref_seq.db_align_end                  249 
_struct_ref_seq.pdbx_db_align_end_ins_code    ? 
_struct_ref_seq.pdbx_auth_seq_align_beg       -1 
_struct_ref_seq.pdbx_auth_seq_align_end       191 
# 
loop_
_struct_ref_seq_dif.align_id 
_struct_ref_seq_dif.pdbx_pdb_id_code 
_struct_ref_seq_dif.mon_id 
_struct_ref_seq_dif.pdbx_pdb_strand_id 
_struct_ref_seq_dif.seq_num 
_struct_ref_seq_dif.pdbx_pdb_ins_code 
_struct_ref_seq_dif.pdbx_seq_db_name 
_struct_ref_seq_dif.pdbx_seq_db_accession_code 
_struct_ref_seq_dif.db_mon_id 
_struct_ref_seq_dif.pdbx_seq_db_seq_num 
_struct_ref_seq_dif.details 
_struct_ref_seq_dif.pdbx_auth_seq_num 
_struct_ref_seq_dif.pdbx_ordinal 
1 1RYB MET A 1  ? UNP Q9M5P4 ? ? 'expression tag' -13 1  
1 1RYB ARG A 2  ? UNP Q9M5P4 ? ? 'expression tag' -12 2  
1 1RYB GLY A 3  ? UNP Q9M5P4 ? ? 'expression tag' -11 3  
1 1RYB SER A 4  ? UNP Q9M5P4 ? ? 'expression tag' -10 4  
1 1RYB HIS A 5  ? UNP Q9M5P4 ? ? 'expression tag' -9  5  
1 1RYB HIS A 6  ? UNP Q9M5P4 ? ? 'expression tag' -8  6  
1 1RYB HIS A 7  ? UNP Q9M5P4 ? ? 'expression tag' -7  7  
1 1RYB HIS A 8  ? UNP Q9M5P4 ? ? 'expression tag' -6  8  
1 1RYB HIS A 9  ? UNP Q9M5P4 ? ? 'expression tag' -5  9  
1 1RYB HIS A 10 ? UNP Q9M5P4 ? ? 'expression tag' -4  10 
1 1RYB GLY A 11 ? UNP Q9M5P4 ? ? 'expression tag' -3  11 
1 1RYB SER A 12 ? UNP Q9M5P4 ? ? 'expression tag' -2  12 
# 
loop_
_chem_comp.id 
_chem_comp.type 
_chem_comp.mon_nstd_flag 
_chem_comp.name 
_chem_comp.pdbx_synonyms 
_chem_comp.formula 
_chem_comp.formula_weight 
ALA 'L-peptide linking' y ALANINE         ? 'C3 H7 N O2'     89.093  
ARG 'L-peptide linking' y ARGININE        ? 'C6 H15 N4 O2 1' 175.209 
ASN 'L-peptide linking' y ASPARAGINE      ? 'C4 H8 N2 O3'    132.118 
ASP 'L-peptide linking' y 'ASPARTIC ACID' ? 'C4 H7 N O4'     133.103 
GLN 'L-peptide linking' y GLUTAMINE       ? 'C5 H10 N2 O3'   146.144 
GLU 'L-peptide linking' y 'GLUTAMIC ACID' ? 'C5 H9 N O4'     147.129 
GLY 'peptide linking'   y GLYCINE         ? 'C2 H5 N O2'     75.067  
HIS 'L-peptide linking' y HISTIDINE       ? 'C6 H10 N3 O2 1' 156.162 
HOH non-polymer         . WATER           ? 'H2 O'           18.015  
ILE 'L-peptide linking' y ISOLEUCINE      ? 'C6 H13 N O2'    131.173 
LEU 'L-peptide linking' y LEUCINE         ? 'C6 H13 N O2'    131.173 
LYS 'L-peptide linking' y LYSINE          ? 'C6 H15 N2 O2 1' 147.195 
MET 'L-peptide linking' y METHIONINE      ? 'C5 H11 N O2 S'  149.211 
PHE 'L-peptide linking' y PHENYLALANINE   ? 'C9 H11 N O2'    165.189 
PRO 'L-peptide linking' y PROLINE         ? 'C5 H9 N O2'     115.130 
SER 'L-peptide linking' y SERINE          ? 'C3 H7 N O3'     105.093 
THR 'L-peptide linking' y THREONINE       ? 'C4 H9 N O3'     119.119 
TRP 'L-peptide linking' y TRYPTOPHAN      ? 'C11 H12 N2 O2'  204.225 
TYR 'L-peptide linking' y TYROSINE        ? 'C9 H11 N O3'    181.189 
VAL 'L-peptide linking' y VALINE          ? 'C5 H11 N O2'    117.146 
# 
_exptl.entry_id          1RYB 
_exptl.method            'X-RAY DIFFRACTION' 
_exptl.crystals_number   1 
# 
_exptl_crystal.id                    1 
_exptl_crystal.density_meas          ? 
_exptl_crystal.density_percent_sol   34.76 
_exptl_crystal.description           ? 
_exptl_crystal.density_Matthews      1.89 
_exptl_crystal.F_000                 ? 
_exptl_crystal.preparation           ? 
# 
_exptl_crystal_grow.crystal_id      1 
_exptl_crystal_grow.method          'VAPOR DIFFUSION, SITTING DROP' 
_exptl_crystal_grow.temp            298 
_exptl_crystal_grow.temp_details    ? 
_exptl_crystal_grow.pH              10.5 
_exptl_crystal_grow.pdbx_details    'PEG 4000, CAPS, sodium chloride, pH 10.5, VAPOR DIFFUSION, SITTING DROP, temperature 298K' 
_exptl_crystal_grow.pdbx_pH_range   . 
# 
_diffrn.id                     1 
_diffrn.ambient_temp           100 
_diffrn.ambient_temp_details   ? 
_diffrn.crystal_id             1 
# 
_diffrn_detector.diffrn_id              1 
_diffrn_detector.detector               CCD 
_diffrn_detector.type                   MARRESEARCH 
_diffrn_detector.pdbx_collection_date   2000-12-02 
_diffrn_detector.details                ? 
# 
_diffrn_radiation.diffrn_id                        1 
_diffrn_radiation.wavelength_id                    1 
_diffrn_radiation.pdbx_monochromatic_or_laue_m_l   M 
_diffrn_radiation.monochromator                    ? 
_diffrn_radiation.pdbx_diffrn_protocol             'SINGLE WAVELENGTH' 
_diffrn_radiation.pdbx_scattering_type             x-ray 
# 
_diffrn_radiation_wavelength.id           1 
_diffrn_radiation_wavelength.wavelength   0.773 
_diffrn_radiation_wavelength.wt           1.0 
# 
_diffrn_source.diffrn_id                   1 
_diffrn_source.source                      SYNCHROTRON 
_diffrn_source.type                        'SSRL BEAMLINE BL9-1' 
_diffrn_source.pdbx_synchrotron_site       SSRL 
_diffrn_source.pdbx_synchrotron_beamline   BL9-1 
_diffrn_source.pdbx_wavelength             ? 
_diffrn_source.pdbx_wavelength_list        0.773 
# 
_reflns.entry_id                     1RYB 
_reflns.observed_criterion_sigma_F   2.00 
_reflns.observed_criterion_sigma_I   1.00 
_reflns.d_resolution_high            1.7 
_reflns.d_resolution_low             13.0 
_reflns.number_all                   20295 
_reflns.number_obs                   20208 
_reflns.percent_possible_obs         99.6 
_reflns.pdbx_Rmerge_I_obs            ? 
_reflns.pdbx_Rsym_value              0.052 
_reflns.pdbx_netI_over_sigmaI        8.1 
_reflns.B_iso_Wilson_estimate        15.5 
_reflns.pdbx_redundancy              3.6 
_reflns.R_free_details               ? 
_reflns.limit_h_max                  ? 
_reflns.limit_h_min                  ? 
_reflns.limit_k_max                  ? 
_reflns.limit_k_min                  ? 
_reflns.limit_l_max                  ? 
_reflns.limit_l_min                  ? 
_reflns.observed_criterion_F_max     ? 
_reflns.observed_criterion_F_min     ? 
_reflns.pdbx_chi_squared             ? 
_reflns.pdbx_scaling_rejects         ? 
_reflns.pdbx_diffrn_id               1 
_reflns.pdbx_ordinal                 1 
# 
_reflns_shell.d_res_high             1.70 
_reflns_shell.d_res_low              1.79 
_reflns_shell.percent_possible_all   99.6 
_reflns_shell.Rmerge_I_obs           ? 
_reflns_shell.pdbx_Rsym_value        0.194 
_reflns_shell.meanI_over_sigI_obs    3.9 
_reflns_shell.pdbx_redundancy        3.6 
_reflns_shell.percent_possible_obs   ? 
_reflns_shell.number_unique_all      10361 
_reflns_shell.number_measured_all    ? 
_reflns_shell.number_measured_obs    ? 
_reflns_shell.number_unique_obs      ? 
_reflns_shell.pdbx_chi_squared       ? 
_reflns_shell.pdbx_diffrn_id         ? 
_reflns_shell.pdbx_ordinal           1 
# 
_refine.entry_id                                 1RYB 
_refine.ls_d_res_high                            1.70 
_refine.ls_d_res_low                             12.0 
_refine.pdbx_ls_sigma_F                          2.00 
_refine.pdbx_ls_sigma_I                          1.00 
_refine.ls_number_reflns_all                     20295 
_refine.ls_number_reflns_obs                     20208 
_refine.ls_number_reflns_R_free                  1031 
_refine.ls_percent_reflns_obs                    99.6 
_refine.ls_R_factor_all                          ? 
_refine.ls_R_factor_obs                          0.176 
_refine.ls_R_factor_R_work                       0.173 
_refine.ls_R_factor_R_free                       0.246 
_refine.ls_redundancy_reflns_obs                 ? 
_refine.pdbx_data_cutoff_high_absF               ? 
_refine.pdbx_data_cutoff_low_absF                ? 
_refine.ls_number_parameters                     ? 
_refine.ls_number_restraints                     ? 
_refine.ls_percent_reflns_R_free                 ? 
_refine.ls_R_factor_R_free_error                 ? 
_refine.ls_R_factor_R_free_error_details         ? 
_refine.pdbx_method_to_determine_struct          'MOLECULAR REPLACEMENT' 
_refine.pdbx_starting_model                      'PDB ENTRY 2PTH' 
_refine.pdbx_ls_cross_valid_method               THROUGHOUT 
_refine.pdbx_R_Free_selection_details            RANDOM 
_refine.pdbx_stereochem_target_val_spec_case     ? 
_refine.pdbx_stereochemistry_target_values       'Engh & Huber' 
_refine.solvent_model_details                    ? 
_refine.solvent_model_param_bsol                 ? 
_refine.solvent_model_param_ksol                 ? 
_refine.occupancy_max                            ? 
_refine.occupancy_min                            ? 
_refine.pdbx_isotropic_thermal_model             ? 
_refine.B_iso_mean                               ? 
_refine.aniso_B[1][1]                            ? 
_refine.aniso_B[1][2]                            ? 
_refine.aniso_B[1][3]                            ? 
_refine.aniso_B[2][2]                            ? 
_refine.aniso_B[2][3]                            ? 
_refine.aniso_B[3][3]                            ? 
_refine.details                                  ? 
_refine.B_iso_min                                ? 
_refine.B_iso_max                                ? 
_refine.correlation_coeff_Fo_to_Fc               ? 
_refine.correlation_coeff_Fo_to_Fc_free          ? 
_refine.pdbx_solvent_vdw_probe_radii             ? 
_refine.pdbx_solvent_ion_probe_radii             ? 
_refine.pdbx_solvent_shrinkage_radii             ? 
_refine.overall_SU_R_Cruickshank_DPI             ? 
_refine.overall_SU_R_free                        ? 
_refine.overall_SU_B                             ? 
_refine.overall_SU_ML                            ? 
_refine.pdbx_overall_ESU_R                       ? 
_refine.pdbx_overall_ESU_R_Free                  ? 
_refine.pdbx_data_cutoff_high_rms_absF           ? 
_refine.ls_wR_factor_R_free                      ? 
_refine.ls_wR_factor_R_work                      ? 
_refine.overall_FOM_free_R_set                   ? 
_refine.overall_FOM_work_R_set                   ? 
_refine.pdbx_refine_id                           'X-RAY DIFFRACTION' 
_refine.pdbx_diffrn_id                           1 
_refine.pdbx_TLS_residual_ADP_flag               ? 
_refine.pdbx_overall_phase_error                 ? 
_refine.pdbx_overall_SU_R_free_Cruickshank_DPI   ? 
_refine.pdbx_overall_SU_R_Blow_DPI               ? 
_refine.pdbx_overall_SU_R_free_Blow_DPI          ? 
# 
_refine_hist.pdbx_refine_id                   'X-RAY DIFFRACTION' 
_refine_hist.cycle_id                         LAST 
_refine_hist.pdbx_number_atoms_protein        1446 
_refine_hist.pdbx_number_atoms_nucleic_acid   0 
_refine_hist.pdbx_number_atoms_ligand         0 
_refine_hist.number_atoms_solvent             164 
_refine_hist.number_atoms_total               1610 
_refine_hist.d_res_high                       1.70 
_refine_hist.d_res_low                        12.0 
# 
loop_
_refine_ls_restr.type 
_refine_ls_restr.dev_ideal 
_refine_ls_restr.dev_ideal_target 
_refine_ls_restr.weight 
_refine_ls_restr.number 
_refine_ls_restr.pdbx_refine_id 
_refine_ls_restr.pdbx_restraint_function 
t_bond_d           0.021 ? ? ? 'X-RAY DIFFRACTION' ? 
t_dihedral_angle_d 2.8   ? ? ? 'X-RAY DIFFRACTION' ? 
# 
_struct.entry_id                  1RYB 
_struct.title                     'Crystal Structure of the Chloroplast Group II Intron Splicing Factor CRS2' 
_struct.pdbx_model_details        ? 
_struct.pdbx_CASP_flag            ? 
_struct.pdbx_model_type_details   ? 
# 
_struct_keywords.entry_id        1RYB 
_struct_keywords.pdbx_keywords   HYDROLASE 
_struct_keywords.text            'ALPHA-BETA, HYDROLASE' 
# 
loop_
_struct_asym.id 
_struct_asym.pdbx_blank_PDB_chainid_flag 
_struct_asym.pdbx_modified 
_struct_asym.entity_id 
_struct_asym.details 
A N N 1 ? 
B N N 2 ? 
# 
_struct_biol.id                    1 
_struct_biol.pdbx_parent_biol_id   ? 
_struct_biol.details               ? 
# 
loop_
_struct_conf.conf_type_id 
_struct_conf.id 
_struct_conf.pdbx_PDB_helix_id 
_struct_conf.beg_label_comp_id 
_struct_conf.beg_label_asym_id 
_struct_conf.beg_label_seq_id 
_struct_conf.pdbx_beg_PDB_ins_code 
_struct_conf.end_label_comp_id 
_struct_conf.end_label_asym_id 
_struct_conf.end_label_seq_id 
_struct_conf.pdbx_end_PDB_ins_code 
_struct_conf.beg_auth_comp_id 
_struct_conf.beg_auth_asym_id 
_struct_conf.beg_auth_seq_id 
_struct_conf.end_auth_comp_id 
_struct_conf.end_auth_asym_id 
_struct_conf.end_auth_seq_id 
_struct_conf.pdbx_PDB_helix_class 
_struct_conf.details 
_struct_conf.pdbx_PDB_helix_length 
HELX_P HELX_P1 1 GLY A 27  ? TYR A 31  ? GLY A 13  TYR A 17  5 ? 5  
HELX_P HELX_P2 2 THR A 33  ? HIS A 35  ? THR A 19  HIS A 21  5 ? 3  
HELX_P HELX_P3 3 ASN A 36  ? GLU A 49  ? ASN A 22  GLU A 35  1 ? 14 
HELX_P HELX_P4 4 TYR A 80  ? ASN A 82  ? TYR A 66  ASN A 68  5 ? 3  
HELX_P HELX_P5 5 TYR A 83  ? TYR A 95  ? TYR A 69  TYR A 81  1 ? 13 
HELX_P HELX_P6 6 PRO A 98  ? ARG A 100 ? PRO A 84  ARG A 86  5 ? 3  
HELX_P HELX_P7 7 HIS A 127 ? LEU A 137 ? HIS A 113 LEU A 123 1 ? 11 
HELX_P HELX_P8 8 ASP A 158 ? LEU A 164 ? ASP A 144 LEU A 150 1 ? 7  
HELX_P HELX_P9 9 SER A 168 ? GLY A 193 ? SER A 154 GLY A 179 1 ? 26 
# 
_struct_conf_type.id          HELX_P 
_struct_conf_type.criteria    ? 
_struct_conf_type.reference   ? 
# 
_struct_sheet.id               A 
_struct_sheet.type             ? 
_struct_sheet.number_strands   7 
_struct_sheet.details          ? 
# 
loop_
_struct_sheet_order.sheet_id 
_struct_sheet_order.range_id_1 
_struct_sheet_order.range_id_2 
_struct_sheet_order.offset 
_struct_sheet_order.sense 
A 1 2 ? anti-parallel 
A 2 3 ? anti-parallel 
A 3 4 ? parallel      
A 4 5 ? parallel      
A 5 6 ? parallel      
A 6 7 ? anti-parallel 
# 
loop_
_struct_sheet_range.sheet_id 
_struct_sheet_range.id 
_struct_sheet_range.beg_label_comp_id 
_struct_sheet_range.beg_label_asym_id 
_struct_sheet_range.beg_label_seq_id 
_struct_sheet_range.pdbx_beg_PDB_ins_code 
_struct_sheet_range.end_label_comp_id 
_struct_sheet_range.end_label_asym_id 
_struct_sheet_range.end_label_seq_id 
_struct_sheet_range.pdbx_end_PDB_ins_code 
_struct_sheet_range.beg_auth_comp_id 
_struct_sheet_range.beg_auth_asym_id 
_struct_sheet_range.beg_auth_seq_id 
_struct_sheet_range.end_auth_comp_id 
_struct_sheet_range.end_auth_asym_id 
_struct_sheet_range.end_auth_seq_id 
A 1 THR A 55  ? GLN A 57  ? THR A 41  GLN A 43  
A 2 SER A 60  ? ILE A 67  ? SER A 46  ILE A 53  
A 3 VAL A 70  ? PRO A 77  ? VAL A 56  PRO A 63  
A 4 TRP A 18  ? GLY A 22  ? TRP A 4   GLY A 8   
A 5 ILE A 102 ? ASP A 108 ? ILE A 88  ASP A 94  
A 6 ARG A 145 ? GLY A 149 ? ARG A 131 GLY A 135 
A 7 LEU A 116 ? GLN A 119 ? LEU A 102 GLN A 105 
# 
loop_
_pdbx_struct_sheet_hbond.sheet_id 
_pdbx_struct_sheet_hbond.range_id_1 
_pdbx_struct_sheet_hbond.range_id_2 
_pdbx_struct_sheet_hbond.range_1_label_atom_id 
_pdbx_struct_sheet_hbond.range_1_label_comp_id 
_pdbx_struct_sheet_hbond.range_1_label_asym_id 
_pdbx_struct_sheet_hbond.range_1_label_seq_id 
_pdbx_struct_sheet_hbond.range_1_PDB_ins_code 
_pdbx_struct_sheet_hbond.range_1_auth_atom_id 
_pdbx_struct_sheet_hbond.range_1_auth_comp_id 
_pdbx_struct_sheet_hbond.range_1_auth_asym_id 
_pdbx_struct_sheet_hbond.range_1_auth_seq_id 
_pdbx_struct_sheet_hbond.range_2_label_atom_id 
_pdbx_struct_sheet_hbond.range_2_label_comp_id 
_pdbx_struct_sheet_hbond.range_2_label_asym_id 
_pdbx_struct_sheet_hbond.range_2_label_seq_id 
_pdbx_struct_sheet_hbond.range_2_PDB_ins_code 
_pdbx_struct_sheet_hbond.range_2_auth_atom_id 
_pdbx_struct_sheet_hbond.range_2_auth_comp_id 
_pdbx_struct_sheet_hbond.range_2_auth_asym_id 
_pdbx_struct_sheet_hbond.range_2_auth_seq_id 
A 1 2 N THR A 55  ? N THR A 41  O LEU A 62  ? O LEU A 48  
A 2 3 N ILE A 67  ? N ILE A 53  O VAL A 70  ? O VAL A 56  
A 3 4 O LEU A 73  ? O LEU A 59  N ILE A 20  ? N ILE A 6   
A 4 5 N ALA A 21  ? N ALA A 7   O LEU A 103 ? O LEU A 89  
A 5 6 N LEU A 104 ? N LEU A 90  O LEU A 146 ? O LEU A 132 
A 6 7 O SER A 147 ? O SER A 133 N ARG A 117 ? N ARG A 103 
# 
_atom_sites.entry_id                    1RYB 
_atom_sites.fract_transf_matrix[1][1]   0.02697206 
_atom_sites.fract_transf_matrix[1][2]   -0.00445101 
_atom_sites.fract_transf_matrix[1][3]   0.00290712 
_atom_sites.fract_transf_matrix[2][1]   0.00116576 
_atom_sites.fract_transf_matrix[2][2]   0.01303457 
_atom_sites.fract_transf_matrix[2][3]   0.00914103 
_atom_sites.fract_transf_matrix[3][1]   -0.00228879 
_atom_sites.fract_transf_matrix[3][2]   -0.00708259 
_atom_sites.fract_transf_matrix[3][3]   0.01039124 
_atom_sites.fract_transf_vector[1]      0.327412 
_atom_sites.fract_transf_vector[2]      0.382805 
_atom_sites.fract_transf_vector[3]      0.788904 
# 
loop_
_atom_type.symbol 
C 
N 
O 
S 
# 
loop_
_atom_site.group_PDB 
_atom_site.id 
_atom_site.type_symbol 
_atom_site.label_atom_id 
_atom_site.label_alt_id 
_atom_site.label_comp_id 
_atom_site.label_asym_id 
_atom_site.label_entity_id 
_atom_site.label_seq_id 
_atom_site.pdbx_PDB_ins_code 
_atom_site.Cartn_x 
_atom_site.Cartn_y 
_atom_site.Cartn_z 
_atom_site.occupancy 
_atom_site.B_iso_or_equiv 
_atom_site.pdbx_formal_charge 
_atom_site.auth_seq_id 
_atom_site.auth_comp_id 
_atom_site.auth_asym_id 
_atom_site.auth_atom_id 
_atom_site.pdbx_PDB_model_num 
ATOM   1    N N   . TYR A 1 15  ? 13.820  1.277   -18.727 1.00 72.32  ? 1   TYR A N   1 
ATOM   2    C CA  . TYR A 1 15  ? 13.934  1.403   -17.283 1.00 62.68  ? 1   TYR A CA  1 
ATOM   3    C C   . TYR A 1 15  ? 12.985  2.505   -16.619 1.00 74.81  ? 1   TYR A C   1 
ATOM   4    O O   . TYR A 1 15  ? 13.369  3.376   -15.850 1.00 42.08  ? 1   TYR A O   1 
ATOM   5    C CB  . TYR A 1 15  ? 15.419  1.442   -16.851 1.00 59.46  ? 1   TYR A CB  1 
ATOM   6    N N   . THR A 1 16  ? 11.698  2.422   -16.887 1.00 19.36  ? 2   THR A N   1 
ATOM   7    C CA  . THR A 1 16  ? 10.749  3.301   -16.275 1.00 23.27  ? 2   THR A CA  1 
ATOM   8    C C   . THR A 1 16  ? 10.530  2.879   -14.803 1.00 26.52  ? 2   THR A C   1 
ATOM   9    O O   . THR A 1 16  ? 10.317  1.698   -14.507 1.00 22.68  ? 2   THR A O   1 
ATOM   10   C CB  . THR A 1 16  ? 9.457   3.245   -17.097 1.00 20.35  ? 2   THR A CB  1 
ATOM   11   O OG1 . THR A 1 16  ? 9.791   3.481   -18.462 1.00 29.24  ? 2   THR A OG1 1 
ATOM   12   C CG2 . THR A 1 16  ? 8.502   4.315   -16.616 1.00 36.44  ? 2   THR A CG2 1 
ATOM   13   N N   . PRO A 1 17  ? 10.666  3.827   -13.858 1.00 25.19  ? 3   PRO A N   1 
ATOM   14   C CA  . PRO A 1 17  ? 10.558  3.443   -12.422 1.00 23.97  ? 3   PRO A CA  1 
ATOM   15   C C   . PRO A 1 17  ? 9.157   3.153   -11.975 1.00 22.79  ? 3   PRO A C   1 
ATOM   16   O O   . PRO A 1 17  ? 8.188   3.453   -12.677 1.00 19.43  ? 3   PRO A O   1 
ATOM   17   C CB  . PRO A 1 17  ? 11.092  4.612   -11.590 1.00 16.30  ? 3   PRO A CB  1 
ATOM   18   C CG  . PRO A 1 17  ? 11.132  5.809   -12.537 1.00 32.13  ? 3   PRO A CG  1 
ATOM   19   C CD  . PRO A 1 17  ? 10.919  5.279   -13.979 1.00 30.80  ? 3   PRO A CD  1 
ATOM   20   N N   . TRP A 1 18  ? 9.087   2.539   -10.789 1.00 13.01  ? 4   TRP A N   1 
ATOM   21   C CA  . TRP A 1 18  ? 7.834   2.298   -10.068 1.00 12.74  ? 4   TRP A CA  1 
ATOM   22   C C   . TRP A 1 18  ? 7.836   3.071   -8.772  1.00 9.10   ? 4   TRP A C   1 
ATOM   23   O O   . TRP A 1 18  ? 8.884   3.320   -8.168  1.00 9.80   ? 4   TRP A O   1 
ATOM   24   C CB  . TRP A 1 18  ? 7.606   0.816   -9.684  1.00 11.09  ? 4   TRP A CB  1 
ATOM   25   C CG  . TRP A 1 18  ? 7.182   -0.032  -10.859 1.00 11.67  ? 4   TRP A CG  1 
ATOM   26   C CD1 . TRP A 1 18  ? 7.960   -0.330  -11.982 1.00 11.58  ? 4   TRP A CD1 1 
ATOM   27   C CD2 . TRP A 1 18  ? 5.932   -0.725  -11.021 1.00 10.14  ? 4   TRP A CD2 1 
ATOM   28   N NE1 . TRP A 1 18  ? 7.250   -1.137  -12.822 1.00 14.22  ? 4   TRP A NE1 1 
ATOM   29   C CE2 . TRP A 1 18  ? 5.987   -1.379  -12.274 1.00 13.49  ? 4   TRP A CE2 1 
ATOM   30   C CE3 . TRP A 1 18  ? 4.751   -0.799  -10.267 1.00 12.24  ? 4   TRP A CE3 1 
ATOM   31   C CZ2 . TRP A 1 18  ? 4.950   -2.224  -12.686 1.00 19.64  ? 4   TRP A CZ2 1 
ATOM   32   C CZ3 . TRP A 1 18  ? 3.665   -1.559  -10.779 1.00 13.09  ? 4   TRP A CZ3 1 
ATOM   33   C CH2 . TRP A 1 18  ? 3.779   -2.239  -11.956 1.00 11.66  ? 4   TRP A CH2 1 
ATOM   34   N N   . LEU A 1 19  ? 6.628   3.408   -8.332  1.00 12.01  ? 5   LEU A N   1 
ATOM   35   C CA  . LEU A 1 19  ? 6.485   4.043   -7.043  1.00 11.48  ? 5   LEU A CA  1 
ATOM   36   C C   . LEU A 1 19  ? 5.583   3.114   -6.285  1.00 15.77  ? 5   LEU A C   1 
ATOM   37   O O   . LEU A 1 19  ? 4.474   2.910   -6.696  1.00 13.09  ? 5   LEU A O   1 
ATOM   38   C CB  . LEU A 1 19  ? 5.900   5.459   -7.210  1.00 10.89  ? 5   LEU A CB  1 
ATOM   39   C CG  . LEU A 1 19  ? 5.780   6.304   -5.919  1.00 9.38   ? 5   LEU A CG  1 
ATOM   40   C CD1 . LEU A 1 19  ? 5.230   7.683   -6.388  1.00 12.46  ? 5   LEU A CD1 1 
ATOM   41   C CD2 . LEU A 1 19  ? 4.674   5.683   -5.037  1.00 12.57  ? 5   LEU A CD2 1 
ATOM   42   N N   . ILE A 1 20  ? 6.089   2.507   -5.212  1.00 7.28   ? 6   ILE A N   1 
ATOM   43   C CA  . ILE A 1 20  ? 5.362   1.555   -4.454  1.00 5.16   ? 6   ILE A CA  1 
ATOM   44   C C   . ILE A 1 20  ? 4.978   2.208   -3.161  1.00 9.79   ? 6   ILE A C   1 
ATOM   45   O O   . ILE A 1 20  ? 5.856   2.448   -2.255  1.00 11.32  ? 6   ILE A O   1 
ATOM   46   C CB  . ILE A 1 20  ? 6.262   0.282   -4.236  1.00 8.85   ? 6   ILE A CB  1 
ATOM   47   C CG1 . ILE A 1 20  ? 6.609   -0.400  -5.619  1.00 8.53   ? 6   ILE A CG1 1 
ATOM   48   C CG2 . ILE A 1 20  ? 5.510   -0.725  -3.315  1.00 11.67  ? 6   ILE A CG2 1 
ATOM   49   C CD1 . ILE A 1 20  ? 7.681   -1.420  -5.503  1.00 18.68  ? 6   ILE A CD1 1 
ATOM   50   N N   . ALA A 1 21  ? 3.672   2.491   -3.019  1.00 8.95   ? 7   ALA A N   1 
ATOM   51   C CA  . ALA A 1 21  ? 3.239   3.255   -1.821  1.00 7.32   ? 7   ALA A CA  1 
ATOM   52   C C   . ALA A 1 21  ? 2.303   2.468   -0.941  1.00 16.65  ? 7   ALA A C   1 
ATOM   53   O O   . ALA A 1 21  ? 1.377   1.894   -1.432  1.00 12.26  ? 7   ALA A O   1 
ATOM   54   C CB  . ALA A 1 21  ? 2.526   4.562   -2.290  1.00 11.27  ? 7   ALA A CB  1 
ATOM   55   N N   . GLY A 1 22  ? 2.603   2.420   0.356   1.00 10.29  ? 8   GLY A N   1 
ATOM   56   C CA  . GLY A 1 22  ? 1.756   1.726   1.326   1.00 6.06   ? 8   GLY A CA  1 
ATOM   57   C C   . GLY A 1 22  ? 1.088   2.832   2.175   1.00 10.59  ? 8   GLY A C   1 
ATOM   58   O O   . GLY A 1 22  ? 1.775   3.818   2.592   1.00 12.37  ? 8   GLY A O   1 
ATOM   59   N N   . LEU A 1 23  ? -0.269  2.730   2.329   1.00 10.98  ? 9   LEU A N   1 
ATOM   60   C CA  . LEU A 1 23  ? -1.086  3.694   3.054   1.00 10.58  ? 9   LEU A CA  1 
ATOM   61   C C   . LEU A 1 23  ? -1.122  3.437   4.561   1.00 13.42  ? 9   LEU A C   1 
ATOM   62   O O   . LEU A 1 23  ? -1.095  2.277   5.043   1.00 11.60  ? 9   LEU A O   1 
ATOM   63   C CB  . LEU A 1 23  ? -2.494  3.725   2.488   1.00 7.74   ? 9   LEU A CB  1 
ATOM   64   C CG  . LEU A 1 23  ? -2.446  4.043   0.991   1.00 10.06  ? 9   LEU A CG  1 
ATOM   65   C CD1 . LEU A 1 23  ? -3.849  4.346   0.521   1.00 11.98  ? 9   LEU A CD1 1 
ATOM   66   C CD2 . LEU A 1 23  ? -1.586  5.316   0.750   1.00 12.09  ? 9   LEU A CD2 1 
ATOM   67   N N   . GLY A 1 24  ? -1.280  4.496   5.294   1.00 9.33   ? 10  GLY A N   1 
ATOM   68   C CA  . GLY A 1 24  ? -1.342  4.417   6.797   1.00 7.10   ? 10  GLY A CA  1 
ATOM   69   C C   . GLY A 1 24  ? -1.377  5.794   7.389   1.00 8.83   ? 10  GLY A C   1 
ATOM   70   O O   . GLY A 1 24  ? -1.331  6.819   6.642   1.00 11.76  ? 10  GLY A O   1 
ATOM   71   N N   . ASN A 1 25  ? -1.388  5.833   8.724   1.00 10.34  ? 11  ASN A N   1 
ATOM   72   C CA  . ASN A 1 25  ? -1.279  7.085   9.496   1.00 10.19  ? 11  ASN A CA  1 
ATOM   73   C C   . ASN A 1 25  ? 0.045   7.140   10.171  1.00 7.88   ? 11  ASN A C   1 
ATOM   74   O O   . ASN A 1 25  ? 0.605   6.106   10.561  1.00 13.95  ? 11  ASN A O   1 
ATOM   75   C CB  . ASN A 1 25  ? -2.358  7.130   10.572  1.00 11.18  ? 11  ASN A CB  1 
ATOM   76   C CG  . ASN A 1 25  ? -3.682  7.426   9.936   1.00 13.23  ? 11  ASN A CG  1 
ATOM   77   O OD1 . ASN A 1 25  ? -3.801  8.449   9.276   1.00 13.08  ? 11  ASN A OD1 1 
ATOM   78   N ND2 . ASN A 1 25  ? -4.700  6.552   10.154  1.00 14.82  ? 11  ASN A ND2 1 
ATOM   79   N N   . PRO A 1 26  ? 0.533   8.322   10.416  1.00 9.57   ? 12  PRO A N   1 
ATOM   80   C CA  . PRO A 1 26  ? 1.884   8.465   10.960  1.00 10.82  ? 12  PRO A CA  1 
ATOM   81   C C   . PRO A 1 26  ? 1.943   8.447   12.440  1.00 11.45  ? 12  PRO A C   1 
ATOM   82   O O   . PRO A 1 26  ? 1.052   8.940   13.084  1.00 15.87  ? 12  PRO A O   1 
ATOM   83   C CB  . PRO A 1 26  ? 2.257   9.898   10.581  1.00 14.43  ? 12  PRO A CB  1 
ATOM   84   C CG  . PRO A 1 26  ? 0.920   10.604  10.610  1.00 22.36  ? 12  PRO A CG  1 
ATOM   85   C CD  . PRO A 1 26  ? -0.055  9.583   10.013  1.00 10.64  ? 12  PRO A CD  1 
ATOM   86   N N   . GLY A 1 27  ? 3.006   7.883   12.964  1.00 9.40   ? 13  GLY A N   1 
ATOM   87   C CA  . GLY A 1 27  ? 3.173   7.998   14.366  1.00 14.71  ? 13  GLY A CA  1 
ATOM   88   C C   . GLY A 1 27  ? 3.010   6.703   15.125  1.00 23.88  ? 13  GLY A C   1 
ATOM   89   O O   . GLY A 1 27  ? 2.391   5.748   14.664  1.00 15.40  ? 13  GLY A O   1 
ATOM   90   N N   . ASN A 1 28  ? 3.577   6.700   16.326  1.00 21.81  ? 14  ASN A N   1 
ATOM   91   C CA  . ASN A 1 28  ? 3.578   5.489   17.206  1.00 21.80  ? 14  ASN A CA  1 
ATOM   92   C C   . ASN A 1 28  ? 2.201   4.933   17.511  1.00 26.39  ? 14  ASN A C   1 
ATOM   93   O O   . ASN A 1 28  ? 1.989   3.719   17.627  1.00 24.85  ? 14  ASN A O   1 
ATOM   94   C CB  . ASN A 1 28  ? 4.218   5.867   18.533  1.00 28.10  ? 14  ASN A CB  1 
ATOM   95   C CG  . ASN A 1 28  ? 5.564   6.423   18.260  1.00 42.53  ? 14  ASN A CG  1 
ATOM   96   O OD1 . ASN A 1 28  ? 6.298   5.810   17.486  1.00 24.25  ? 14  ASN A OD1 1 
ATOM   97   N ND2 . ASN A 1 28  ? 5.770   7.682   18.650  1.00 39.73  ? 14  ASN A ND2 1 
ATOM   98   N N   . LYS A 1 29  ? 1.283   5.840   17.712  1.00 19.87  ? 15  LYS A N   1 
ATOM   99   C CA  . LYS A 1 29  ? -0.077  5.480   18.057  1.00 18.92  ? 15  LYS A CA  1 
ATOM   100  C C   . LYS A 1 29  ? -0.757  4.509   17.064  1.00 18.12  ? 15  LYS A C   1 
ATOM   101  O O   . LYS A 1 29  ? -1.710  3.785   17.434  1.00 25.27  ? 15  LYS A O   1 
ATOM   102  C CB  . LYS A 1 29  ? -0.881  6.754   18.242  1.00 19.05  ? 15  LYS A CB  1 
ATOM   103  C CG  . LYS A 1 29  ? -1.668  7.286   17.074  1.00 62.98  ? 15  LYS A CG  1 
ATOM   104  C CD  . LYS A 1 29  ? -2.843  8.192   17.510  1.00 100.00 ? 15  LYS A CD  1 
ATOM   105  C CE  . LYS A 1 29  ? -2.467  9.665   17.703  1.00 100.00 ? 15  LYS A CE  1 
ATOM   106  N NZ  . LYS A 1 29  ? -3.507  10.443  18.409  1.00 49.15  ? 15  LYS A NZ  1 
ATOM   107  N N   . TYR A 1 30  ? -0.263  4.548   15.782  1.00 21.77  ? 16  TYR A N   1 
ATOM   108  C CA  . TYR A 1 30  ? -0.878  3.825   14.659  1.00 17.40  ? 16  TYR A CA  1 
ATOM   109  C C   . TYR A 1 30  ? -0.169  2.592   14.299  1.00 20.44  ? 16  TYR A C   1 
ATOM   110  O O   . TYR A 1 30  ? -0.649  1.778   13.512  1.00 16.46  ? 16  TYR A O   1 
ATOM   111  C CB  . TYR A 1 30  ? -1.053  4.731   13.426  1.00 15.81  ? 16  TYR A CB  1 
ATOM   112  C CG  . TYR A 1 30  ? -1.920  5.925   13.741  1.00 15.72  ? 16  TYR A CG  1 
ATOM   113  C CD1 . TYR A 1 30  ? -3.281  5.732   13.973  1.00 17.06  ? 16  TYR A CD1 1 
ATOM   114  C CD2 . TYR A 1 30  ? -1.394  7.215   13.814  1.00 21.23  ? 16  TYR A CD2 1 
ATOM   115  C CE1 . TYR A 1 30  ? -4.125  6.812   14.174  1.00 17.34  ? 16  TYR A CE1 1 
ATOM   116  C CE2 . TYR A 1 30  ? -2.198  8.318   14.100  1.00 18.09  ? 16  TYR A CE2 1 
ATOM   117  C CZ  . TYR A 1 30  ? -3.563  8.095   14.304  1.00 23.59  ? 16  TYR A CZ  1 
ATOM   118  O OH  . TYR A 1 30  ? -4.405  9.155   14.572  1.00 21.96  ? 16  TYR A OH  1 
ATOM   119  N N   . TYR A 1 31  ? 0.941   2.435   14.903  1.00 22.04  ? 17  TYR A N   1 
ATOM   120  C CA  . TYR A 1 31  ? 1.740   1.325   14.577  1.00 22.19  ? 17  TYR A CA  1 
ATOM   121  C C   . TYR A 1 31  ? 1.001   0.052   14.846  1.00 22.58  ? 17  TYR A C   1 
ATOM   122  O O   . TYR A 1 31  ? 0.456   -0.100  15.894  1.00 19.94  ? 17  TYR A O   1 
ATOM   123  C CB  . TYR A 1 31  ? 3.110   1.401   15.341  1.00 37.07  ? 17  TYR A CB  1 
ATOM   124  C CG  . TYR A 1 31  ? 4.048   0.248   15.008  1.00 47.59  ? 17  TYR A CG  1 
ATOM   125  C CD1 . TYR A 1 31  ? 4.968   0.320   13.954  1.00 39.42  ? 17  TYR A CD1 1 
ATOM   126  C CD2 . TYR A 1 31  ? 3.923   -0.959  15.694  1.00 44.46  ? 17  TYR A CD2 1 
ATOM   127  C CE1 . TYR A 1 31  ? 5.783   -0.770  13.615  1.00 43.41  ? 17  TYR A CE1 1 
ATOM   128  C CE2 . TYR A 1 31  ? 4.711   -2.065  15.358  1.00 38.96  ? 17  TYR A CE2 1 
ATOM   129  C CZ  . TYR A 1 31  ? 5.634   -1.969  14.318  1.00 100.00 ? 17  TYR A CZ  1 
ATOM   130  O OH  . TYR A 1 31  ? 6.408   -3.074  13.976  1.00 100.00 ? 17  TYR A OH  1 
ATOM   131  N N   . GLY A 1 32  ? 0.964   -0.870  13.878  1.00 20.77  ? 18  GLY A N   1 
ATOM   132  C CA  . GLY A 1 32  ? 0.331   -2.146  14.087  1.00 21.58  ? 18  GLY A CA  1 
ATOM   133  C C   . GLY A 1 32  ? -1.175  -2.165  13.889  1.00 14.80  ? 18  GLY A C   1 
ATOM   134  O O   . GLY A 1 32  ? -1.791  -3.223  13.926  1.00 16.65  ? 18  GLY A O   1 
ATOM   135  N N   . THR A 1 33  ? -1.749  -0.974  13.654  1.00 17.32  ? 19  THR A N   1 
ATOM   136  C CA  . THR A 1 33  ? -3.185  -0.859  13.453  1.00 11.11  ? 19  THR A CA  1 
ATOM   137  C C   . THR A 1 33  ? -3.601  -1.346  12.078  1.00 15.21  ? 19  THR A C   1 
ATOM   138  O O   . THR A 1 33  ? -2.802  -1.391  11.143  1.00 10.81  ? 19  THR A O   1 
ATOM   139  C CB  . THR A 1 33  ? -3.686  0.534   13.778  1.00 10.68  ? 19  THR A CB  1 
ATOM   140  O OG1 . THR A 1 33  ? -3.183  1.455   12.855  1.00 14.16  ? 19  THR A OG1 1 
ATOM   141  C CG2 . THR A 1 33  ? -3.265  0.983   15.220  1.00 11.13  ? 19  THR A CG2 1 
ATOM   142  N N   . ARG A 1 34  ? -4.806  -1.795  11.987  1.00 9.77   ? 20  ARG A N   1 
ATOM   143  C CA  . ARG A 1 34  ? -5.293  -2.399  10.713  1.00 12.34  ? 20  ARG A CA  1 
ATOM   144  C C   . ARG A 1 34  ? -5.157  -1.451  9.519   1.00 9.35   ? 20  ARG A C   1 
ATOM   145  O O   . ARG A 1 34  ? -4.756  -1.874  8.397   1.00 11.70  ? 20  ARG A O   1 
ATOM   146  C CB  . ARG A 1 34  ? -6.736  -2.856  10.825  1.00 8.49   ? 20  ARG A CB  1 
ATOM   147  C CG  . ARG A 1 34  ? -6.894  -3.927  11.930  1.00 7.37   ? 20  ARG A CG  1 
ATOM   148  C CD  . ARG A 1 34  ? -8.267  -4.642  11.787  1.00 16.85  ? 20  ARG A CD  1 
ATOM   149  N NE  . ARG A 1 34  ? -8.499  -5.768  12.734  1.00 17.81  ? 20  ARG A NE  1 
ATOM   150  C CZ  . ARG A 1 34  ? -8.885  -5.595  14.023  1.00 19.89  ? 20  ARG A CZ  1 
ATOM   151  N NH1 . ARG A 1 34  ? -9.072  -4.365  14.524  1.00 16.52  ? 20  ARG A NH1 1 
ATOM   152  N NH2 . ARG A 1 34  ? -9.032  -6.696  14.818  1.00 16.39  ? 20  ARG A NH2 1 
ATOM   153  N N   . HIS A 1 35  ? -5.537  -0.209  9.738   1.00 10.27  ? 21  HIS A N   1 
ATOM   154  C CA  . HIS A 1 35  ? -5.443  0.795   8.667   1.00 9.54   ? 21  HIS A CA  1 
ATOM   155  C C   . HIS A 1 35  ? -3.986  1.101   8.264   1.00 9.98   ? 21  HIS A C   1 
ATOM   156  O O   . HIS A 1 35  ? -3.768  1.800   7.278   1.00 16.77  ? 21  HIS A O   1 
ATOM   157  C CB  . HIS A 1 35  ? -6.103  2.100   9.174   1.00 14.48  ? 21  HIS A CB  1 
ATOM   158  C CG  . HIS A 1 35  ? -6.937  2.910   8.178   1.00 11.54  ? 21  HIS A CG  1 
ATOM   159  N ND1 . HIS A 1 35  ? -7.533  2.348   7.102   1.00 12.26  ? 21  HIS A ND1 1 
ATOM   160  C CD2 . HIS A 1 35  ? -7.278  4.215   8.211   1.00 15.45  ? 21  HIS A CD2 1 
ATOM   161  C CE1 . HIS A 1 35  ? -8.203  3.288   6.472   1.00 8.43   ? 21  HIS A CE1 1 
ATOM   162  N NE2 . HIS A 1 35  ? -8.037  4.441   7.113   1.00 15.77  ? 21  HIS A NE2 1 
ATOM   163  N N   . ASN A 1 36  ? -3.001  0.601   8.994   1.00 9.08   ? 22  ASN A N   1 
ATOM   164  C CA  . ASN A 1 36  ? -1.593  0.778   8.631   1.00 8.20   ? 22  ASN A CA  1 
ATOM   165  C C   . ASN A 1 36  ? -0.980  -0.430  7.969   1.00 15.61  ? 22  ASN A C   1 
ATOM   166  O O   . ASN A 1 36  ? 0.207   -0.478  7.774   1.00 10.68  ? 22  ASN A O   1 
ATOM   167  C CB  . ASN A 1 36  ? -0.752  1.064   9.884   1.00 10.61  ? 22  ASN A CB  1 
ATOM   168  C CG  . ASN A 1 36  ? -0.650  2.570   10.115  1.00 17.38  ? 22  ASN A CG  1 
ATOM   169  O OD1 . ASN A 1 36  ? -1.561  3.351   9.824   1.00 11.96  ? 22  ASN A OD1 1 
ATOM   170  N ND2 . ASN A 1 36  ? 0.512   3.030   10.518  1.00 17.27  ? 22  ASN A ND2 1 
ATOM   171  N N   . VAL A 1 37  ? -1.758  -1.489  7.649   1.00 9.21   ? 23  VAL A N   1 
ATOM   172  C CA  . VAL A 1 37  ? -1.137  -2.658  7.103   1.00 8.44   ? 23  VAL A CA  1 
ATOM   173  C C   . VAL A 1 37  ? -0.405  -2.380  5.800   1.00 11.65  ? 23  VAL A C   1 
ATOM   174  O O   . VAL A 1 37  ? 0.498   -3.104  5.474   1.00 10.64  ? 23  VAL A O   1 
ATOM   175  C CB  . VAL A 1 37  ? -2.159  -3.824  7.010   1.00 10.92  ? 23  VAL A CB  1 
ATOM   176  C CG1 . VAL A 1 37  ? -3.235  -3.600  5.940   1.00 13.86  ? 23  VAL A CG1 1 
ATOM   177  C CG2 . VAL A 1 37  ? -1.523  -5.222  6.890   1.00 11.09  ? 23  VAL A CG2 1 
ATOM   178  N N   . GLY A 1 38  ? -0.843  -1.396  5.025   1.00 6.68   ? 24  GLY A N   1 
ATOM   179  C CA  . GLY A 1 38  ? -0.066  -1.061  3.839   1.00 9.13   ? 24  GLY A CA  1 
ATOM   180  C C   . GLY A 1 38  ? 1.352   -0.646  4.170   1.00 8.44   ? 24  GLY A C   1 
ATOM   181  O O   . GLY A 1 38  ? 2.312   -0.906  3.425   1.00 10.01  ? 24  GLY A O   1 
ATOM   182  N N   . PHE A 1 39  ? 1.495   0.051   5.255   1.00 9.74   ? 25  PHE A N   1 
ATOM   183  C CA  . PHE A 1 39  ? 2.838   0.423   5.748   1.00 9.89   ? 25  PHE A CA  1 
ATOM   184  C C   . PHE A 1 39  ? 3.665   -0.864  6.050   1.00 16.56  ? 25  PHE A C   1 
ATOM   185  O O   . PHE A 1 39  ? 4.850   -1.006  5.709   1.00 11.26  ? 25  PHE A O   1 
ATOM   186  C CB  . PHE A 1 39  ? 2.706   1.197   7.082   1.00 7.14   ? 25  PHE A CB  1 
ATOM   187  C CG  . PHE A 1 39  ? 2.550   2.726   6.953   1.00 9.22   ? 25  PHE A CG  1 
ATOM   188  C CD1 . PHE A 1 39  ? 2.249   3.345   5.737   1.00 10.11  ? 25  PHE A CD1 1 
ATOM   189  C CD2 . PHE A 1 39  ? 2.767   3.525   8.079   1.00 9.18   ? 25  PHE A CD2 1 
ATOM   190  C CE1 . PHE A 1 39  ? 2.146   4.740   5.693   1.00 12.56  ? 25  PHE A CE1 1 
ATOM   191  C CE2 . PHE A 1 39  ? 2.676   4.919   8.057   1.00 13.60  ? 25  PHE A CE2 1 
ATOM   192  C CZ  . PHE A 1 39  ? 2.343   5.521   6.847   1.00 13.42  ? 25  PHE A CZ  1 
ATOM   193  N N   . GLU A 1 40  ? 3.013   -1.857  6.705   1.00 13.84  ? 26  GLU A N   1 
ATOM   194  C CA  . GLU A 1 40  ? 3.727   -3.099  7.000   1.00 11.15  ? 26  GLU A CA  1 
ATOM   195  C C   . GLU A 1 40  ? 4.232   -3.755  5.752   1.00 7.99   ? 26  GLU A C   1 
ATOM   196  O O   . GLU A 1 40  ? 5.316   -4.317  5.700   1.00 11.58  ? 26  GLU A O   1 
ATOM   197  C CB  . GLU A 1 40  ? 2.790   -4.094  7.753   1.00 9.78   ? 26  GLU A CB  1 
ATOM   198  C CG  . GLU A 1 40  ? 2.392   -3.570  9.195   1.00 10.74  ? 26  GLU A CG  1 
ATOM   199  C CD  . GLU A 1 40  ? 1.706   -4.677  9.976   1.00 17.85  ? 26  GLU A CD  1 
ATOM   200  O OE1 . GLU A 1 40  ? 0.652   -4.549  10.532  1.00 18.91  ? 26  GLU A OE1 1 
ATOM   201  O OE2 . GLU A 1 40  ? 2.253   -5.836  9.816   1.00 18.58  ? 26  GLU A OE2 1 
ATOM   202  N N   . MET A 1 41  ? 3.382   -3.796  4.709   1.00 8.97   ? 27  MET A N   1 
ATOM   203  C CA  . MET A 1 41  ? 3.780   -4.458  3.448   1.00 9.88   ? 27  MET A CA  1 
ATOM   204  C C   . MET A 1 41  ? 4.964   -3.760  2.814   1.00 7.94   ? 27  MET A C   1 
ATOM   205  O O   . MET A 1 41  ? 5.903   -4.406  2.369   1.00 11.43  ? 27  MET A O   1 
ATOM   206  C CB  . MET A 1 41  ? 2.613   -4.521  2.423   1.00 10.12  ? 27  MET A CB  1 
ATOM   207  C CG  . MET A 1 41  ? 2.934   -5.317  1.160   1.00 9.21   ? 27  MET A CG  1 
ATOM   208  S SD  . MET A 1 41  ? 3.107   -7.081  1.490   1.00 12.01  ? 27  MET A SD  1 
ATOM   209  C CE  . MET A 1 41  ? 1.362   -7.575  1.673   1.00 18.99  ? 27  MET A CE  1 
ATOM   210  N N   . VAL A 1 42  ? 4.870   -2.438  2.678   1.00 8.05   ? 28  VAL A N   1 
ATOM   211  C CA  . VAL A 1 42  ? 6.002   -1.724  2.125   1.00 12.31  ? 28  VAL A CA  1 
ATOM   212  C C   . VAL A 1 42  ? 7.279   -1.870  3.013   1.00 9.88   ? 28  VAL A C   1 
ATOM   213  O O   . VAL A 1 42  ? 8.390   -1.949  2.500   1.00 10.41  ? 28  VAL A O   1 
ATOM   214  C CB  . VAL A 1 42  ? 5.715   -0.275  1.654   1.00 16.95  ? 28  VAL A CB  1 
ATOM   215  C CG1 . VAL A 1 42  ? 4.601   -0.298  0.625   1.00 14.70  ? 28  VAL A CG1 1 
ATOM   216  C CG2 . VAL A 1 42  ? 5.384   0.654   2.786   1.00 10.89  ? 28  VAL A CG2 1 
ATOM   217  N N   . ASP A 1 43  ? 7.127   -1.922  4.302   1.00 9.38   ? 29  ASP A N   1 
ATOM   218  C CA  . ASP A 1 43  ? 8.299   -2.136  5.134   1.00 14.92  ? 29  ASP A CA  1 
ATOM   219  C C   . ASP A 1 43  ? 8.932   -3.433  4.813   1.00 14.71  ? 29  ASP A C   1 
ATOM   220  O O   . ASP A 1 43  ? 10.122  -3.559  4.808   1.00 13.12  ? 29  ASP A O   1 
ATOM   221  C CB  . ASP A 1 43  ? 7.974   -2.148  6.642   1.00 15.54  ? 29  ASP A CB  1 
ATOM   222  C CG  . ASP A 1 43  ? 7.745   -0.732  7.182   1.00 18.14  ? 29  ASP A CG  1 
ATOM   223  O OD1 . ASP A 1 43  ? 8.221   0.264   6.691   1.00 13.27  ? 29  ASP A OD1 1 
ATOM   224  O OD2 . ASP A 1 43  ? 7.005   -0.714  8.271   1.00 23.32  ? 29  ASP A OD2 1 
ATOM   225  N N   . ARG A 1 44  ? 8.114   -4.404  4.564   1.00 13.95  ? 30  ARG A N   1 
ATOM   226  C CA  . ARG A 1 44  ? 8.592   -5.738  4.263   1.00 11.90  ? 30  ARG A CA  1 
ATOM   227  C C   . ARG A 1 44  ? 9.213   -5.777  2.899   1.00 13.27  ? 30  ARG A C   1 
ATOM   228  O O   . ARG A 1 44  ? 10.244  -6.401  2.682   1.00 15.79  ? 30  ARG A O   1 
ATOM   229  C CB  . ARG A 1 44  ? 7.455   -6.751  4.442   1.00 18.28  ? 30  ARG A CB  1 
ATOM   230  C CG  . ARG A 1 44  ? 7.858   -8.154  4.056   1.00 33.86  ? 30  ARG A CG  1 
ATOM   231  C CD  . ARG A 1 44  ? 8.931   -8.795  4.968   1.00 31.24  ? 30  ARG A CD  1 
ATOM   232  N NE  . ARG A 1 44  ? 9.261   -10.141 4.440   1.00 32.77  ? 30  ARG A NE  1 
ATOM   233  C CZ  . ARG A 1 44  ? 10.209  -10.444 3.529   1.00 23.08  ? 30  ARG A CZ  1 
ATOM   234  N NH1 . ARG A 1 44  ? 11.084  -9.564  3.032   1.00 26.90  ? 30  ARG A NH1 1 
ATOM   235  N NH2 . ARG A 1 44  ? 10.300  -11.702 3.126   1.00 28.51  ? 30  ARG A NH2 1 
ATOM   236  N N   . ILE A 1 45  ? 8.627   -5.076  1.934   1.00 10.56  ? 31  ILE A N   1 
ATOM   237  C CA  . ILE A 1 45  ? 9.241   -5.041  0.598   1.00 9.61   ? 31  ILE A CA  1 
ATOM   238  C C   . ILE A 1 45  ? 10.597  -4.340  0.679   1.00 13.73  ? 31  ILE A C   1 
ATOM   239  O O   . ILE A 1 45  ? 11.628  -4.811  0.125   1.00 11.61  ? 31  ILE A O   1 
ATOM   240  C CB  . ILE A 1 45  ? 8.321   -4.343  -0.407  1.00 14.51  ? 31  ILE A CB  1 
ATOM   241  C CG1 . ILE A 1 45  ? 7.097   -5.267  -0.624  1.00 9.35   ? 31  ILE A CG1 1 
ATOM   242  C CG2 . ILE A 1 45  ? 9.032   -4.010  -1.741  1.00 12.74  ? 31  ILE A CG2 1 
ATOM   243  C CD1 . ILE A 1 45  ? 5.935   -4.503  -1.248  1.00 9.36   ? 31  ILE A CD1 1 
ATOM   244  N N   . ALA A 1 46  ? 10.618  -3.254  1.379   1.00 9.63   ? 32  ALA A N   1 
ATOM   245  C CA  . ALA A 1 46  ? 11.848  -2.493  1.513   1.00 11.88  ? 32  ALA A CA  1 
ATOM   246  C C   . ALA A 1 46  ? 12.918  -3.325  2.135   1.00 12.63  ? 32  ALA A C   1 
ATOM   247  O O   . ALA A 1 46  ? 14.068  -3.372  1.691   1.00 14.13  ? 32  ALA A O   1 
ATOM   248  C CB  . ALA A 1 46  ? 11.623  -1.240  2.344   1.00 11.36  ? 32  ALA A CB  1 
ATOM   249  N N   . ALA A 1 47  ? 12.562  -4.027  3.155   1.00 13.43  ? 33  ALA A N   1 
ATOM   250  C CA  . ALA A 1 47  ? 13.528  -4.899  3.742   1.00 17.76  ? 33  ALA A CA  1 
ATOM   251  C C   . ALA A 1 47  ? 14.047  -5.948  2.738   1.00 25.10  ? 33  ALA A C   1 
ATOM   252  O O   . ALA A 1 47  ? 15.226  -6.195  2.649   1.00 21.20  ? 33  ALA A O   1 
ATOM   253  C CB  . ALA A 1 47  ? 13.032  -5.580  5.032   1.00 13.79  ? 33  ALA A CB  1 
ATOM   254  N N   . GLU A 1 48  ? 13.152  -6.637  2.060   1.00 13.79  ? 34  GLU A N   1 
ATOM   255  C CA  . GLU A 1 48  ? 13.541  -7.637  1.143   1.00 12.02  ? 34  GLU A CA  1 
ATOM   256  C C   . GLU A 1 48  ? 14.392  -7.110  0.017   1.00 23.08  ? 34  GLU A C   1 
ATOM   257  O O   . GLU A 1 48  ? 15.204  -7.825  -0.494  1.00 20.30  ? 34  GLU A O   1 
ATOM   258  C CB  . GLU A 1 48  ? 12.306  -8.253  0.565   1.00 20.35  ? 34  GLU A CB  1 
ATOM   259  C CG  . GLU A 1 48  ? 12.575  -9.322  -0.494  1.00 31.39  ? 34  GLU A CG  1 
ATOM   260  C CD  . GLU A 1 48  ? 12.787  -10.655 0.168   1.00 38.47  ? 34  GLU A CD  1 
ATOM   261  O OE1 . GLU A 1 48  ? 12.877  -10.775 1.382   1.00 35.36  ? 34  GLU A OE1 1 
ATOM   262  O OE2 . GLU A 1 48  ? 12.860  -11.645 -0.691  1.00 23.55  ? 34  GLU A OE2 1 
ATOM   263  N N   . GLU A 1 49  ? 14.244  -5.875  -0.418  1.00 14.42  ? 35  GLU A N   1 
ATOM   264  C CA  . GLU A 1 49  ? 15.042  -5.446  -1.532  1.00 13.77  ? 35  GLU A CA  1 
ATOM   265  C C   . GLU A 1 49  ? 16.239  -4.575  -1.144  1.00 18.02  ? 35  GLU A C   1 
ATOM   266  O O   . GLU A 1 49  ? 16.843  -3.892  -1.994  1.00 21.73  ? 35  GLU A O   1 
ATOM   267  C CB  . GLU A 1 49  ? 14.209  -4.656  -2.590  1.00 21.34  ? 35  GLU A CB  1 
ATOM   268  C CG  . GLU A 1 49  ? 12.885  -5.309  -3.059  1.00 25.41  ? 35  GLU A CG  1 
ATOM   269  C CD  . GLU A 1 49  ? 13.104  -6.612  -3.815  1.00 42.93  ? 35  GLU A CD  1 
ATOM   270  O OE1 . GLU A 1 49  ? 12.324  -7.542  -3.801  1.00 30.33  ? 35  GLU A OE1 1 
ATOM   271  O OE2 . GLU A 1 49  ? 14.293  -6.689  -4.343  1.00 23.76  ? 35  GLU A OE2 1 
ATOM   272  N N   . GLY A 1 50  ? 16.541  -4.522  0.160   1.00 18.51  ? 36  GLY A N   1 
ATOM   273  C CA  . GLY A 1 50  ? 17.686  -3.780  0.675   1.00 16.22  ? 36  GLY A CA  1 
ATOM   274  C C   . GLY A 1 50  ? 17.547  -2.321  0.503   1.00 21.19  ? 36  GLY A C   1 
ATOM   275  O O   . GLY A 1 50  ? 18.528  -1.608  0.167   1.00 23.43  ? 36  GLY A O   1 
ATOM   276  N N   . ILE A 1 51  ? 16.321  -1.838  0.817   1.00 19.02  ? 37  ILE A N   1 
ATOM   277  C CA  . ILE A 1 51  ? 16.093  -0.405  0.687   1.00 19.78  ? 37  ILE A CA  1 
ATOM   278  C C   . ILE A 1 51  ? 15.880  0.221   2.050   1.00 25.58  ? 37  ILE A C   1 
ATOM   279  O O   . ILE A 1 51  ? 15.135  -0.274  2.876   1.00 17.80  ? 37  ILE A O   1 
ATOM   280  C CB  . ILE A 1 51  ? 14.937  -0.033  -0.287  1.00 11.39  ? 37  ILE A CB  1 
ATOM   281  C CG1 . ILE A 1 51  ? 15.178  -0.547  -1.684  1.00 11.89  ? 37  ILE A CG1 1 
ATOM   282  C CG2 . ILE A 1 51  ? 14.788  1.464   -0.344  1.00 16.64  ? 37  ILE A CG2 1 
ATOM   283  C CD1 . ILE A 1 51  ? 13.860  -0.593  -2.510  1.00 15.36  ? 37  ILE A CD1 1 
ATOM   284  N N   . THR A 1 52  ? 16.557  1.325   2.323   1.00 17.04  ? 38  THR A N   1 
ATOM   285  C CA  . THR A 1 52  ? 16.350  1.950   3.612   1.00 20.80  ? 38  THR A CA  1 
ATOM   286  C C   . THR A 1 52  ? 15.403  3.189   3.436   1.00 16.85  ? 38  THR A C   1 
ATOM   287  O O   . THR A 1 52  ? 15.608  4.029   2.500   1.00 17.38  ? 38  THR A O   1 
ATOM   288  C CB  . THR A 1 52  ? 17.726  2.201   4.322   1.00 55.58  ? 38  THR A CB  1 
ATOM   289  O OG1 . THR A 1 52  ? 18.795  1.797   3.448   1.00 62.21  ? 38  THR A OG1 1 
ATOM   290  C CG2 . THR A 1 52  ? 17.824  1.337   5.596   1.00 39.15  ? 38  THR A CG2 1 
ATOM   291  N N   . MET A 1 53  ? 14.280  3.223   4.202   1.00 14.02  ? 39  MET A N   1 
ATOM   292  C CA  . MET A 1 53  ? 13.305  4.274   3.985   1.00 17.67  ? 39  MET A CA  1 
ATOM   293  C C   . MET A 1 53  ? 13.627  5.562   4.808   1.00 28.81  ? 39  MET A C   1 
ATOM   294  O O   . MET A 1 53  ? 12.884  5.982   5.682   1.00 24.91  ? 39  MET A O   1 
ATOM   295  C CB  . MET A 1 53  ? 11.858  3.754   4.017   1.00 26.34  ? 39  MET A CB  1 
ATOM   296  C CG  . MET A 1 53  ? 11.396  2.993   2.703   1.00 8.39   ? 39  MET A CG  1 
ATOM   297  S SD  . MET A 1 53  ? 9.622   2.915   2.810   1.00 34.54  ? 39  MET A SD  1 
ATOM   298  C CE  . MET A 1 53  ? 9.471   1.389   3.729   1.00 40.74  ? 39  MET A CE  1 
ATOM   299  N N   . ASN A 1 54  ? 14.752  6.217   4.494   1.00 13.12  ? 40  ASN A N   1 
ATOM   300  C CA  . ASN A 1 54  ? 15.146  7.358   5.259   1.00 21.60  ? 40  ASN A CA  1 
ATOM   301  C C   . ASN A 1 54  ? 15.234  8.698   4.510   1.00 22.01  ? 40  ASN A C   1 
ATOM   302  O O   . ASN A 1 54  ? 15.896  9.632   4.975   1.00 19.30  ? 40  ASN A O   1 
ATOM   303  C CB  . ASN A 1 54  ? 16.424  7.030   6.023   1.00 19.46  ? 40  ASN A CB  1 
ATOM   304  C CG  . ASN A 1 54  ? 17.633  6.890   5.095   1.00 33.86  ? 40  ASN A CG  1 
ATOM   305  O OD1 . ASN A 1 54  ? 17.519  6.799   3.812   1.00 36.52  ? 40  ASN A OD1 1 
ATOM   306  N ND2 . ASN A 1 54  ? 18.819  6.985   5.723   1.00 42.94  ? 40  ASN A ND2 1 
ATOM   307  N N   . THR A 1 55  ? 14.495  8.823   3.426   1.00 12.77  ? 41  THR A N   1 
ATOM   308  C CA  . THR A 1 55  ? 14.460  10.091  2.754   1.00 9.29   ? 41  THR A CA  1 
ATOM   309  C C   . THR A 1 55  ? 13.179  10.736  3.109   1.00 15.53  ? 41  THR A C   1 
ATOM   310  O O   . THR A 1 55  ? 12.127  10.083  3.077   1.00 15.69  ? 41  THR A O   1 
ATOM   311  C CB  . THR A 1 55  ? 14.542  9.904   1.253   1.00 15.27  ? 41  THR A CB  1 
ATOM   312  O OG1 . THR A 1 55  ? 15.817  9.373   1.006   1.00 17.07  ? 41  THR A OG1 1 
ATOM   313  C CG2 . THR A 1 55  ? 14.426  11.257  0.587   1.00 12.97  ? 41  THR A CG2 1 
ATOM   314  N N   . ILE A 1 56  ? 13.261  12.015  3.518   1.00 9.76   ? 42  ILE A N   1 
ATOM   315  C CA  . ILE A 1 56  ? 12.088  12.804  3.826   1.00 9.06   ? 42  ILE A CA  1 
ATOM   316  C C   . ILE A 1 56  ? 11.788  13.703  2.647   1.00 16.41  ? 42  ILE A C   1 
ATOM   317  O O   . ILE A 1 56  ? 12.627  14.513  2.289   1.00 12.00  ? 42  ILE A O   1 
ATOM   318  C CB  . ILE A 1 56  ? 12.288  13.635  5.102   1.00 11.54  ? 42  ILE A CB  1 
ATOM   319  C CG1 . ILE A 1 56  ? 12.182  12.630  6.312   1.00 11.83  ? 42  ILE A CG1 1 
ATOM   320  C CG2 . ILE A 1 56  ? 11.165  14.716  5.142   1.00 9.38   ? 42  ILE A CG2 1 
ATOM   321  C CD1 . ILE A 1 56  ? 12.457  13.227  7.698   1.00 13.33  ? 42  ILE A CD1 1 
ATOM   322  N N   . GLN A 1 57  ? 10.600  13.577  2.018   1.00 13.51  ? 43  GLN A N   1 
ATOM   323  C CA  . GLN A 1 57  ? 10.277  14.373  0.853   1.00 11.51  ? 43  GLN A CA  1 
ATOM   324  C C   . GLN A 1 57  ? 8.803   14.311  0.602   1.00 12.26  ? 43  GLN A C   1 
ATOM   325  O O   . GLN A 1 57  ? 8.189   13.257  0.831   1.00 11.79  ? 43  GLN A O   1 
ATOM   326  C CB  . GLN A 1 57  ? 11.022  13.754  -0.361  1.00 12.25  ? 43  GLN A CB  1 
ATOM   327  C CG  . GLN A 1 57  ? 10.917  14.544  -1.718  1.00 13.78  ? 43  GLN A CG  1 
ATOM   328  C CD  . GLN A 1 57  ? 11.482  13.810  -2.926  1.00 16.89  ? 43  GLN A CD  1 
ATOM   329  O OE1 . GLN A 1 57  ? 12.034  12.720  -2.834  1.00 17.79  ? 43  GLN A OE1 1 
ATOM   330  N NE2 . GLN A 1 57  ? 11.388  14.447  -4.075  1.00 19.22  ? 43  GLN A NE2 1 
ATOM   331  N N   . SER A 1 58  ? 8.224   15.419  0.165   1.00 10.60  ? 44  SER A N   1 
ATOM   332  C CA  . SER A 1 58  ? 6.785   15.435  -0.212  1.00 13.75  ? 44  SER A CA  1 
ATOM   333  C C   . SER A 1 58  ? 5.839   14.746  0.811   1.00 14.84  ? 44  SER A C   1 
ATOM   334  O O   . SER A 1 58  ? 5.053   13.841  0.467   1.00 13.40  ? 44  SER A O   1 
ATOM   335  C CB  A SER A 1 58  ? 6.597   14.723  -1.571  0.50 10.82  ? 44  SER A CB  1 
ATOM   336  C CB  B SER A 1 58  ? 6.579   14.981  -1.658  0.50 28.84  ? 44  SER A CB  1 
ATOM   337  O OG  A SER A 1 58  ? 5.260   14.943  -2.038  0.50 12.82  ? 44  SER A OG  1 
ATOM   338  O OG  B SER A 1 58  ? 7.275   15.854  -2.542  0.50 12.55  ? 44  SER A OG  1 
ATOM   339  N N   . LYS A 1 59  ? 5.958   15.155  2.072   1.00 14.68  ? 45  LYS A N   1 
ATOM   340  C CA  . LYS A 1 59  ? 5.122   14.644  3.188   1.00 11.92  ? 45  LYS A CA  1 
ATOM   341  C C   . LYS A 1 59  ? 5.257   13.181  3.375   1.00 12.42  ? 45  LYS A C   1 
ATOM   342  O O   . LYS A 1 59  ? 4.346   12.588  3.930   1.00 13.66  ? 45  LYS A O   1 
ATOM   343  C CB  . LYS A 1 59  ? 3.654   14.872  2.829   1.00 12.54  ? 45  LYS A CB  1 
ATOM   344  C CG  . LYS A 1 59  ? 3.277   16.339  2.559   1.00 21.72  ? 45  LYS A CG  1 
ATOM   345  C CD  . LYS A 1 59  ? 1.772   16.515  2.292   1.00 18.87  ? 45  LYS A CD  1 
ATOM   346  C CE  . LYS A 1 59  ? 1.273   17.907  2.628   1.00 29.67  ? 45  LYS A CE  1 
ATOM   347  N NZ  . LYS A 1 59  ? 1.978   18.899  1.804   1.00 38.41  ? 45  LYS A NZ  1 
ATOM   348  N N   . SER A 1 60  ? 6.413   12.586  3.010   1.00 8.45   ? 46  SER A N   1 
ATOM   349  C CA  . SER A 1 60  ? 6.558   11.146  3.131   1.00 7.64   ? 46  SER A CA  1 
ATOM   350  C C   . SER A 1 60  ? 7.908   10.759  3.659   1.00 8.25   ? 46  SER A C   1 
ATOM   351  O O   . SER A 1 60  ? 8.834   11.546  3.645   1.00 10.87  ? 46  SER A O   1 
ATOM   352  C CB  . SER A 1 60  ? 6.510   10.539  1.704   1.00 11.70  ? 46  SER A CB  1 
ATOM   353  O OG  . SER A 1 60  ? 5.239   10.867  1.095   1.00 13.67  ? 46  SER A OG  1 
ATOM   354  N N   . LEU A 1 61  ? 7.994   9.522   3.998   1.00 8.67   ? 47  LEU A N   1 
ATOM   355  C CA  . LEU A 1 61  ? 9.236   8.795   4.214   1.00 8.60   ? 47  LEU A CA  1 
ATOM   356  C C   . LEU A 1 61  ? 9.373   7.950   2.954   1.00 14.89  ? 47  LEU A C   1 
ATOM   357  O O   . LEU A 1 61  ? 8.392   7.338   2.500   1.00 13.75  ? 47  LEU A O   1 
ATOM   358  C CB  . LEU A 1 61  ? 9.165   7.803   5.406   1.00 11.13  ? 47  LEU A CB  1 
ATOM   359  C CG  . LEU A 1 61  ? 9.562   8.428   6.689   1.00 25.89  ? 47  LEU A CG  1 
ATOM   360  C CD1 . LEU A 1 61  ? 9.319   7.397   7.807   1.00 22.04  ? 47  LEU A CD1 1 
ATOM   361  C CD2 . LEU A 1 61  ? 11.046  8.830   6.565   1.00 24.60  ? 47  LEU A CD2 1 
ATOM   362  N N   . LEU A 1 62  ? 10.571  7.913   2.347   1.00 8.59   ? 48  LEU A N   1 
ATOM   363  C CA  . LEU A 1 62  ? 10.694  7.044   1.211   1.00 9.36   ? 48  LEU A CA  1 
ATOM   364  C C   . LEU A 1 62  ? 12.086  6.521   1.144   1.00 16.42  ? 48  LEU A C   1 
ATOM   365  O O   . LEU A 1 62  ? 12.992  7.065   1.803   1.00 11.53  ? 48  LEU A O   1 
ATOM   366  C CB  . LEU A 1 62  ? 10.272  7.697   -0.122  1.00 9.05   ? 48  LEU A CB  1 
ATOM   367  C CG  . LEU A 1 62  ? 11.100  8.906   -0.531  1.00 13.16  ? 48  LEU A CG  1 
ATOM   368  C CD1 . LEU A 1 62  ? 12.284  8.514   -1.467  1.00 14.46  ? 48  LEU A CD1 1 
ATOM   369  C CD2 . LEU A 1 62  ? 10.251  9.952   -1.256  1.00 13.01  ? 48  LEU A CD2 1 
ATOM   370  N N   . GLY A 1 63  ? 12.266  5.537   0.273   1.00 16.39  ? 49  GLY A N   1 
ATOM   371  C CA  . GLY A 1 63  ? 13.600  4.945   -0.039  1.00 11.60  ? 49  GLY A CA  1 
ATOM   372  C C   . GLY A 1 63  ? 13.677  4.665   -1.526  1.00 12.15  ? 49  GLY A C   1 
ATOM   373  O O   . GLY A 1 63  ? 12.676  4.318   -2.172  1.00 13.98  ? 49  GLY A O   1 
ATOM   374  N N   . ILE A 1 64  ? 14.866  4.740   -2.031  1.00 10.81  ? 50  ILE A N   1 
ATOM   375  C CA  . ILE A 1 64  ? 15.071  4.522   -3.434  1.00 14.67  ? 50  ILE A CA  1 
ATOM   376  C C   . ILE A 1 64  ? 15.967  3.312   -3.647  1.00 23.08  ? 50  ILE A C   1 
ATOM   377  O O   . ILE A 1 64  ? 16.987  3.114   -2.950  1.00 17.00  ? 50  ILE A O   1 
ATOM   378  C CB  . ILE A 1 64  ? 15.738  5.762   -3.929  1.00 29.93  ? 50  ILE A CB  1 
ATOM   379  C CG1 . ILE A 1 64  ? 14.724  6.940   -4.047  1.00 31.71  ? 50  ILE A CG1 1 
ATOM   380  C CG2 . ILE A 1 64  ? 16.441  5.488   -5.238  1.00 26.82  ? 50  ILE A CG2 1 
ATOM   381  C CD1 . ILE A 1 64  ? 15.381  8.337   -4.049  1.00 37.35  ? 50  ILE A CD1 1 
ATOM   382  N N   . GLY A 1 65  ? 15.573  2.441   -4.548  1.00 11.97  ? 51  GLY A N   1 
ATOM   383  C CA  . GLY A 1 65  ? 16.367  1.283   -4.806  1.00 10.83  ? 51  GLY A CA  1 
ATOM   384  C C   . GLY A 1 65  ? 15.890  0.615   -6.106  1.00 14.26  ? 51  GLY A C   1 
ATOM   385  O O   . GLY A 1 65  ? 15.491  1.253   -7.053  1.00 15.38  ? 51  GLY A O   1 
ATOM   386  N N   . SER A 1 66  ? 16.019  -0.644  -6.159  1.00 13.59  ? 52  SER A N   1 
ATOM   387  C CA  . SER A 1 66  ? 15.532  -1.388  -7.323  1.00 22.91  ? 52  SER A CA  1 
ATOM   388  C C   . SER A 1 66  ? 15.035  -2.786  -6.947  1.00 20.18  ? 52  SER A C   1 
ATOM   389  O O   . SER A 1 66  ? 15.328  -3.337  -5.864  1.00 15.45  ? 52  SER A O   1 
ATOM   390  C CB  . SER A 1 66  ? 16.554  -1.460  -8.433  1.00 21.35  ? 52  SER A CB  1 
ATOM   391  O OG  . SER A 1 66  ? 17.709  -1.969  -7.869  1.00 23.14  ? 52  SER A OG  1 
ATOM   392  N N   . ILE A 1 67  ? 14.222  -3.301  -7.860  1.00 13.81  ? 53  ILE A N   1 
ATOM   393  C CA  . ILE A 1 67  ? 13.701  -4.683  -7.817  1.00 18.12  ? 53  ILE A CA  1 
ATOM   394  C C   . ILE A 1 67  ? 14.243  -5.294  -9.109  1.00 19.36  ? 53  ILE A C   1 
ATOM   395  O O   . ILE A 1 67  ? 13.917  -4.773  -10.230 1.00 18.75  ? 53  ILE A O   1 
ATOM   396  C CB  . ILE A 1 67  ? 12.158  -4.770  -7.772  1.00 19.71  ? 53  ILE A CB  1 
ATOM   397  C CG1 . ILE A 1 67  ? 11.646  -4.205  -6.430  1.00 20.60  ? 53  ILE A CG1 1 
ATOM   398  C CG2 . ILE A 1 67  ? 11.674  -6.242  -7.983  1.00 22.40  ? 53  ILE A CG2 1 
ATOM   399  C CD1 . ILE A 1 67  ? 10.160  -4.504  -6.218  1.00 15.73  ? 53  ILE A CD1 1 
ATOM   400  N N   . GLY A 1 68  ? 15.212  -6.253  -9.010  1.00 16.78  ? 54  GLY A N   1 
ATOM   401  C CA  . GLY A 1 68  ? 15.783  -6.679  -10.252 1.00 15.69  ? 54  GLY A CA  1 
ATOM   402  C C   . GLY A 1 68  ? 16.468  -5.443  -10.847 1.00 19.05  ? 54  GLY A C   1 
ATOM   403  O O   . GLY A 1 68  ? 17.142  -4.699  -10.114 1.00 23.04  ? 54  GLY A O   1 
ATOM   404  N N   . GLU A 1 69  ? 16.311  -5.210  -12.145 1.00 21.38  ? 55  GLU A N   1 
ATOM   405  C CA  . GLU A 1 69  ? 16.878  -4.073  -12.864 1.00 21.81  ? 55  GLU A CA  1 
ATOM   406  C C   . GLU A 1 69  ? 15.944  -2.893  -12.884 1.00 16.95  ? 55  GLU A C   1 
ATOM   407  O O   . GLU A 1 69  ? 16.226  -1.892  -13.518 1.00 24.22  ? 55  GLU A O   1 
ATOM   408  C CB  . GLU A 1 69  ? 17.254  -4.447  -14.340 1.00 30.01  ? 55  GLU A CB  1 
ATOM   409  C CG  . GLU A 1 69  ? 18.272  -5.632  -14.389 1.00 71.52  ? 55  GLU A CG  1 
ATOM   410  C CD  . GLU A 1 69  ? 18.358  -6.372  -15.727 1.00 100.00 ? 55  GLU A CD  1 
ATOM   411  O OE1 . GLU A 1 69  ? 17.907  -5.933  -16.788 1.00 56.47  ? 55  GLU A OE1 1 
ATOM   412  O OE2 . GLU A 1 69  ? 19.051  -7.509  -15.646 1.00 100.00 ? 55  GLU A OE2 1 
ATOM   413  N N   . VAL A 1 70  ? 14.802  -3.021  -12.195 1.00 13.91  ? 56  VAL A N   1 
ATOM   414  C CA  . VAL A 1 70  ? 13.837  -1.925  -12.241 1.00 16.51  ? 56  VAL A CA  1 
ATOM   415  C C   . VAL A 1 70  ? 14.040  -0.991  -11.051 1.00 11.28  ? 56  VAL A C   1 
ATOM   416  O O   . VAL A 1 70  ? 13.983  -1.399  -9.907  1.00 14.44  ? 56  VAL A O   1 
ATOM   417  C CB  . VAL A 1 70  ? 12.342  -2.473  -12.188 1.00 10.79  ? 56  VAL A CB  1 
ATOM   418  C CG1 . VAL A 1 70  ? 11.298  -1.369  -12.441 1.00 11.80  ? 56  VAL A CG1 1 
ATOM   419  C CG2 . VAL A 1 70  ? 12.183  -3.603  -13.203 1.00 15.59  ? 56  VAL A CG2 1 
ATOM   420  N N   . PRO A 1 71  ? 14.211  0.233   -11.339 1.00 14.63  ? 57  PRO A N   1 
ATOM   421  C CA  . PRO A 1 71  ? 14.337  1.258   -10.265 1.00 14.06  ? 57  PRO A CA  1 
ATOM   422  C C   . PRO A 1 71  ? 12.950  1.457   -9.628  1.00 14.39  ? 57  PRO A C   1 
ATOM   423  O O   . PRO A 1 71  ? 11.915  1.563   -10.319 1.00 14.62  ? 57  PRO A O   1 
ATOM   424  C CB  . PRO A 1 71  ? 14.734  2.534   -10.991 1.00 15.98  ? 57  PRO A CB  1 
ATOM   425  C CG  . PRO A 1 71  ? 14.983  2.164   -12.446 1.00 23.50  ? 57  PRO A CG  1 
ATOM   426  C CD  . PRO A 1 71  ? 14.444  0.767   -12.716 1.00 16.99  ? 57  PRO A CD  1 
ATOM   427  N N   . VAL A 1 72  ? 12.923  1.573   -8.321  1.00 14.10  ? 58  VAL A N   1 
ATOM   428  C CA  . VAL A 1 72  ? 11.646  1.825   -7.680  1.00 11.48  ? 58  VAL A CA  1 
ATOM   429  C C   . VAL A 1 72  ? 11.855  2.813   -6.541  1.00 15.36  ? 58  VAL A C   1 
ATOM   430  O O   . VAL A 1 72  ? 12.974  2.962   -5.972  1.00 12.98  ? 58  VAL A O   1 
ATOM   431  C CB  . VAL A 1 72  ? 11.101  0.499   -7.038  1.00 12.91  ? 58  VAL A CB  1 
ATOM   432  C CG1 . VAL A 1 72  ? 11.007  -0.657  -8.031  1.00 11.07  ? 58  VAL A CG1 1 
ATOM   433  C CG2 . VAL A 1 72  ? 11.920  0.012   -5.815  1.00 10.62  ? 58  VAL A CG2 1 
ATOM   434  N N   . LEU A 1 73  ? 10.757  3.420   -6.139  1.00 12.15  ? 59  LEU A N   1 
ATOM   435  C CA  . LEU A 1 73  ? 10.784  4.130   -4.868  1.00 12.10  ? 59  LEU A CA  1 
ATOM   436  C C   . LEU A 1 73  ? 9.746   3.500   -3.972  1.00 11.73  ? 59  LEU A C   1 
ATOM   437  O O   . LEU A 1 73  ? 8.750   3.025   -4.470  1.00 17.04  ? 59  LEU A O   1 
ATOM   438  C CB  . LEU A 1 73  ? 10.716  5.640   -4.951  1.00 18.72  ? 59  LEU A CB  1 
ATOM   439  C CG  . LEU A 1 73  ? 9.571   6.239   -5.687  1.00 27.24  ? 59  LEU A CG  1 
ATOM   440  C CD1 . LEU A 1 73  ? 9.310   7.595   -5.045  1.00 41.28  ? 59  LEU A CD1 1 
ATOM   441  C CD2 . LEU A 1 73  ? 9.945   6.518   -7.138  1.00 26.04  ? 59  LEU A CD2 1 
ATOM   442  N N   . VAL A 1 74  ? 10.052  3.329   -2.709  1.00 10.04  ? 60  VAL A N   1 
ATOM   443  C CA  . VAL A 1 74  ? 9.110   2.759   -1.753  1.00 9.91   ? 60  VAL A CA  1 
ATOM   444  C C   . VAL A 1 74  ? 8.708   3.856   -0.834  1.00 15.05  ? 60  VAL A C   1 
ATOM   445  O O   . VAL A 1 74  ? 9.545   4.507   -0.346  1.00 11.72  ? 60  VAL A O   1 
ATOM   446  C CB  . VAL A 1 74  ? 9.617   1.495   -1.007  1.00 10.44  ? 60  VAL A CB  1 
ATOM   447  C CG1 A VAL A 1 74  ? 9.797   0.327   -1.971  0.50 16.23  ? 60  VAL A CG1 1 
ATOM   448  C CG1 B VAL A 1 74  ? 8.688   1.095   0.127   0.50 6.90   ? 60  VAL A CG1 1 
ATOM   449  C CG2 A VAL A 1 74  ? 10.878  1.774   -0.281  0.50 8.56   ? 60  VAL A CG2 1 
ATOM   450  C CG2 B VAL A 1 74  ? 9.757   0.341   -1.992  0.50 15.48  ? 60  VAL A CG2 1 
ATOM   451  N N   . VAL A 1 75  ? 7.415   4.085   -0.635  1.00 7.36   ? 61  VAL A N   1 
ATOM   452  C CA  . VAL A 1 75  ? 6.960   5.287   0.052   1.00 8.52   ? 61  VAL A CA  1 
ATOM   453  C C   . VAL A 1 75  ? 5.886   5.023   1.120   1.00 9.95   ? 61  VAL A C   1 
ATOM   454  O O   . VAL A 1 75  ? 4.998   4.228   0.885   1.00 9.77   ? 61  VAL A O   1 
ATOM   455  C CB  . VAL A 1 75  ? 6.251   6.128   -1.034  1.00 9.33   ? 61  VAL A CB  1 
ATOM   456  C CG1 . VAL A 1 75  ? 5.613   7.399   -0.476  1.00 11.75  ? 61  VAL A CG1 1 
ATOM   457  C CG2 . VAL A 1 75  ? 7.128   6.439   -2.210  1.00 9.76   ? 61  VAL A CG2 1 
ATOM   458  N N   . LYS A 1 76  ? 5.994   5.723   2.247   1.00 8.31   ? 62  LYS A N   1 
ATOM   459  C CA  . LYS A 1 76  ? 5.014   5.740   3.344   1.00 6.43   ? 62  LYS A CA  1 
ATOM   460  C C   . LYS A 1 76  ? 4.687   7.203   3.563   1.00 11.20  ? 62  LYS A C   1 
ATOM   461  O O   . LYS A 1 76  ? 5.490   7.973   4.154   1.00 10.21  ? 62  LYS A O   1 
ATOM   462  C CB  . LYS A 1 76  ? 5.565   5.159   4.654   1.00 6.79   ? 62  LYS A CB  1 
ATOM   463  C CG  . LYS A 1 76  ? 5.844   3.632   4.482   1.00 12.27  ? 62  LYS A CG  1 
ATOM   464  C CD  . LYS A 1 76  ? 6.013   2.897   5.829   1.00 10.92  ? 62  LYS A CD  1 
ATOM   465  C CE  . LYS A 1 76  ? 7.298   3.306   6.512   1.00 15.25  ? 62  LYS A CE  1 
ATOM   466  N NZ  . LYS A 1 76  ? 7.585   2.592   7.790   1.00 18.49  ? 62  LYS A NZ  1 
ATOM   467  N N   . PRO A 1 77  ? 3.558   7.651   3.056   1.00 10.74  ? 63  PRO A N   1 
ATOM   468  C CA  . PRO A 1 77  ? 3.174   9.024   3.284   1.00 7.62   ? 63  PRO A CA  1 
ATOM   469  C C   . PRO A 1 77  ? 2.955   9.234   4.781   1.00 7.90   ? 63  PRO A C   1 
ATOM   470  O O   . PRO A 1 77  ? 2.458   8.356   5.519   1.00 11.06  ? 63  PRO A O   1 
ATOM   471  C CB  . PRO A 1 77  ? 1.807   9.187   2.586   1.00 11.27  ? 63  PRO A CB  1 
ATOM   472  C CG  . PRO A 1 77  ? 1.751   8.037   1.573   1.00 11.91  ? 63  PRO A CG  1 
ATOM   473  C CD  . PRO A 1 77  ? 2.598   6.950   2.220   1.00 11.20  ? 63  PRO A CD  1 
ATOM   474  N N   . GLN A 1 78  ? 3.418   10.373  5.236   1.00 11.68  ? 64  GLN A N   1 
ATOM   475  C CA  . GLN A 1 78  ? 3.275   10.768  6.613   1.00 12.92  ? 64  GLN A CA  1 
ATOM   476  C C   . GLN A 1 78  ? 2.333   11.983  6.712   1.00 19.62  ? 64  GLN A C   1 
ATOM   477  O O   . GLN A 1 78  ? 2.589   12.910  7.462   1.00 20.26  ? 64  GLN A O   1 
ATOM   478  C CB  . GLN A 1 78  ? 4.647   11.141  7.226   1.00 13.39  ? 64  GLN A CB  1 
ATOM   479  C CG  . GLN A 1 78  ? 5.677   10.015  6.972   1.00 12.81  ? 64  GLN A CG  1 
ATOM   480  C CD  . GLN A 1 78  ? 5.356   8.740   7.715   1.00 13.71  ? 64  GLN A CD  1 
ATOM   481  O OE1 . GLN A 1 78  ? 5.428   7.617   7.128   1.00 14.42  ? 64  GLN A OE1 1 
ATOM   482  N NE2 . GLN A 1 78  ? 5.070   8.891   9.009   1.00 9.05   ? 64  GLN A NE2 1 
ATOM   483  N N   . SER A 1 79  ? 1.272   11.942  5.936   1.00 10.92  ? 65  SER A N   1 
ATOM   484  C CA  . SER A 1 79  ? 0.343   13.058  5.824   1.00 15.70  ? 65  SER A CA  1 
ATOM   485  C C   . SER A 1 79  ? -0.980  12.854  6.581   1.00 14.92  ? 65  SER A C   1 
ATOM   486  O O   . SER A 1 79  ? -1.839  13.716  6.629   1.00 14.31  ? 65  SER A O   1 
ATOM   487  C CB  . SER A 1 79  ? 0.011   13.041  4.344   1.00 15.70  ? 65  SER A CB  1 
ATOM   488  O OG  . SER A 1 79  ? -0.404  11.713  3.962   1.00 15.43  ? 65  SER A OG  1 
ATOM   489  N N   . TYR A 1 80  ? -1.137  11.668  7.126   1.00 11.23  ? 66  TYR A N   1 
ATOM   490  C CA  . TYR A 1 80  ? -2.401  11.088  7.601   1.00 15.75  ? 66  TYR A CA  1 
ATOM   491  C C   . TYR A 1 80  ? -3.084  10.486  6.408   1.00 13.76  ? 66  TYR A C   1 
ATOM   492  O O   . TYR A 1 80  ? -2.925  10.989  5.256   1.00 10.78  ? 66  TYR A O   1 
ATOM   493  C CB  . TYR A 1 80  ? -3.364  12.056  8.322   1.00 16.89  ? 66  TYR A CB  1 
ATOM   494  C CG  . TYR A 1 80  ? -2.806  12.403  9.679   1.00 15.28  ? 66  TYR A CG  1 
ATOM   495  C CD1 . TYR A 1 80  ? -2.071  13.568  9.851   1.00 22.60  ? 66  TYR A CD1 1 
ATOM   496  C CD2 . TYR A 1 80  ? -3.013  11.571  10.778  1.00 14.28  ? 66  TYR A CD2 1 
ATOM   497  C CE1 . TYR A 1 80  ? -1.613  13.916  11.129  1.00 16.09  ? 66  TYR A CE1 1 
ATOM   498  C CE2 . TYR A 1 80  ? -2.505  11.863  12.042  1.00 19.75  ? 66  TYR A CE2 1 
ATOM   499  C CZ  . TYR A 1 80  ? -1.759  13.023  12.195  1.00 19.33  ? 66  TYR A CZ  1 
ATOM   500  O OH  . TYR A 1 80  ? -1.290  13.319  13.465  1.00 29.83  ? 66  TYR A OH  1 
ATOM   501  N N   . MET A 1 81  ? -3.836  9.432   6.677   1.00 11.41  ? 67  MET A N   1 
ATOM   502  C CA  . MET A 1 81  ? -4.509  8.638   5.611   1.00 16.83  ? 67  MET A CA  1 
ATOM   503  C C   . MET A 1 81  ? -5.314  9.465   4.570   1.00 13.16  ? 67  MET A C   1 
ATOM   504  O O   . MET A 1 81  ? -5.209  9.288   3.379   1.00 12.45  ? 67  MET A O   1 
ATOM   505  C CB  . MET A 1 81  ? -5.435  7.618   6.282   1.00 12.87  ? 67  MET A CB  1 
ATOM   506  C CG  . MET A 1 81  ? -6.069  6.664   5.303   1.00 12.20  ? 67  MET A CG  1 
ATOM   507  S SD  . MET A 1 81  ? -4.846  5.694   4.415   1.00 12.80  ? 67  MET A SD  1 
ATOM   508  C CE  . MET A 1 81  ? -4.634  4.323   5.593   1.00 14.81  ? 67  MET A CE  1 
ATOM   509  N N   . ASN A 1 82  ? -6.027  10.465  5.072   1.00 19.20  ? 68  ASN A N   1 
ATOM   510  C CA  . ASN A 1 82  ? -6.908  11.254  4.281   1.00 14.44  ? 68  ASN A CA  1 
ATOM   511  C C   . ASN A 1 82  ? -6.174  12.122  3.338   1.00 20.42  ? 68  ASN A C   1 
ATOM   512  O O   . ASN A 1 82  ? -6.800  12.687  2.423   1.00 21.19  ? 68  ASN A O   1 
ATOM   513  C CB  . ASN A 1 82  ? -7.761  12.204  5.191   1.00 13.57  ? 68  ASN A CB  1 
ATOM   514  C CG  . ASN A 1 82  ? -8.901  11.472  5.857   1.00 26.33  ? 68  ASN A CG  1 
ATOM   515  O OD1 . ASN A 1 82  ? -9.158  10.320  5.546   1.00 21.42  ? 68  ASN A OD1 1 
ATOM   516  N ND2 . ASN A 1 82  ? -9.623  12.181  6.754   1.00 28.96  ? 68  ASN A ND2 1 
ATOM   517  N N   . TYR A 1 83  ? -4.869  12.354  3.587   1.00 13.68  ? 69  TYR A N   1 
ATOM   518  C CA  . TYR A 1 83  ? -4.126  13.242  2.669   1.00 9.34   ? 69  TYR A CA  1 
ATOM   519  C C   . TYR A 1 83  ? -3.004  12.519  1.895   1.00 14.68  ? 69  TYR A C   1 
ATOM   520  O O   . TYR A 1 83  ? -2.047  13.156  1.393   1.00 13.53  ? 69  TYR A O   1 
ATOM   521  C CB  . TYR A 1 83  ? -3.556  14.439  3.449   1.00 12.17  ? 69  TYR A CB  1 
ATOM   522  C CG  . TYR A 1 83  ? -4.646  15.101  4.193   1.00 13.83  ? 69  TYR A CG  1 
ATOM   523  C CD1 . TYR A 1 83  ? -5.537  15.962  3.549   1.00 17.62  ? 69  TYR A CD1 1 
ATOM   524  C CD2 . TYR A 1 83  ? -4.804  14.897  5.559   1.00 20.09  ? 69  TYR A CD2 1 
ATOM   525  C CE1 . TYR A 1 83  ? -6.608  16.527  4.260   1.00 36.83  ? 69  TYR A CE1 1 
ATOM   526  C CE2 . TYR A 1 83  ? -5.851  15.474  6.285   1.00 22.94  ? 69  TYR A CE2 1 
ATOM   527  C CZ  . TYR A 1 83  ? -6.753  16.313  5.636   1.00 44.59  ? 69  TYR A CZ  1 
ATOM   528  O OH  . TYR A 1 83  ? -7.747  16.956  6.371   1.00 23.87  ? 69  TYR A OH  1 
ATOM   529  N N   . SER A 1 84  ? -3.161  11.188  1.737   1.00 12.54  ? 70  SER A N   1 
ATOM   530  C CA  . SER A 1 84  ? -2.187  10.385  1.081   1.00 11.52  ? 70  SER A CA  1 
ATOM   531  C C   . SER A 1 84  ? -1.851  10.912  -0.327  1.00 12.35  ? 70  SER A C   1 
ATOM   532  O O   . SER A 1 84  ? -0.714  10.801  -0.797  1.00 12.62  ? 70  SER A O   1 
ATOM   533  C CB  . SER A 1 84  ? -2.663  8.932   1.019   1.00 9.29   ? 70  SER A CB  1 
ATOM   534  O OG  . SER A 1 84  ? -2.831  8.400   2.343   1.00 11.42  ? 70  SER A OG  1 
ATOM   535  N N   . GLY A 1 85  ? -2.841  11.413  -1.052  1.00 14.16  ? 71  GLY A N   1 
ATOM   536  C CA  . GLY A 1 85  ? -2.609  11.841  -2.416  1.00 12.04  ? 71  GLY A CA  1 
ATOM   537  C C   . GLY A 1 85  ? -1.720  13.061  -2.472  1.00 13.98  ? 71  GLY A C   1 
ATOM   538  O O   . GLY A 1 85  ? -0.932  13.267  -3.459  1.00 13.52  ? 71  GLY A O   1 
ATOM   539  N N   . GLU A 1 86  ? -1.845  13.862  -1.442  1.00 12.01  ? 72  GLU A N   1 
ATOM   540  C CA  . GLU A 1 86  ? -1.023  15.044  -1.330  1.00 13.28  ? 72  GLU A CA  1 
ATOM   541  C C   . GLU A 1 86  ? 0.427   14.703  -1.327  1.00 16.71  ? 72  GLU A C   1 
ATOM   542  O O   . GLU A 1 86  ? 1.228   15.519  -1.729  1.00 14.56  ? 72  GLU A O   1 
ATOM   543  C CB  . GLU A 1 86  ? -1.359  15.898  -0.060  1.00 19.48  ? 72  GLU A CB  1 
ATOM   544  C CG  . GLU A 1 86  ? -2.770  16.494  -0.243  1.00 15.76  ? 72  GLU A CG  1 
ATOM   545  C CD  . GLU A 1 86  ? -3.195  17.437  0.837   1.00 23.01  ? 72  GLU A CD  1 
ATOM   546  O OE1 . GLU A 1 86  ? -4.335  17.743  0.969   1.00 24.70  ? 72  GLU A OE1 1 
ATOM   547  O OE2 . GLU A 1 86  ? -2.283  17.736  1.717   1.00 19.76  ? 72  GLU A OE2 1 
ATOM   548  N N   . ALA A 1 87  ? 0.777   13.517  -0.764  1.00 13.96  ? 73  ALA A N   1 
ATOM   549  C CA  . ALA A 1 87  ? 2.155   13.059  -0.742  1.00 17.46  ? 73  ALA A CA  1 
ATOM   550  C C   . ALA A 1 87  ? 2.532   12.348  -2.075  1.00 19.64  ? 73  ALA A C   1 
ATOM   551  O O   . ALA A 1 87  ? 3.589   12.596  -2.675  1.00 17.72  ? 73  ALA A O   1 
ATOM   552  C CB  . ALA A 1 87  ? 2.330   12.044  0.385   1.00 15.33  ? 73  ALA A CB  1 
ATOM   553  N N   . ILE A 1 88  ? 1.653   11.408  -2.551  1.00 12.00  ? 74  ILE A N   1 
ATOM   554  C CA  . ILE A 1 88  ? 1.971   10.594  -3.688  1.00 9.27   ? 74  ILE A CA  1 
ATOM   555  C C   . ILE A 1 88  ? 1.980   11.319  -5.026  1.00 16.71  ? 74  ILE A C   1 
ATOM   556  O O   . ILE A 1 88  ? 2.837   11.062  -5.880  1.00 16.54  ? 74  ILE A O   1 
ATOM   557  C CB  . ILE A 1 88  ? 1.095   9.358   -3.681  1.00 14.81  ? 74  ILE A CB  1 
ATOM   558  C CG1 . ILE A 1 88  ? 1.500   8.466   -2.487  1.00 13.00  ? 74  ILE A CG1 1 
ATOM   559  C CG2 . ILE A 1 88  ? 1.225   8.605   -5.010  1.00 13.91  ? 74  ILE A CG2 1 
ATOM   560  C CD1 . ILE A 1 88  ? 0.329   7.600   -1.997  1.00 16.69  ? 74  ILE A CD1 1 
ATOM   561  N N   . GLY A 1 89  ? 1.011   12.211  -5.262  1.00 13.97  ? 75  GLY A N   1 
ATOM   562  C CA  . GLY A 1 89  ? 1.003   12.908  -6.564  1.00 10.11  ? 75  GLY A CA  1 
ATOM   563  C C   . GLY A 1 89  ? 2.308   13.582  -6.868  1.00 10.82  ? 75  GLY A C   1 
ATOM   564  O O   . GLY A 1 89  ? 2.865   13.407  -7.928  1.00 15.37  ? 75  GLY A O   1 
ATOM   565  N N   . PRO A 1 90  ? 2.781   14.437  -5.945  1.00 15.94  ? 76  PRO A N   1 
ATOM   566  C CA  . PRO A 1 90  ? 4.000   15.150  -6.186  1.00 15.33  ? 76  PRO A CA  1 
ATOM   567  C C   . PRO A 1 90  ? 5.194   14.257  -6.379  1.00 24.71  ? 76  PRO A C   1 
ATOM   568  O O   . PRO A 1 90  ? 6.120   14.627  -7.118  1.00 15.23  ? 76  PRO A O   1 
ATOM   569  C CB  . PRO A 1 90  ? 4.183   16.181  -5.066  1.00 11.38  ? 76  PRO A CB  1 
ATOM   570  C CG  . PRO A 1 90  ? 2.746   16.460  -4.636  1.00 17.00  ? 76  PRO A CG  1 
ATOM   571  C CD  . PRO A 1 90  ? 2.023   15.143  -4.862  1.00 14.49  ? 76  PRO A CD  1 
ATOM   572  N N   . LEU A 1 91  ? 5.225   13.143  -5.679  1.00 11.33  ? 77  LEU A N   1 
ATOM   573  C CA  . LEU A 1 91  ? 6.349   12.227  -5.864  1.00 10.28  ? 77  LEU A CA  1 
ATOM   574  C C   . LEU A 1 91  ? 6.354   11.602  -7.301  1.00 11.72  ? 77  LEU A C   1 
ATOM   575  O O   . LEU A 1 91  ? 7.400   11.391  -7.929  1.00 14.71  ? 77  LEU A O   1 
ATOM   576  C CB  . LEU A 1 91  ? 6.281   11.077  -4.809  1.00 11.32  ? 77  LEU A CB  1 
ATOM   577  C CG  . LEU A 1 91  ? 6.732   11.551  -3.406  1.00 15.57  ? 77  LEU A CG  1 
ATOM   578  C CD1 . LEU A 1 91  ? 6.415   10.478  -2.276  1.00 15.76  ? 77  LEU A CD1 1 
ATOM   579  C CD2 . LEU A 1 91  ? 8.237   12.003  -3.447  1.00 15.58  ? 77  LEU A CD2 1 
ATOM   580  N N   . ALA A 1 92  ? 5.185   11.194  -7.766  1.00 9.37   ? 78  ALA A N   1 
ATOM   581  C CA  . ALA A 1 92  ? 5.118   10.581  -9.078  1.00 11.49  ? 78  ALA A CA  1 
ATOM   582  C C   . ALA A 1 92  ? 5.609   11.580  -10.142 1.00 10.71  ? 78  ALA A C   1 
ATOM   583  O O   . ALA A 1 92  ? 6.213   11.222  -11.176 1.00 14.69  ? 78  ALA A O   1 
ATOM   584  C CB  . ALA A 1 92  ? 3.655   10.199  -9.399  1.00 16.65  ? 78  ALA A CB  1 
ATOM   585  N N   . ALA A 1 93  ? 5.295   12.862  -9.876  1.00 18.74  ? 79  ALA A N   1 
ATOM   586  C CA  . ALA A 1 93  ? 5.672   13.942  -10.806 1.00 17.94  ? 79  ALA A CA  1 
ATOM   587  C C   . ALA A 1 93  ? 7.167   14.144  -10.758 1.00 13.47  ? 79  ALA A C   1 
ATOM   588  O O   . ALA A 1 93  ? 7.842   14.045  -11.759 1.00 14.35  ? 79  ALA A O   1 
ATOM   589  C CB  . ALA A 1 93  ? 4.851   15.271  -10.589 1.00 17.19  ? 79  ALA A CB  1 
ATOM   590  N N   . TYR A 1 94  ? 7.690   14.250  -9.548  1.00 14.28  ? 80  TYR A N   1 
ATOM   591  C CA  . TYR A 1 94  ? 9.116   14.427  -9.367  1.00 20.46  ? 80  TYR A CA  1 
ATOM   592  C C   . TYR A 1 94  ? 9.936   13.366  -10.021 1.00 19.68  ? 80  TYR A C   1 
ATOM   593  O O   . TYR A 1 94  ? 10.943  13.646  -10.671 1.00 17.49  ? 80  TYR A O   1 
ATOM   594  C CB  . TYR A 1 94  ? 9.470   14.559  -7.859  1.00 27.22  ? 80  TYR A CB  1 
ATOM   595  C CG  . TYR A 1 94  ? 10.914  14.946  -7.520  1.00 15.71  ? 80  TYR A CG  1 
ATOM   596  C CD1 . TYR A 1 94  ? 11.250  16.237  -7.124  1.00 14.63  ? 80  TYR A CD1 1 
ATOM   597  C CD2 . TYR A 1 94  ? 11.926  13.990  -7.600  1.00 19.61  ? 80  TYR A CD2 1 
ATOM   598  C CE1 . TYR A 1 94  ? 12.575  16.564  -6.841  1.00 14.18  ? 80  TYR A CE1 1 
ATOM   599  C CE2 . TYR A 1 94  ? 13.236  14.291  -7.259  1.00 16.31  ? 80  TYR A CE2 1 
ATOM   600  C CZ  . TYR A 1 94  ? 13.563  15.605  -6.913  1.00 20.28  ? 80  TYR A CZ  1 
ATOM   601  O OH  . TYR A 1 94  ? 14.864  15.916  -6.584  1.00 27.00  ? 80  TYR A OH  1 
ATOM   602  N N   . TYR A 1 95  ? 9.564   12.119  -9.767  1.00 12.30  ? 81  TYR A N   1 
ATOM   603  C CA  . TYR A 1 95  ? 10.360  10.994  -10.236 1.00 12.84  ? 81  TYR A CA  1 
ATOM   604  C C   . TYR A 1 95  ? 9.934   10.461  -11.629 1.00 20.53  ? 81  TYR A C   1 
ATOM   605  O O   . TYR A 1 95  ? 10.415  9.378   -12.044 1.00 19.50  ? 81  TYR A O   1 
ATOM   606  C CB  . TYR A 1 95  ? 10.276  9.903   -9.160  1.00 12.17  ? 81  TYR A CB  1 
ATOM   607  C CG  . TYR A 1 95  ? 11.074  10.291  -7.926  1.00 13.67  ? 81  TYR A CG  1 
ATOM   608  C CD1 . TYR A 1 95  ? 10.477  10.703  -6.729  1.00 14.89  ? 81  TYR A CD1 1 
ATOM   609  C CD2 . TYR A 1 95  ? 12.465  10.272  -7.993  1.00 14.53  ? 81  TYR A CD2 1 
ATOM   610  C CE1 . TYR A 1 95  ? 11.256  11.069  -5.627  1.00 16.42  ? 81  TYR A CE1 1 
ATOM   611  C CE2 . TYR A 1 95  ? 13.265  10.599  -6.894  1.00 13.63  ? 81  TYR A CE2 1 
ATOM   612  C CZ  . TYR A 1 95  ? 12.655  11.047  -5.733  1.00 19.59  ? 81  TYR A CZ  1 
ATOM   613  O OH  . TYR A 1 95  ? 13.491  11.427  -4.711  1.00 14.53  ? 81  TYR A OH  1 
ATOM   614  N N   . GLN A 1 96  ? 8.944   11.166  -12.302 1.00 12.21  ? 82  GLN A N   1 
ATOM   615  C CA  . GLN A 1 96  ? 8.477   10.739  -13.633 1.00 14.52  ? 82  GLN A CA  1 
ATOM   616  C C   . GLN A 1 96  ? 7.945   9.310   -13.635 1.00 22.57  ? 82  GLN A C   1 
ATOM   617  O O   . GLN A 1 96  ? 8.249   8.494   -14.526 1.00 21.36  ? 82  GLN A O   1 
ATOM   618  C CB  . GLN A 1 96  ? 9.598   10.910  -14.723 1.00 12.03  ? 82  GLN A CB  1 
ATOM   619  C CG  . GLN A 1 96  ? 10.112  12.366  -14.778 1.00 20.31  ? 82  GLN A CG  1 
ATOM   620  C CD  . GLN A 1 96  ? 11.309  12.461  -15.745 1.00 47.45  ? 82  GLN A CD  1 
ATOM   621  O OE1 . GLN A 1 96  ? 11.148  12.319  -16.953 1.00 49.74  ? 82  GLN A OE1 1 
ATOM   622  N NE2 . GLN A 1 96  ? 12.539  12.600  -15.224 1.00 26.21  ? 82  GLN A NE2 1 
ATOM   623  N N   . VAL A 1 97  ? 7.153   8.978   -12.625 1.00 17.60  ? 83  VAL A N   1 
ATOM   624  C CA  . VAL A 1 97  ? 6.594   7.654   -12.593 1.00 15.83  ? 83  VAL A CA  1 
ATOM   625  C C   . VAL A 1 97  ? 5.263   7.661   -13.314 1.00 11.84  ? 83  VAL A C   1 
ATOM   626  O O   . VAL A 1 97  ? 4.392   8.425   -12.911 1.00 20.40  ? 83  VAL A O   1 
ATOM   627  C CB  . VAL A 1 97  ? 6.313   7.291   -11.121 1.00 10.45  ? 83  VAL A CB  1 
ATOM   628  C CG1 . VAL A 1 97  ? 5.779   5.798   -11.084 1.00 12.23  ? 83  VAL A CG1 1 
ATOM   629  C CG2 . VAL A 1 97  ? 7.574   7.442   -10.314 1.00 13.18  ? 83  VAL A CG2 1 
ATOM   630  N N   . PRO A 1 98  ? 5.083   6.861   -14.338 1.00 15.09  ? 84  PRO A N   1 
ATOM   631  C CA  . PRO A 1 98  ? 3.778   6.813   -15.013 1.00 19.78  ? 84  PRO A CA  1 
ATOM   632  C C   . PRO A 1 98  ? 2.696   6.185   -14.146 1.00 18.05  ? 84  PRO A C   1 
ATOM   633  O O   . PRO A 1 98  ? 2.961   5.261   -13.289 1.00 15.24  ? 84  PRO A O   1 
ATOM   634  C CB  . PRO A 1 98  ? 3.965   5.893   -16.212 1.00 21.40  ? 84  PRO A CB  1 
ATOM   635  C CG  . PRO A 1 98  ? 5.203   5.075   -15.906 1.00 23.34  ? 84  PRO A CG  1 
ATOM   636  C CD  . PRO A 1 98  ? 6.007   5.880   -14.900 1.00 13.43  ? 84  PRO A CD  1 
ATOM   637  N N   . LEU A 1 99  ? 1.462   6.591   -14.432 1.00 16.44  ? 85  LEU A N   1 
ATOM   638  C CA  . LEU A 1 99  ? 0.285   6.054   -13.742 1.00 12.57  ? 85  LEU A CA  1 
ATOM   639  C C   . LEU A 1 99  ? 0.342   4.539   -13.518 1.00 13.24  ? 85  LEU A C   1 
ATOM   640  O O   . LEU A 1 99  ? 0.107   4.041   -12.466 1.00 18.71  ? 85  LEU A O   1 
ATOM   641  C CB  . LEU A 1 99  ? -0.978  6.377   -14.532 1.00 18.20  ? 85  LEU A CB  1 
ATOM   642  C CG  . LEU A 1 99  ? -2.242  6.060   -13.749 1.00 19.56  ? 85  LEU A CG  1 
ATOM   643  C CD1 . LEU A 1 99  ? -2.351  6.994   -12.603 1.00 21.36  ? 85  LEU A CD1 1 
ATOM   644  C CD2 . LEU A 1 99  ? -3.470  6.283   -14.632 1.00 29.24  ? 85  LEU A CD2 1 
ATOM   645  N N   . ARG A 1 100 ? 0.631   3.837   -14.560 1.00 14.92  ? 86  ARG A N   1 
ATOM   646  C CA  . ARG A 1 100 ? 0.610   2.396   -14.559 1.00 21.42  ? 86  ARG A CA  1 
ATOM   647  C C   . ARG A 1 100 ? 1.618   1.778   -13.656 1.00 13.01  ? 86  ARG A C   1 
ATOM   648  O O   . ARG A 1 100 ? 1.504   0.561   -13.420 1.00 14.34  ? 86  ARG A O   1 
ATOM   649  C CB  . ARG A 1 100 ? 0.783   1.822   -15.974 1.00 17.86  ? 86  ARG A CB  1 
ATOM   650  C CG  . ARG A 1 100 ? 2.163   2.129   -16.576 1.00 32.98  ? 86  ARG A CG  1 
ATOM   651  C CD  . ARG A 1 100 ? 2.333   1.645   -18.036 1.00 77.30  ? 86  ARG A CD  1 
ATOM   652  N NE  . ARG A 1 100 ? 3.642   1.960   -18.640 1.00 51.85  ? 86  ARG A NE  1 
ATOM   653  C CZ  . ARG A 1 100 ? 4.008   3.204   -19.028 1.00 41.82  ? 86  ARG A CZ  1 
ATOM   654  N NH1 . ARG A 1 100 ? 5.216   3.497   -19.584 1.00 37.87  ? 86  ARG A NH1 1 
ATOM   655  N NH2 . ARG A 1 100 ? 3.138   4.180   -18.820 1.00 92.60  ? 86  ARG A NH2 1 
ATOM   656  N N   . HIS A 1 101 ? 2.569   2.608   -13.167 1.00 12.69  ? 87  HIS A N   1 
ATOM   657  C CA  . HIS A 1 101 ? 3.636   2.117   -12.280 1.00 12.34  ? 87  HIS A CA  1 
ATOM   658  C C   . HIS A 1 101 ? 3.535   2.687   -10.878 1.00 12.63  ? 87  HIS A C   1 
ATOM   659  O O   . HIS A 1 101 ? 4.494   2.629   -10.091 1.00 15.04  ? 87  HIS A O   1 
ATOM   660  C CB  . HIS A 1 101 ? 5.022   2.452   -12.856 1.00 9.31   ? 87  HIS A CB  1 
ATOM   661  C CG  . HIS A 1 101 ? 5.383   1.598   -13.998 1.00 15.07  ? 87  HIS A CG  1 
ATOM   662  N ND1 . HIS A 1 101 ? 6.592   1.752   -14.635 1.00 15.51  ? 87  HIS A ND1 1 
ATOM   663  C CD2 . HIS A 1 101 ? 4.679   0.572   -14.626 1.00 12.97  ? 87  HIS A CD2 1 
ATOM   664  C CE1 . HIS A 1 101 ? 6.613   0.827   -15.643 1.00 18.95  ? 87  HIS A CE1 1 
ATOM   665  N NE2 . HIS A 1 101 ? 5.453   0.115   -15.645 1.00 15.15  ? 87  HIS A NE2 1 
ATOM   666  N N   . ILE A 1 102 ? 2.379   3.270   -10.586 1.00 9.42   ? 88  ILE A N   1 
ATOM   667  C CA  . ILE A 1 102 ? 2.125   3.781   -9.256  1.00 6.55   ? 88  ILE A CA  1 
ATOM   668  C C   . ILE A 1 102 ? 1.334   2.715   -8.559  1.00 15.20  ? 88  ILE A C   1 
ATOM   669  O O   . ILE A 1 102 ? 0.125   2.561   -8.823  1.00 13.58  ? 88  ILE A O   1 
ATOM   670  C CB  . ILE A 1 102 ? 1.286   5.057   -9.295  1.00 8.09   ? 88  ILE A CB  1 
ATOM   671  C CG1 . ILE A 1 102 ? 2.039   6.163   -10.101 1.00 10.40  ? 88  ILE A CG1 1 
ATOM   672  C CG2 . ILE A 1 102 ? 1.020   5.520   -7.855  1.00 10.08  ? 88  ILE A CG2 1 
ATOM   673  C CD1 . ILE A 1 102 ? 1.215   7.419   -10.268 1.00 12.71  ? 88  ILE A CD1 1 
ATOM   674  N N   . LEU A 1 103 ? 2.026   1.932   -7.660  1.00 9.95   ? 89  LEU A N   1 
ATOM   675  C CA  . LEU A 1 103 ? 1.376   0.815   -6.994  1.00 7.60   ? 89  LEU A CA  1 
ATOM   676  C C   . LEU A 1 103 ? 0.928   1.239   -5.629  1.00 11.82  ? 89  LEU A C   1 
ATOM   677  O O   . LEU A 1 103 ? 1.759   1.580   -4.778  1.00 12.32  ? 89  LEU A O   1 
ATOM   678  C CB  . LEU A 1 103 ? 2.336   -0.390  -6.912  1.00 8.04   ? 89  LEU A CB  1 
ATOM   679  C CG  . LEU A 1 103 ? 1.907   -1.593  -6.088  1.00 8.86   ? 89  LEU A CG  1 
ATOM   680  C CD1 . LEU A 1 103 ? 0.648   -2.234  -6.709  1.00 15.50  ? 89  LEU A CD1 1 
ATOM   681  C CD2 . LEU A 1 103 ? 3.046   -2.617  -6.212  1.00 8.75   ? 89  LEU A CD2 1 
ATOM   682  N N   . LEU A 1 104 ? -0.411  1.100   -5.394  1.00 9.32   ? 90  LEU A N   1 
ATOM   683  C CA  . LEU A 1 104 ? -0.936  1.398   -4.067  1.00 10.60  ? 90  LEU A CA  1 
ATOM   684  C C   . LEU A 1 104 ? -1.191  0.131   -3.301  1.00 10.18  ? 90  LEU A C   1 
ATOM   685  O O   . LEU A 1 104 ? -1.820  -0.783  -3.803  1.00 11.39  ? 90  LEU A O   1 
ATOM   686  C CB  . LEU A 1 104 ? -2.272  2.227   -4.055  1.00 15.11  ? 90  LEU A CB  1 
ATOM   687  C CG  . LEU A 1 104 ? -2.062  3.713   -4.005  1.00 9.05   ? 90  LEU A CG  1 
ATOM   688  C CD1 . LEU A 1 104 ? -1.650  4.175   -2.624  1.00 10.85  ? 90  LEU A CD1 1 
ATOM   689  C CD2 . LEU A 1 104 ? -1.072  4.179   -5.098  1.00 10.83  ? 90  LEU A CD2 1 
ATOM   690  N N   . ILE A 1 105 ? -0.764  0.114   -2.028  1.00 8.75   ? 91  ILE A N   1 
ATOM   691  C CA  . ILE A 1 105 ? -0.942  -1.029  -1.123  1.00 9.30   ? 91  ILE A CA  1 
ATOM   692  C C   . ILE A 1 105 ? -1.746  -0.577  0.101   1.00 8.74   ? 91  ILE A C   1 
ATOM   693  O O   . ILE A 1 105 ? -1.318  0.358   0.785   1.00 8.33   ? 91  ILE A O   1 
ATOM   694  C CB  . ILE A 1 105 ? 0.442   -1.638  -0.751  1.00 9.36   ? 91  ILE A CB  1 
ATOM   695  C CG1 . ILE A 1 105 ? 1.222   -1.900  -2.039  1.00 5.09   ? 91  ILE A CG1 1 
ATOM   696  C CG2 . ILE A 1 105 ? 0.232   -2.956  0.057   1.00 11.54  ? 91  ILE A CG2 1 
ATOM   697  C CD1 . ILE A 1 105 ? 2.471   -2.763  -1.747  1.00 12.51  ? 91  ILE A CD1 1 
ATOM   698  N N   . TYR A 1 106 ? -2.853  -1.263  0.430   1.00 9.18   ? 92  TYR A N   1 
ATOM   699  C CA  . TYR A 1 106 ? -3.700  -0.726  1.530   1.00 5.42   ? 92  TYR A CA  1 
ATOM   700  C C   . TYR A 1 106 ? -4.648  -1.779  2.080   1.00 7.25   ? 92  TYR A C   1 
ATOM   701  O O   . TYR A 1 106 ? -4.737  -2.861  1.529   1.00 9.69   ? 92  TYR A O   1 
ATOM   702  C CB  . TYR A 1 106 ? -4.538  0.475   0.949   1.00 8.46   ? 92  TYR A CB  1 
ATOM   703  C CG  . TYR A 1 106 ? -5.526  -0.050  -0.132  1.00 14.09  ? 92  TYR A CG  1 
ATOM   704  C CD1 . TYR A 1 106 ? -6.822  -0.438  0.210   1.00 13.64  ? 92  TYR A CD1 1 
ATOM   705  C CD2 . TYR A 1 106 ? -5.139  -0.316  -1.442  1.00 20.14  ? 92  TYR A CD2 1 
ATOM   706  C CE1 . TYR A 1 106 ? -7.702  -0.920  -0.754  1.00 17.72  ? 92  TYR A CE1 1 
ATOM   707  C CE2 . TYR A 1 106 ? -5.952  -0.967  -2.386  1.00 18.54  ? 92  TYR A CE2 1 
ATOM   708  C CZ  . TYR A 1 106 ? -7.282  -1.205  -2.049  1.00 21.09  ? 92  TYR A CZ  1 
ATOM   709  O OH  . TYR A 1 106 ? -8.166  -1.819  -2.943  1.00 31.85  ? 92  TYR A OH  1 
ATOM   710  N N   . ASP A 1 107 ? -5.263  -1.470  3.212   1.00 9.32   ? 93  ASP A N   1 
ATOM   711  C CA  . ASP A 1 107 ? -6.226  -2.407  3.906   1.00 11.49  ? 93  ASP A CA  1 
ATOM   712  C C   . ASP A 1 107 ? -7.549  -2.429  3.186   1.00 14.13  ? 93  ASP A C   1 
ATOM   713  O O   . ASP A 1 107 ? -8.078  -1.384  2.810   1.00 12.40  ? 93  ASP A O   1 
ATOM   714  C CB  . ASP A 1 107 ? -6.475  -1.954  5.352   1.00 10.65  ? 93  ASP A CB  1 
ATOM   715  C CG  . ASP A 1 107 ? -6.735  -0.480  5.403   1.00 13.25  ? 93  ASP A CG  1 
ATOM   716  O OD1 . ASP A 1 107 ? -6.035  0.388   4.860   1.00 14.30  ? 93  ASP A OD1 1 
ATOM   717  O OD2 . ASP A 1 107 ? -7.813  -0.199  6.027   1.00 11.15  ? 93  ASP A OD2 1 
ATOM   718  N N   . ASP A 1 108 ? -8.126  -3.582  3.019   1.00 11.04  ? 94  ASP A N   1 
ATOM   719  C CA  . ASP A 1 108 ? -9.416  -3.608  2.296   1.00 11.13  ? 94  ASP A CA  1 
ATOM   720  C C   . ASP A 1 108 ? -10.439 -4.401  3.101   1.00 10.15  ? 94  ASP A C   1 
ATOM   721  O O   . ASP A 1 108 ? -10.258 -5.585  3.397   1.00 16.36  ? 94  ASP A O   1 
ATOM   722  C CB  . ASP A 1 108 ? -9.218  -4.150  0.909   1.00 11.80  ? 94  ASP A CB  1 
ATOM   723  C CG  . ASP A 1 108 ? -10.449 -4.216  0.080   1.00 25.65  ? 94  ASP A CG  1 
ATOM   724  O OD1 . ASP A 1 108 ? -11.566 -4.193  0.551   1.00 18.52  ? 94  ASP A OD1 1 
ATOM   725  O OD2 . ASP A 1 108 ? -10.172 -4.444  -1.179  1.00 27.06  ? 94  ASP A OD2 1 
ATOM   726  N N   . THR A 1 109 ? -11.423 -3.693  3.648   1.00 14.46  ? 95  THR A N   1 
ATOM   727  C CA  . THR A 1 109 ? -12.409 -4.380  4.567   1.00 16.66  ? 95  THR A CA  1 
ATOM   728  C C   . THR A 1 109 ? -13.383 -5.283  3.772   1.00 28.45  ? 95  THR A C   1 
ATOM   729  O O   . THR A 1 109 ? -14.209 -5.964  4.319   1.00 25.68  ? 95  THR A O   1 
ATOM   730  C CB  . THR A 1 109 ? -13.258 -3.396  5.416   1.00 18.89  ? 95  THR A CB  1 
ATOM   731  O OG1 . THR A 1 109 ? -13.921 -2.568  4.549   1.00 35.72  ? 95  THR A OG1 1 
ATOM   732  C CG2 . THR A 1 109 ? -12.403 -2.528  6.273   1.00 19.14  ? 95  THR A CG2 1 
ATOM   733  N N   . SER A 1 110 ? -13.264 -5.293  2.476   1.00 21.78  ? 96  SER A N   1 
ATOM   734  C CA  . SER A 1 110 ? -14.171 -6.088  1.656   1.00 19.58  ? 96  SER A CA  1 
ATOM   735  C C   . SER A 1 110 ? -13.648 -7.473  1.336   1.00 20.36  ? 96  SER A C   1 
ATOM   736  O O   . SER A 1 110 ? -14.337 -8.287  0.740   1.00 22.05  ? 96  SER A O   1 
ATOM   737  C CB  . SER A 1 110 ? -14.566 -5.307  0.401   1.00 23.29  ? 96  SER A CB  1 
ATOM   738  O OG  . SER A 1 110 ? -13.630 -5.600  -0.618  1.00 23.43  ? 96  SER A OG  1 
ATOM   739  N N   . LEU A 1 111 ? -12.473 -7.775  1.831   1.00 13.33  ? 97  LEU A N   1 
ATOM   740  C CA  . LEU A 1 111 ? -11.855 -9.050  1.662   1.00 13.81  ? 97  LEU A CA  1 
ATOM   741  C C   . LEU A 1 111 ? -11.591 -9.611  3.004   1.00 13.27  ? 97  LEU A C   1 
ATOM   742  O O   . LEU A 1 111 ? -11.292 -8.876  3.931   1.00 14.77  ? 97  LEU A O   1 
ATOM   743  C CB  . LEU A 1 111 ? -10.499 -8.902  0.957   1.00 16.15  ? 97  LEU A CB  1 
ATOM   744  C CG  . LEU A 1 111 ? -10.620 -8.431  -0.466  1.00 20.33  ? 97  LEU A CG  1 
ATOM   745  C CD1 . LEU A 1 111 ? -9.219  -8.139  -0.967  1.00 16.94  ? 97  LEU A CD1 1 
ATOM   746  C CD2 . LEU A 1 111 ? -11.187 -9.566  -1.307  1.00 22.37  ? 97  LEU A CD2 1 
ATOM   747  N N   . PRO A 1 112 ? -11.587 -10.885 3.128   1.00 15.12  ? 98  PRO A N   1 
ATOM   748  C CA  . PRO A 1 112 ? -11.293 -11.477 4.431   1.00 11.31  ? 98  PRO A CA  1 
ATOM   749  C C   . PRO A 1 112 ? -9.847  -11.201 4.936   1.00 27.21  ? 98  PRO A C   1 
ATOM   750  O O   . PRO A 1 112 ? -8.873  -11.053 4.203   1.00 16.99  ? 98  PRO A O   1 
ATOM   751  C CB  . PRO A 1 112 ? -11.520 -13.020 4.262   1.00 13.12  ? 98  PRO A CB  1 
ATOM   752  C CG  . PRO A 1 112 ? -12.423 -13.173 3.029   1.00 19.96  ? 98  PRO A CG  1 
ATOM   753  C CD  . PRO A 1 112 ? -12.216 -11.876 2.208   1.00 24.63  ? 98  PRO A CD  1 
ATOM   754  N N   . ASN A 1 113 ? -9.685  -11.244 6.239   1.00 13.53  ? 99  ASN A N   1 
ATOM   755  C CA  . ASN A 1 113 ? -8.402  -11.008 6.766   1.00 12.17  ? 99  ASN A CA  1 
ATOM   756  C C   . ASN A 1 113 ? -7.294  -11.814 6.151   1.00 16.83  ? 99  ASN A C   1 
ATOM   757  O O   . ASN A 1 113 ? -7.236  -13.080 6.172   1.00 15.28  ? 99  ASN A O   1 
ATOM   758  C CB  . ASN A 1 113 ? -8.403  -11.151 8.310   1.00 12.65  ? 99  ASN A CB  1 
ATOM   759  C CG  . ASN A 1 113 ? -7.145  -10.654 8.960   1.00 15.37  ? 99  ASN A CG  1 
ATOM   760  O OD1 . ASN A 1 113 ? -7.024  -9.479  9.291   1.00 15.53  ? 99  ASN A OD1 1 
ATOM   761  N ND2 . ASN A 1 113 ? -6.304  -11.590 9.321   1.00 13.62  ? 99  ASN A ND2 1 
ATOM   762  N N   . GLY A 1 114 ? -6.282  -11.119 5.749   1.00 14.51  ? 100 GLY A N   1 
ATOM   763  C CA  . GLY A 1 114 ? -5.125  -11.826 5.252   1.00 11.29  ? 100 GLY A CA  1 
ATOM   764  C C   . GLY A 1 114 ? -5.222  -12.171 3.730   1.00 22.29  ? 100 GLY A C   1 
ATOM   765  O O   . GLY A 1 114 ? -4.264  -12.667 3.133   1.00 22.70  ? 100 GLY A O   1 
ATOM   766  N N   . VAL A 1 115 ? -6.360  -11.994 3.116   1.00 11.84  ? 101 VAL A N   1 
ATOM   767  C CA  . VAL A 1 115 ? -6.445  -12.322 1.683   1.00 11.83  ? 101 VAL A CA  1 
ATOM   768  C C   . VAL A 1 115 ? -5.909  -11.174 0.839   1.00 18.06  ? 101 VAL A C   1 
ATOM   769  O O   . VAL A 1 115 ? -6.270  -9.999  1.033   1.00 14.80  ? 101 VAL A O   1 
ATOM   770  C CB  . VAL A 1 115 ? -7.914  -12.611 1.343   1.00 14.74  ? 101 VAL A CB  1 
ATOM   771  C CG1 . VAL A 1 115 ? -8.063  -12.881 -0.144  1.00 20.25  ? 101 VAL A CG1 1 
ATOM   772  C CG2 . VAL A 1 115 ? -8.311  -13.883 2.115   1.00 15.44  ? 101 VAL A CG2 1 
ATOM   773  N N   . LEU A 1 116 ? -5.049  -11.502 -0.158  1.00 16.15  ? 102 LEU A N   1 
ATOM   774  C CA  . LEU A 1 116 ? -4.530  -10.441 -1.021  1.00 13.99  ? 102 LEU A CA  1 
ATOM   775  C C   . LEU A 1 116 ? -5.282  -10.389 -2.314  1.00 17.19  ? 102 LEU A C   1 
ATOM   776  O O   . LEU A 1 116 ? -5.726  -11.417 -2.850  1.00 17.42  ? 102 LEU A O   1 
ATOM   777  C CB  . LEU A 1 116 ? -3.054  -10.712 -1.382  1.00 11.64  ? 102 LEU A CB  1 
ATOM   778  C CG  . LEU A 1 116 ? -2.094  -10.719 -0.178  1.00 11.14  ? 102 LEU A CG  1 
ATOM   779  C CD1 . LEU A 1 116 ? -0.639  -10.984 -0.621  1.00 17.78  ? 102 LEU A CD1 1 
ATOM   780  C CD2 . LEU A 1 116 ? -2.112  -9.379  0.566   1.00 8.03   ? 102 LEU A CD2 1 
ATOM   781  N N   . ARG A 1 117 ? -5.305  -9.242  -2.932  1.00 12.30  ? 103 ARG A N   1 
ATOM   782  C CA  . ARG A 1 117 ? -5.850  -9.210  -4.262  1.00 12.75  ? 103 ARG A CA  1 
ATOM   783  C C   . ARG A 1 117 ? -5.126  -8.162  -5.078  1.00 10.29  ? 103 ARG A C   1 
ATOM   784  O O   . ARG A 1 117 ? -4.778  -7.087  -4.569  1.00 12.07  ? 103 ARG A O   1 
ATOM   785  C CB  . ARG A 1 117 ? -7.368  -9.021  -4.235  1.00 18.05  ? 103 ARG A CB  1 
ATOM   786  C CG  . ARG A 1 117 ? -7.946  -8.542  -5.540  1.00 30.09  ? 103 ARG A CG  1 
ATOM   787  C CD  . ARG A 1 117 ? -9.471  -8.318  -5.507  1.00 27.36  ? 103 ARG A CD  1 
ATOM   788  N NE  . ARG A 1 117 ? -10.039 -8.475  -6.846  1.00 100.00 ? 103 ARG A NE  1 
ATOM   789  C CZ  . ARG A 1 117 ? -11.348 -8.511  -7.137  1.00 100.00 ? 103 ARG A CZ  1 
ATOM   790  N NH1 . ARG A 1 117 ? -12.297 -8.421  -6.182  1.00 100.00 ? 103 ARG A NH1 1 
ATOM   791  N NH2 . ARG A 1 117 ? -11.720 -8.666  -8.430  1.00 100.00 ? 103 ARG A NH2 1 
ATOM   792  N N   . LEU A 1 118 ? -4.897  -8.435  -6.377  1.00 11.28  ? 104 LEU A N   1 
ATOM   793  C CA  . LEU A 1 118 ? -4.224  -7.432  -7.170  1.00 11.40  ? 104 LEU A CA  1 
ATOM   794  C C   . LEU A 1 118 ? -5.147  -6.946  -8.229  1.00 11.91  ? 104 LEU A C   1 
ATOM   795  O O   . LEU A 1 118 ? -5.639  -7.762  -8.961  1.00 16.41  ? 104 LEU A O   1 
ATOM   796  C CB  . LEU A 1 118 ? -3.009  -8.097  -7.847  1.00 13.94  ? 104 LEU A CB  1 
ATOM   797  C CG  . LEU A 1 118 ? -2.486  -7.194  -8.937  1.00 38.96  ? 104 LEU A CG  1 
ATOM   798  C CD1 . LEU A 1 118 ? -1.849  -5.945  -8.299  1.00 23.75  ? 104 LEU A CD1 1 
ATOM   799  C CD2 . LEU A 1 118 ? -1.437  -7.940  -9.756  1.00 36.32  ? 104 LEU A CD2 1 
ATOM   800  N N   . GLN A 1 119 ? -5.320  -5.636  -8.384  1.00 12.51  ? 105 GLN A N   1 
ATOM   801  C CA  . GLN A 1 119 ? -6.152  -5.051  -9.448  1.00 18.72  ? 105 GLN A CA  1 
ATOM   802  C C   . GLN A 1 119 ? -5.383  -4.017  -10.210 1.00 28.36  ? 105 GLN A C   1 
ATOM   803  O O   . GLN A 1 119 ? -4.545  -3.404  -9.642  1.00 16.74  ? 105 GLN A O   1 
ATOM   804  C CB  . GLN A 1 119 ? -7.449  -4.374  -9.000  1.00 19.52  ? 105 GLN A CB  1 
ATOM   805  C CG  . GLN A 1 119 ? -8.413  -5.364  -8.354  1.00 36.38  ? 105 GLN A CG  1 
ATOM   806  C CD  . GLN A 1 119 ? -9.474  -4.673  -7.536  1.00 40.88  ? 105 GLN A CD  1 
ATOM   807  O OE1 . GLN A 1 119 ? -10.654 -4.583  -7.934  1.00 83.53  ? 105 GLN A OE1 1 
ATOM   808  N NE2 . GLN A 1 119 ? -9.039  -4.086  -6.437  1.00 48.19  ? 105 GLN A NE2 1 
ATOM   809  N N   . LYS A 1 120 ? -5.750  -3.745  -11.489 1.00 18.51  ? 106 LYS A N   1 
ATOM   810  C CA  . LYS A 1 120 ? -5.004  -2.764  -12.291 1.00 13.75  ? 106 LYS A CA  1 
ATOM   811  C C   . LYS A 1 120 ? -5.730  -1.472  -12.447 1.00 20.26  ? 106 LYS A C   1 
ATOM   812  O O   . LYS A 1 120 ? -5.259  -0.482  -13.028 1.00 25.96  ? 106 LYS A O   1 
ATOM   813  C CB  . LYS A 1 120 ? -4.576  -3.348  -13.614 1.00 22.87  ? 106 LYS A CB  1 
ATOM   814  C CG  . LYS A 1 120 ? -3.975  -4.724  -13.418 1.00 58.99  ? 106 LYS A CG  1 
ATOM   815  C CD  . LYS A 1 120 ? -2.463  -4.718  -13.537 1.00 33.48  ? 106 LYS A CD  1 
ATOM   816  C CE  . LYS A 1 120 ? -1.954  -6.074  -13.992 1.00 72.58  ? 106 LYS A CE  1 
ATOM   817  N NZ  . LYS A 1 120 ? -0.936  -5.977  -15.049 1.00 41.31  ? 106 LYS A NZ  1 
ATOM   818  N N   . LYS A 1 121 ? -6.852  -1.454  -11.868 1.00 16.57  ? 107 LYS A N   1 
ATOM   819  C CA  . LYS A 1 121 ? -7.613  -0.248  -11.865 1.00 18.55  ? 107 LYS A CA  1 
ATOM   820  C C   . LYS A 1 121 ? -8.757  -0.414  -10.915 1.00 18.95  ? 107 LYS A C   1 
ATOM   821  O O   . LYS A 1 121 ? -8.860  -1.470  -10.291 1.00 27.99  ? 107 LYS A O   1 
ATOM   822  C CB  . LYS A 1 121 ? -8.067  0.098   -13.226 1.00 18.00  ? 107 LYS A CB  1 
ATOM   823  C CG  . LYS A 1 121 ? -9.003  -0.959  -13.797 1.00 24.31  ? 107 LYS A CG  1 
ATOM   824  C CD  . LYS A 1 121 ? -9.394  -0.615  -15.225 1.00 35.72  ? 107 LYS A CD  1 
ATOM   825  C CE  . LYS A 1 121 ? -10.154 -1.722  -15.898 1.00 100.00 ? 107 LYS A CE  1 
ATOM   826  N NZ  . LYS A 1 121 ? -11.139 -2.326  -14.987 1.00 100.00 ? 107 LYS A NZ  1 
ATOM   827  N N   . GLY A 1 122 ? -9.589  0.609   -10.762 1.00 21.41  ? 108 GLY A N   1 
ATOM   828  C CA  . GLY A 1 122 ? -10.766 0.479   -9.899  1.00 26.64  ? 108 GLY A CA  1 
ATOM   829  C C   . GLY A 1 122 ? -11.091 1.759   -9.125  1.00 24.54  ? 108 GLY A C   1 
ATOM   830  O O   . GLY A 1 122 ? -10.287 2.680   -9.073  1.00 28.54  ? 108 GLY A O   1 
ATOM   831  N N   . GLY A 1 123 ? -12.265 1.799   -8.532  1.00 31.01  ? 109 GLY A N   1 
ATOM   832  C CA  . GLY A 1 123 ? -12.599 2.926   -7.646  1.00 33.27  ? 109 GLY A CA  1 
ATOM   833  C C   . GLY A 1 123 ? -11.857 2.737   -6.281  1.00 27.40  ? 109 GLY A C   1 
ATOM   834  O O   . GLY A 1 123 ? -10.991 1.873   -6.176  1.00 21.82  ? 109 GLY A O   1 
ATOM   835  N N   . HIS A 1 124 ? -12.222 3.530   -5.244  1.00 27.10  ? 110 HIS A N   1 
ATOM   836  C CA  . HIS A 1 124 ? -11.573 3.513   -3.912  1.00 17.72  ? 110 HIS A CA  1 
ATOM   837  C C   . HIS A 1 124 ? -12.228 2.604   -2.846  1.00 23.84  ? 110 HIS A C   1 
ATOM   838  O O   . HIS A 1 124 ? -11.708 2.384   -1.723  1.00 18.96  ? 110 HIS A O   1 
ATOM   839  C CB  . HIS A 1 124 ? -11.474 4.945   -3.363  1.00 20.89  ? 110 HIS A CB  1 
ATOM   840  C CG  . HIS A 1 124 ? -12.764 5.681   -3.460  1.00 17.91  ? 110 HIS A CG  1 
ATOM   841  N ND1 . HIS A 1 124 ? -13.841 5.308   -2.702  1.00 19.37  ? 110 HIS A ND1 1 
ATOM   842  C CD2 . HIS A 1 124 ? -13.124 6.717   -4.212  1.00 23.06  ? 110 HIS A CD2 1 
ATOM   843  C CE1 . HIS A 1 124 ? -14.811 6.148   -2.967  1.00 19.14  ? 110 HIS A CE1 1 
ATOM   844  N NE2 . HIS A 1 124 ? -14.398 7.027   -3.849  1.00 20.97  ? 110 HIS A NE2 1 
ATOM   845  N N   . GLY A 1 125 ? -13.414 2.086   -3.151  1.00 17.34  ? 111 GLY A N   1 
ATOM   846  C CA  . GLY A 1 125 ? -14.126 1.246   -2.179  1.00 13.83  ? 111 GLY A CA  1 
ATOM   847  C C   . GLY A 1 125 ? -14.394 1.980   -0.870  1.00 16.99  ? 111 GLY A C   1 
ATOM   848  O O   . GLY A 1 125 ? -14.480 1.372   0.191   1.00 20.37  ? 111 GLY A O   1 
ATOM   849  N N   . ARG A 1 126 ? -14.457 3.316   -0.979  1.00 15.99  ? 112 ARG A N   1 
ATOM   850  C CA  . ARG A 1 126 ? -14.705 4.180   0.192   1.00 19.61  ? 112 ARG A CA  1 
ATOM   851  C C   . ARG A 1 126 ? -13.525 4.244   1.138   1.00 29.25  ? 112 ARG A C   1 
ATOM   852  O O   . ARG A 1 126 ? -13.655 4.620   2.326   1.00 25.14  ? 112 ARG A O   1 
ATOM   853  C CB  . ARG A 1 126 ? -15.994 3.782   0.941   1.00 16.41  ? 112 ARG A CB  1 
ATOM   854  C CG  . ARG A 1 126 ? -17.221 3.920   0.017   1.00 21.64  ? 112 ARG A CG  1 
ATOM   855  C CD  . ARG A 1 126 ? -18.520 3.467   0.701   1.00 24.13  ? 112 ARG A CD  1 
ATOM   856  N NE  . ARG A 1 126 ? -18.387 2.153   1.305   1.00 22.22  ? 112 ARG A NE  1 
ATOM   857  C CZ  . ARG A 1 126 ? -19.147 1.768   2.296   1.00 100.00 ? 112 ARG A CZ  1 
ATOM   858  N NH1 . ARG A 1 126 ? -18.995 0.584   2.893   1.00 57.11  ? 112 ARG A NH1 1 
ATOM   859  N NH2 . ARG A 1 126 ? -20.118 2.600   2.681   1.00 39.86  ? 112 ARG A NH2 1 
ATOM   860  N N   . HIS A 1 127 ? -12.379 3.809   0.634   1.00 15.79  ? 113 HIS A N   1 
ATOM   861  C CA  . HIS A 1 127 ? -11.182 3.886   1.440   1.00 15.12  ? 113 HIS A CA  1 
ATOM   862  C C   . HIS A 1 127 ? -10.687 5.340   1.305   1.00 16.73  ? 113 HIS A C   1 
ATOM   863  O O   . HIS A 1 127 ? -10.431 5.808   0.207   1.00 13.30  ? 113 HIS A O   1 
ATOM   864  C CB  . HIS A 1 127 ? -10.123 2.853   0.916   1.00 14.45  ? 113 HIS A CB  1 
ATOM   865  C CG  . HIS A 1 127 ? -8.889  2.799   1.811   1.00 13.62  ? 113 HIS A CG  1 
ATOM   866  N ND1 . HIS A 1 127 ? -7.931  3.842   1.876   1.00 16.37  ? 113 HIS A ND1 1 
ATOM   867  C CD2 . HIS A 1 127 ? -8.486  1.817   2.657   1.00 12.27  ? 113 HIS A CD2 1 
ATOM   868  C CE1 . HIS A 1 127 ? -6.978  3.442   2.728   1.00 9.58   ? 113 HIS A CE1 1 
ATOM   869  N NE2 . HIS A 1 127 ? -7.294  2.237   3.230   1.00 9.49   ? 113 HIS A NE2 1 
ATOM   870  N N   . ASN A 1 128 ? -10.634 6.064   2.414   1.00 18.12  ? 114 ASN A N   1 
ATOM   871  C CA  . ASN A 1 128 ? -10.299 7.475   2.378   1.00 12.05  ? 114 ASN A CA  1 
ATOM   872  C C   . ASN A 1 128 ? -8.956  7.779   1.749   1.00 17.11  ? 114 ASN A C   1 
ATOM   873  O O   . ASN A 1 128 ? -8.792  8.822   1.069   1.00 15.88  ? 114 ASN A O   1 
ATOM   874  C CB  . ASN A 1 128 ? -10.315 8.041   3.809   1.00 15.04  ? 114 ASN A CB  1 
ATOM   875  C CG  . ASN A 1 128 ? -11.733 8.246   4.265   1.00 37.16  ? 114 ASN A CG  1 
ATOM   876  O OD1 . ASN A 1 128 ? -12.682 7.868   3.562   1.00 23.63  ? 114 ASN A OD1 1 
ATOM   877  N ND2 . ASN A 1 128 ? -11.889 8.854   5.443   1.00 30.46  ? 114 ASN A ND2 1 
ATOM   878  N N   . GLY A 1 129 ? -7.977  6.898   2.025   1.00 15.19  ? 115 GLY A N   1 
ATOM   879  C CA  . GLY A 1 129 ? -6.671  7.121   1.514   1.00 10.91  ? 115 GLY A CA  1 
ATOM   880  C C   . GLY A 1 129 ? -6.665  6.906   0.020   1.00 13.13  ? 115 GLY A C   1 
ATOM   881  O O   . GLY A 1 129 ? -6.053  7.644   -0.747  1.00 15.58  ? 115 GLY A O   1 
ATOM   882  N N   . LEU A 1 130 ? -7.229  5.837   -0.410  1.00 9.59   ? 116 LEU A N   1 
ATOM   883  C CA  . LEU A 1 130 ? -7.271  5.570   -1.861  1.00 14.33  ? 116 LEU A CA  1 
ATOM   884  C C   . LEU A 1 130 ? -8.077  6.657   -2.580  1.00 17.24  ? 116 LEU A C   1 
ATOM   885  O O   . LEU A 1 130 ? -7.707  7.127   -3.637  1.00 14.99  ? 116 LEU A O   1 
ATOM   886  C CB  . LEU A 1 130 ? -7.886  4.183   -2.105  1.00 13.27  ? 116 LEU A CB  1 
ATOM   887  C CG  . LEU A 1 130 ? -7.600  3.536   -3.410  1.00 17.79  ? 116 LEU A CG  1 
ATOM   888  C CD1 . LEU A 1 130 ? -6.101  3.635   -3.755  1.00 29.11  ? 116 LEU A CD1 1 
ATOM   889  C CD2 . LEU A 1 130 ? -7.972  2.055   -3.107  1.00 15.75  ? 116 LEU A CD2 1 
ATOM   890  N N   . GLN A 1 131 ? -9.130  7.096   -1.936  1.00 15.04  ? 117 GLN A N   1 
ATOM   891  C CA  . GLN A 1 131 ? -9.899  8.131   -2.539  1.00 17.38  ? 117 GLN A CA  1 
ATOM   892  C C   . GLN A 1 131 ? -9.057  9.383   -2.745  1.00 20.84  ? 117 GLN A C   1 
ATOM   893  O O   . GLN A 1 131 ? -9.095  9.999   -3.787  1.00 14.13  ? 117 GLN A O   1 
ATOM   894  C CB  . GLN A 1 131 ? -11.115 8.430   -1.656  1.00 17.36  ? 117 GLN A CB  1 
ATOM   895  C CG  . GLN A 1 131 ? -11.912 9.595   -2.273  1.00 20.85  ? 117 GLN A CG  1 
ATOM   896  C CD  . GLN A 1 131 ? -13.064 10.022  -1.394  1.00 39.40  ? 117 GLN A CD  1 
ATOM   897  O OE1 . GLN A 1 131 ? -13.169 9.610   -0.207  1.00 36.94  ? 117 GLN A OE1 1 
ATOM   898  N NE2 . GLN A 1 131 ? -13.926 10.873  -1.949  1.00 100.00 ? 117 GLN A NE2 1 
ATOM   899  N N   . ASN A 1 132 ? -8.323  9.818   -1.726  1.00 17.66  ? 118 ASN A N   1 
ATOM   900  C CA  . ASN A 1 132 ? -7.480  10.983  -1.885  1.00 12.14  ? 118 ASN A CA  1 
ATOM   901  C C   . ASN A 1 132 ? -6.381  10.790  -2.930  1.00 13.88  ? 118 ASN A C   1 
ATOM   902  O O   . ASN A 1 132 ? -5.997  11.746  -3.607  1.00 18.34  ? 118 ASN A O   1 
ATOM   903  C CB  . ASN A 1 132 ? -6.831  11.386  -0.531  1.00 12.95  ? 118 ASN A CB  1 
ATOM   904  C CG  . ASN A 1 132 ? -6.186  12.748  -0.568  1.00 14.63  ? 118 ASN A CG  1 
ATOM   905  O OD1 . ASN A 1 132 ? -4.955  12.881  -0.529  1.00 15.62  ? 118 ASN A OD1 1 
ATOM   906  N ND2 . ASN A 1 132 ? -7.015  13.794  -0.739  1.00 17.08  ? 118 ASN A ND2 1 
ATOM   907  N N   . VAL A 1 133 ? -5.840  9.548   -3.075  1.00 11.54  ? 119 VAL A N   1 
ATOM   908  C CA  . VAL A 1 133 ? -4.787  9.322   -4.118  1.00 8.94   ? 119 VAL A CA  1 
ATOM   909  C C   . VAL A 1 133 ? -5.373  9.534   -5.487  1.00 13.04  ? 119 VAL A C   1 
ATOM   910  O O   . VAL A 1 133 ? -4.805  10.147  -6.330  1.00 16.47  ? 119 VAL A O   1 
ATOM   911  C CB  . VAL A 1 133 ? -4.161  7.915   -4.036  1.00 12.57  ? 119 VAL A CB  1 
ATOM   912  C CG1 . VAL A 1 133 ? -3.252  7.625   -5.234  1.00 17.62  ? 119 VAL A CG1 1 
ATOM   913  C CG2 . VAL A 1 133 ? -3.427  7.705   -2.682  1.00 12.69  ? 119 VAL A CG2 1 
ATOM   914  N N   . ILE A 1 134 ? -6.528  8.978   -5.709  1.00 14.02  ? 120 ILE A N   1 
ATOM   915  C CA  . ILE A 1 134 ? -7.156  9.102   -7.014  1.00 19.27  ? 120 ILE A CA  1 
ATOM   916  C C   . ILE A 1 134 ? -7.383  10.587  -7.380  1.00 16.41  ? 120 ILE A C   1 
ATOM   917  O O   . ILE A 1 134 ? -7.161  11.073  -8.508  1.00 19.77  ? 120 ILE A O   1 
ATOM   918  C CB  . ILE A 1 134 ? -8.478  8.239   -7.123  1.00 19.44  ? 120 ILE A CB  1 
ATOM   919  C CG1 . ILE A 1 134 ? -8.188  6.724   -7.188  1.00 13.77  ? 120 ILE A CG1 1 
ATOM   920  C CG2 . ILE A 1 134 ? -9.321  8.708   -8.352  1.00 16.90  ? 120 ILE A CG2 1 
ATOM   921  C CD1 . ILE A 1 134 ? -9.362  5.810   -6.711  1.00 18.06  ? 120 ILE A CD1 1 
ATOM   922  N N   . GLU A 1 135 ? -7.923  11.297  -6.440  1.00 13.21  ? 121 GLU A N   1 
ATOM   923  C CA  . GLU A 1 135 ? -8.139  12.656  -6.691  1.00 16.16  ? 121 GLU A CA  1 
ATOM   924  C C   . GLU A 1 135 ? -6.804  13.370  -7.066  1.00 26.46  ? 121 GLU A C   1 
ATOM   925  O O   . GLU A 1 135 ? -6.765  14.140  -7.994  1.00 23.69  ? 121 GLU A O   1 
ATOM   926  C CB  . GLU A 1 135 ? -8.824  13.282  -5.447  1.00 32.24  ? 121 GLU A CB  1 
ATOM   927  C CG  . GLU A 1 135 ? -8.469  14.759  -5.219  1.00 78.50  ? 121 GLU A CG  1 
ATOM   928  C CD  . GLU A 1 135 ? -9.213  15.363  -4.075  1.00 73.46  ? 121 GLU A CD  1 
ATOM   929  O OE1 . GLU A 1 135 ? -9.044  16.532  -3.744  1.00 74.07  ? 121 GLU A OE1 1 
ATOM   930  O OE2 . GLU A 1 135 ? -10.086 14.508  -3.515  1.00 43.59  ? 121 GLU A OE2 1 
ATOM   931  N N   . HIS A 1 136 ? -5.695  13.138  -6.327  1.00 16.21  ? 122 HIS A N   1 
ATOM   932  C CA  . HIS A 1 136 ? -4.419  13.755  -6.636  1.00 14.75  ? 122 HIS A CA  1 
ATOM   933  C C   . HIS A 1 136 ? -3.727  13.221  -7.855  1.00 19.88  ? 122 HIS A C   1 
ATOM   934  O O   . HIS A 1 136 ? -2.648  13.703  -8.233  1.00 20.54  ? 122 HIS A O   1 
ATOM   935  C CB  . HIS A 1 136 ? -3.460  13.848  -5.446  1.00 12.58  ? 122 HIS A CB  1 
ATOM   936  C CG  . HIS A 1 136 ? -3.922  14.856  -4.478  1.00 16.36  ? 122 HIS A CG  1 
ATOM   937  N ND1 . HIS A 1 136 ? -3.312  16.091  -4.373  1.00 25.73  ? 122 HIS A ND1 1 
ATOM   938  C CD2 . HIS A 1 136 ? -4.939  14.799  -3.539  1.00 20.11  ? 122 HIS A CD2 1 
ATOM   939  C CE1 . HIS A 1 136 ? -3.948  16.751  -3.392  1.00 20.12  ? 122 HIS A CE1 1 
ATOM   940  N NE2 . HIS A 1 136 ? -4.948  16.024  -2.893  1.00 23.01  ? 122 HIS A NE2 1 
ATOM   941  N N   . LEU A 1 137 ? -4.346  12.196  -8.455  1.00 17.39  ? 123 LEU A N   1 
ATOM   942  C CA  . LEU A 1 137 ? -3.846  11.653  -9.697  1.00 21.05  ? 123 LEU A CA  1 
ATOM   943  C C   . LEU A 1 137 ? -4.767  12.088  -10.859 1.00 29.03  ? 123 LEU A C   1 
ATOM   944  O O   . LEU A 1 137 ? -5.080  11.339  -11.804 1.00 24.16  ? 123 LEU A O   1 
ATOM   945  C CB  . LEU A 1 137 ? -3.654  10.115  -9.686  1.00 20.64  ? 123 LEU A CB  1 
ATOM   946  C CG  . LEU A 1 137 ? -2.563  9.638   -8.686  1.00 17.95  ? 123 LEU A CG  1 
ATOM   947  C CD1 . LEU A 1 137 ? -2.505  8.097   -8.676  1.00 18.56  ? 123 LEU A CD1 1 
ATOM   948  C CD2 . LEU A 1 137 ? -1.226  10.220  -9.006  1.00 18.82  ? 123 LEU A CD2 1 
ATOM   949  N N   . ASP A 1 138 ? -5.308  13.278  -10.692 1.00 40.79  ? 124 ASP A N   1 
ATOM   950  C CA  . ASP A 1 138 ? -6.192  13.841  -11.676 1.00 44.63  ? 124 ASP A CA  1 
ATOM   951  C C   . ASP A 1 138 ? -7.471  13.042  -11.889 1.00 29.50  ? 124 ASP A C   1 
ATOM   952  O O   . ASP A 1 138 ? -7.960  12.953  -13.002 1.00 40.51  ? 124 ASP A O   1 
ATOM   953  C CB  . ASP A 1 138 ? -5.434  13.948  -13.015 1.00 49.34  ? 124 ASP A CB  1 
ATOM   954  C CG  . ASP A 1 138 ? -5.256  15.360  -13.459 1.00 100.00 ? 124 ASP A CG  1 
ATOM   955  O OD1 . ASP A 1 138 ? -6.180  16.195  -13.518 1.00 76.31  ? 124 ASP A OD1 1 
ATOM   956  O OD2 . ASP A 1 138 ? -3.996  15.628  -13.699 1.00 81.91  ? 124 ASP A OD2 1 
ATOM   957  N N   . GLY A 1 139 ? -7.939  12.355  -10.867 1.00 26.96  ? 125 GLY A N   1 
ATOM   958  C CA  . GLY A 1 139 ? -9.138  11.500  -11.008 1.00 15.79  ? 125 GLY A CA  1 
ATOM   959  C C   . GLY A 1 139 ? -8.828  10.158  -11.680 1.00 18.30  ? 125 GLY A C   1 
ATOM   960  O O   . GLY A 1 139 ? -9.642  9.285   -11.732 1.00 31.31  ? 125 GLY A O   1 
ATOM   961  N N   . ARG A 1 140 ? -7.615  9.984   -12.203 1.00 25.48  ? 126 ARG A N   1 
ATOM   962  C CA  . ARG A 1 140 ? -7.283  8.730   -12.828 1.00 20.52  ? 126 ARG A CA  1 
ATOM   963  C C   . ARG A 1 140 ? -7.289  7.513   -11.890 1.00 24.92  ? 126 ARG A C   1 
ATOM   964  O O   . ARG A 1 140 ? -6.786  7.533   -10.793 1.00 23.25  ? 126 ARG A O   1 
ATOM   965  C CB  . ARG A 1 140 ? -5.960  8.835   -13.533 1.00 18.46  ? 126 ARG A CB  1 
ATOM   966  C CG  . ARG A 1 140 ? -5.960  10.010  -14.485 1.00 26.20  ? 126 ARG A CG  1 
ATOM   967  C CD  . ARG A 1 140 ? -4.698  10.139  -15.320 1.00 100.00 ? 126 ARG A CD  1 
ATOM   968  N NE  . ARG A 1 140 ? -3.547  10.672  -14.577 1.00 100.00 ? 126 ARG A NE  1 
ATOM   969  C CZ  . ARG A 1 140 ? -2.311  10.770  -15.093 1.00 100.00 ? 126 ARG A CZ  1 
ATOM   970  N NH1 . ARG A 1 140 ? -1.286  11.266  -14.361 1.00 100.00 ? 126 ARG A NH1 1 
ATOM   971  N NH2 . ARG A 1 140 ? -2.108  10.376  -16.382 1.00 57.28  ? 126 ARG A NH2 1 
ATOM   972  N N   . ARG A 1 141 ? -7.782  6.425   -12.380 1.00 22.26  ? 127 ARG A N   1 
ATOM   973  C CA  . ARG A 1 141 ? -7.917  5.219   -11.599 1.00 23.34  ? 127 ARG A CA  1 
ATOM   974  C C   . ARG A 1 141 ? -7.132  4.049   -12.124 1.00 23.88  ? 127 ARG A C   1 
ATOM   975  O O   . ARG A 1 141 ? -7.089  3.029   -11.491 1.00 19.85  ? 127 ARG A O   1 
ATOM   976  C CB  . ARG A 1 141 ? -9.360  4.777   -11.564 1.00 18.35  ? 127 ARG A CB  1 
ATOM   977  C CG  . ARG A 1 141 ? -10.161 5.820   -10.801 1.00 24.41  ? 127 ARG A CG  1 
ATOM   978  C CD  . ARG A 1 141 ? -11.621 5.403   -10.520 1.00 38.52  ? 127 ARG A CD  1 
ATOM   979  N NE  . ARG A 1 141 ? -12.424 5.116   -11.711 1.00 80.75  ? 127 ARG A NE  1 
ATOM   980  C CZ  . ARG A 1 141 ? -13.048 6.032   -12.474 1.00 100.00 ? 127 ARG A CZ  1 
ATOM   981  N NH1 . ARG A 1 141 ? -12.998 7.333   -12.206 1.00 100.00 ? 127 ARG A NH1 1 
ATOM   982  N NH2 . ARG A 1 141 ? -13.735 5.615   -13.532 1.00 100.00 ? 127 ARG A NH2 1 
ATOM   983  N N   . GLU A 1 142 ? -6.515  4.198   -13.263 1.00 17.51  ? 128 GLU A N   1 
ATOM   984  C CA  . GLU A 1 142 ? -5.839  3.093   -13.860 1.00 25.06  ? 128 GLU A CA  1 
ATOM   985  C C   . GLU A 1 142 ? -4.436  2.830   -13.336 1.00 24.13  ? 128 GLU A C   1 
ATOM   986  O O   . GLU A 1 142 ? -3.459  2.692   -14.122 1.00 23.48  ? 128 GLU A O   1 
ATOM   987  C CB  . GLU A 1 142 ? -5.868  3.125   -15.418 1.00 23.14  ? 128 GLU A CB  1 
ATOM   988  C CG  . GLU A 1 142 ? -7.287  3.330   -16.046 1.00 47.78  ? 128 GLU A CG  1 
ATOM   989  C CD  . GLU A 1 142 ? -7.996  4.641   -15.692 1.00 100.00 ? 128 GLU A CD  1 
ATOM   990  O OE1 . GLU A 1 142 ? -9.208  4.704   -15.520 1.00 100.00 ? 128 GLU A OE1 1 
ATOM   991  O OE2 . GLU A 1 142 ? -7.205  5.718   -15.660 1.00 30.73  ? 128 GLU A OE2 1 
ATOM   992  N N   . PHE A 1 143 ? -4.350  2.775   -12.041 1.00 16.26  ? 129 PHE A N   1 
ATOM   993  C CA  . PHE A 1 143 ? -3.097  2.432   -11.424 1.00 19.25  ? 129 PHE A CA  1 
ATOM   994  C C   . PHE A 1 143 ? -3.274  1.098   -10.684 1.00 16.41  ? 129 PHE A C   1 
ATOM   995  O O   . PHE A 1 143 ? -4.330  0.800   -10.185 1.00 13.04  ? 129 PHE A O   1 
ATOM   996  C CB  . PHE A 1 143 ? -2.525  3.567   -10.523 1.00 13.88  ? 129 PHE A CB  1 
ATOM   997  C CG  . PHE A 1 143 ? -3.447  4.001   -9.426  1.00 17.34  ? 129 PHE A CG  1 
ATOM   998  C CD1 . PHE A 1 143 ? -3.427  3.375   -8.178  1.00 14.37  ? 129 PHE A CD1 1 
ATOM   999  C CD2 . PHE A 1 143 ? -4.372  5.020   -9.656  1.00 18.35  ? 129 PHE A CD2 1 
ATOM   1000 C CE1 . PHE A 1 143 ? -4.291  3.759   -7.153  1.00 15.07  ? 129 PHE A CE1 1 
ATOM   1001 C CE2 . PHE A 1 143 ? -5.256  5.406   -8.648  1.00 15.77  ? 129 PHE A CE2 1 
ATOM   1002 C CZ  . PHE A 1 143 ? -5.219  4.767   -7.403  1.00 21.15  ? 129 PHE A CZ  1 
ATOM   1003 N N   . PRO A 1 144 ? -2.242  0.308   -10.588 1.00 13.85  ? 130 PRO A N   1 
ATOM   1004 C CA  . PRO A 1 144 ? -2.362  -0.946  -9.887  1.00 14.12  ? 130 PRO A CA  1 
ATOM   1005 C C   . PRO A 1 144 ? -2.463  -0.809  -8.336  1.00 18.15  ? 130 PRO A C   1 
ATOM   1006 O O   . PRO A 1 144 ? -1.881  0.079   -7.746  1.00 10.89  ? 130 PRO A O   1 
ATOM   1007 C CB  . PRO A 1 144 ? -1.084  -1.714  -10.201 1.00 10.14  ? 130 PRO A CB  1 
ATOM   1008 C CG  . PRO A 1 144 ? -0.110  -0.643  -10.630 1.00 10.50  ? 130 PRO A CG  1 
ATOM   1009 C CD  . PRO A 1 144 ? -0.907  0.501   -11.175 1.00 16.35  ? 130 PRO A CD  1 
ATOM   1010 N N   . ARG A 1 145 ? -3.176  -1.784  -7.730  1.00 11.47  ? 131 ARG A N   1 
ATOM   1011 C CA  . ARG A 1 145 ? -3.382  -1.835  -6.301  1.00 10.09  ? 131 ARG A CA  1 
ATOM   1012 C C   . ARG A 1 145 ? -3.234  -3.194  -5.818  1.00 8.76   ? 131 ARG A C   1 
ATOM   1013 O O   . ARG A 1 145 ? -3.818  -4.126  -6.368  1.00 12.11  ? 131 ARG A O   1 
ATOM   1014 C CB  . ARG A 1 145 ? -4.816  -1.500  -5.895  1.00 19.82  ? 131 ARG A CB  1 
ATOM   1015 C CG  . ARG A 1 145 ? -5.402  -0.267  -6.497  1.00 27.61  ? 131 ARG A CG  1 
ATOM   1016 C CD  . ARG A 1 145 ? -6.061  -0.565  -7.808  1.00 17.92  ? 131 ARG A CD  1 
ATOM   1017 N NE  . ARG A 1 145 ? -6.433  0.701   -8.436  1.00 16.77  ? 131 ARG A NE  1 
ATOM   1018 C CZ  . ARG A 1 145 ? -7.519  1.357   -8.127  1.00 25.46  ? 131 ARG A CZ  1 
ATOM   1019 N NH1 . ARG A 1 145 ? -8.381  0.878   -7.215  1.00 14.90  ? 131 ARG A NH1 1 
ATOM   1020 N NH2 . ARG A 1 145 ? -7.776  2.506   -8.755  1.00 29.20  ? 131 ARG A NH2 1 
ATOM   1021 N N   . LEU A 1 146 ? -2.652  -3.316  -4.624  1.00 7.19   ? 132 LEU A N   1 
ATOM   1022 C CA  . LEU A 1 146 ? -2.610  -4.588  -3.930  1.00 7.14   ? 132 LEU A CA  1 
ATOM   1023 C C   . LEU A 1 146 ? -3.422  -4.394  -2.666  1.00 8.95   ? 132 LEU A C   1 
ATOM   1024 O O   . LEU A 1 146 ? -3.043  -3.626  -1.751  1.00 8.76   ? 132 LEU A O   1 
ATOM   1025 C CB  . LEU A 1 146 ? -1.189  -5.023  -3.543  1.00 10.03  ? 132 LEU A CB  1 
ATOM   1026 C CG  . LEU A 1 146 ? -1.123  -6.335  -2.767  1.00 13.74  ? 132 LEU A CG  1 
ATOM   1027 C CD1 . LEU A 1 146 ? -1.468  -7.539  -3.655  1.00 12.10  ? 132 LEU A CD1 1 
ATOM   1028 C CD2 . LEU A 1 146 ? 0.281   -6.489  -2.193  1.00 12.33  ? 132 LEU A CD2 1 
ATOM   1029 N N   . SER A 1 147 ? -4.625  -5.054  -2.623  1.00 13.54  ? 133 SER A N   1 
ATOM   1030 C CA  . SER A 1 147 ? -5.513  -4.929  -1.458  1.00 15.69  ? 133 SER A CA  1 
ATOM   1031 C C   . SER A 1 147 ? -5.070  -5.962  -0.461  1.00 14.96  ? 133 SER A C   1 
ATOM   1032 O O   . SER A 1 147 ? -4.776  -7.110  -0.865  1.00 14.30  ? 133 SER A O   1 
ATOM   1033 C CB  . SER A 1 147 ? -6.989  -5.276  -1.819  1.00 12.07  ? 133 SER A CB  1 
ATOM   1034 O OG  . SER A 1 147 ? -7.501  -4.344  -2.741  1.00 21.85  ? 133 SER A OG  1 
ATOM   1035 N N   . ILE A 1 148 ? -5.030  -5.582  0.808   1.00 11.09  ? 134 ILE A N   1 
ATOM   1036 C CA  . ILE A 1 148 ? -4.704  -6.498  1.893   1.00 8.70   ? 134 ILE A CA  1 
ATOM   1037 C C   . ILE A 1 148 ? -5.970  -6.643  2.747   1.00 11.53  ? 134 ILE A C   1 
ATOM   1038 O O   . ILE A 1 148 ? -6.339  -5.700  3.425   1.00 11.49  ? 134 ILE A O   1 
ATOM   1039 C CB  . ILE A 1 148 ? -3.560  -6.015  2.809   1.00 11.70  ? 134 ILE A CB  1 
ATOM   1040 C CG1 . ILE A 1 148 ? -2.296  -5.954  1.991   1.00 11.45  ? 134 ILE A CG1 1 
ATOM   1041 C CG2 . ILE A 1 148 ? -3.358  -7.025  3.917   1.00 9.97   ? 134 ILE A CG2 1 
ATOM   1042 C CD1 . ILE A 1 148 ? -1.189  -5.144  2.678   1.00 11.92  ? 134 ILE A CD1 1 
ATOM   1043 N N   . GLY A 1 149 ? -6.664  -7.827  2.643   1.00 11.94  ? 135 GLY A N   1 
ATOM   1044 C CA  . GLY A 1 149 ? -7.933  -7.978  3.346   1.00 11.03  ? 135 GLY A CA  1 
ATOM   1045 C C   . GLY A 1 149 ? -7.775  -7.862  4.842   1.00 14.45  ? 135 GLY A C   1 
ATOM   1046 O O   . GLY A 1 149 ? -6.845  -8.374  5.463   1.00 13.71  ? 135 GLY A O   1 
ATOM   1047 N N   . ILE A 1 150 ? -8.714  -7.170  5.422   1.00 12.06  ? 136 ILE A N   1 
ATOM   1048 C CA  . ILE A 1 150 ? -8.797  -7.072  6.904   1.00 18.80  ? 136 ILE A CA  1 
ATOM   1049 C C   . ILE A 1 150 ? -10.219 -7.490  7.466   1.00 18.09  ? 136 ILE A C   1 
ATOM   1050 O O   . ILE A 1 150 ? -10.449 -7.481  8.658   1.00 18.00  ? 136 ILE A O   1 
ATOM   1051 C CB  . ILE A 1 150 ? -8.365  -5.686  7.441   1.00 14.26  ? 136 ILE A CB  1 
ATOM   1052 C CG1 . ILE A 1 150 ? -9.272  -4.531  6.891   1.00 13.56  ? 136 ILE A CG1 1 
ATOM   1053 C CG2 . ILE A 1 150 ? -6.883  -5.465  7.124   1.00 10.66  ? 136 ILE A CG2 1 
ATOM   1054 C CD1 . ILE A 1 150 ? -9.250  -3.262  7.768   1.00 9.94   ? 136 ILE A CD1 1 
ATOM   1055 N N   . GLY A 1 151 ? -11.133 -7.828  6.570   1.00 18.52  ? 137 GLY A N   1 
ATOM   1056 C CA  . GLY A 1 151 ? -12.507 -8.210  6.901   1.00 24.04  ? 137 GLY A CA  1 
ATOM   1057 C C   . GLY A 1 151 ? -13.307 -7.033  7.390   1.00 27.84  ? 137 GLY A C   1 
ATOM   1058 O O   . GLY A 1 151 ? -12.827 -5.949  7.360   1.00 17.32  ? 137 GLY A O   1 
ATOM   1059 N N   . SER A 1 152 ? -14.551 -7.250  7.874   1.00 16.78  ? 138 SER A N   1 
ATOM   1060 C CA  . SER A 1 152 ? -15.299 -6.169  8.412   1.00 15.52  ? 138 SER A CA  1 
ATOM   1061 C C   . SER A 1 152 ? -15.215 -6.243  9.924   1.00 14.76  ? 138 SER A C   1 
ATOM   1062 O O   . SER A 1 152 ? -14.786 -7.281  10.483  1.00 19.92  ? 138 SER A O   1 
ATOM   1063 C CB  . SER A 1 152 ? -16.782 -6.131  7.981   1.00 31.08  ? 138 SER A CB  1 
ATOM   1064 O OG  A SER A 1 152 ? -16.965 -6.486  6.614   0.50 15.50  ? 138 SER A OG  1 
ATOM   1065 O OG  B SER A 1 152 ? -17.347 -7.398  8.165   0.50 20.18  ? 138 SER A OG  1 
ATOM   1066 N N   . PRO A 1 153 ? -15.714 -5.153  10.568  1.00 18.35  ? 139 PRO A N   1 
ATOM   1067 C CA  . PRO A 1 153 ? -15.737 -5.050  11.998  1.00 24.48  ? 139 PRO A CA  1 
ATOM   1068 C C   . PRO A 1 153 ? -16.672 -6.049  12.556  1.00 24.84  ? 139 PRO A C   1 
ATOM   1069 O O   . PRO A 1 153 ? -17.732 -6.240  11.997  1.00 34.51  ? 139 PRO A O   1 
ATOM   1070 C CB  . PRO A 1 153 ? -16.242 -3.663  12.300  1.00 27.83  ? 139 PRO A CB  1 
ATOM   1071 C CG  . PRO A 1 153 ? -16.365 -2.902  10.973  1.00 21.21  ? 139 PRO A CG  1 
ATOM   1072 C CD  . PRO A 1 153 ? -16.118 -3.903  9.865   1.00 21.30  ? 139 PRO A CD  1 
ATOM   1073 N N   . PRO A 1 154 ? -16.212 -6.781  13.539  1.00 24.76  ? 140 PRO A N   1 
ATOM   1074 C CA  . PRO A 1 154 ? -17.012 -7.793  14.213  1.00 27.49  ? 140 PRO A CA  1 
ATOM   1075 C C   . PRO A 1 154 ? -18.306 -7.202  14.776  1.00 25.01  ? 140 PRO A C   1 
ATOM   1076 O O   . PRO A 1 154 ? -18.365 -6.053  15.164  1.00 29.71  ? 140 PRO A O   1 
ATOM   1077 C CB  . PRO A 1 154 ? -16.190 -8.227  15.403  1.00 25.70  ? 140 PRO A CB  1 
ATOM   1078 C CG  . PRO A 1 154 ? -15.247 -7.071  15.702  1.00 24.85  ? 140 PRO A CG  1 
ATOM   1079 C CD  . PRO A 1 154 ? -15.207 -6.203  14.449  1.00 32.54  ? 140 PRO A CD  1 
ATOM   1080 N N   . GLY A 1 155 ? -19.320 -8.015  14.860  1.00 28.87  ? 141 GLY A N   1 
ATOM   1081 C CA  . GLY A 1 155 ? -20.612 -7.578  15.370  1.00 28.67  ? 141 GLY A CA  1 
ATOM   1082 C C   . GLY A 1 155 ? -20.978 -6.118  15.040  1.00 21.95  ? 141 GLY A C   1 
ATOM   1083 O O   . GLY A 1 155 ? -21.040 -5.687  13.872  1.00 27.30  ? 141 GLY A O   1 
ATOM   1084 N N   . LYS A 1 156 ? -21.189 -5.313  16.104  1.00 31.82  ? 142 LYS A N   1 
ATOM   1085 C CA  . LYS A 1 156 ? -21.528 -3.909  15.903  1.00 26.59  ? 142 LYS A CA  1 
ATOM   1086 C C   . LYS A 1 156 ? -20.345 -2.954  16.168  1.00 60.61  ? 142 LYS A C   1 
ATOM   1087 O O   . LYS A 1 156 ? -20.460 -1.736  16.016  1.00 42.13  ? 142 LYS A O   1 
ATOM   1088 C CB  . LYS A 1 156 ? -22.749 -3.490  16.685  1.00 50.51  ? 142 LYS A CB  1 
ATOM   1089 C CG  . LYS A 1 156 ? -23.926 -4.422  16.447  1.00 40.52  ? 142 LYS A CG  1 
ATOM   1090 C CD  . LYS A 1 156 ? -24.460 -4.356  15.050  1.00 100.00 ? 142 LYS A CD  1 
ATOM   1091 C CE  . LYS A 1 156 ? -25.028 -5.696  14.583  1.00 100.00 ? 142 LYS A CE  1 
ATOM   1092 N NZ  . LYS A 1 156 ? -25.603 -5.631  13.226  1.00 100.00 ? 142 LYS A NZ  1 
ATOM   1093 N N   . MET A 1 157 ? -19.196 -3.512  16.535  1.00 25.89  ? 143 MET A N   1 
ATOM   1094 C CA  . MET A 1 157 ? -18.054 -2.661  16.764  1.00 26.78  ? 143 MET A CA  1 
ATOM   1095 C C   . MET A 1 157 ? -18.004 -1.538  15.748  1.00 21.04  ? 143 MET A C   1 
ATOM   1096 O O   . MET A 1 157 ? -18.247 -1.737  14.553  1.00 23.00  ? 143 MET A O   1 
ATOM   1097 C CB  . MET A 1 157 ? -16.775 -3.480  16.621  1.00 23.18  ? 143 MET A CB  1 
ATOM   1098 C CG  . MET A 1 157 ? -15.547 -2.636  16.710  1.00 20.95  ? 143 MET A CG  1 
ATOM   1099 S SD  . MET A 1 157 ? -14.106 -3.675  16.962  1.00 23.70  ? 143 MET A SD  1 
ATOM   1100 C CE  . MET A 1 157 ? -12.860 -2.448  17.552  1.00 20.09  ? 143 MET A CE  1 
ATOM   1101 N N   . ASP A 1 158 ? -17.670 -0.365  16.227  1.00 32.73  ? 144 ASP A N   1 
ATOM   1102 C CA  . ASP A 1 158 ? -17.548 0.858   15.395  1.00 22.03  ? 144 ASP A CA  1 
ATOM   1103 C C   . ASP A 1 158 ? -16.461 0.632   14.317  1.00 48.82  ? 144 ASP A C   1 
ATOM   1104 O O   . ASP A 1 158 ? -15.318 0.313   14.656  1.00 28.36  ? 144 ASP A O   1 
ATOM   1105 C CB  . ASP A 1 158 ? -17.150 2.130   16.278  1.00 28.41  ? 144 ASP A CB  1 
ATOM   1106 C CG  . ASP A 1 158 ? -16.867 3.386   15.468  1.00 30.82  ? 144 ASP A CG  1 
ATOM   1107 O OD1 . ASP A 1 158 ? -15.768 3.947   15.386  1.00 27.86  ? 144 ASP A OD1 1 
ATOM   1108 O OD2 . ASP A 1 158 ? -17.894 3.727   14.775  1.00 31.66  ? 144 ASP A OD2 1 
ATOM   1109 N N   . PRO A 1 159 ? -16.814 0.869   13.032  1.00 30.47  ? 145 PRO A N   1 
ATOM   1110 C CA  . PRO A 1 159 ? -15.893 0.657   11.874  1.00 32.18  ? 145 PRO A CA  1 
ATOM   1111 C C   . PRO A 1 159 ? -14.544 1.362   12.032  1.00 23.03  ? 145 PRO A C   1 
ATOM   1112 O O   . PRO A 1 159 ? -13.461 0.756   11.852  1.00 21.25  ? 145 PRO A O   1 
ATOM   1113 C CB  . PRO A 1 159 ? -16.627 1.195   10.647  1.00 24.87  ? 145 PRO A CB  1 
ATOM   1114 C CG  . PRO A 1 159 ? -17.880 1.918   11.148  1.00 28.33  ? 145 PRO A CG  1 
ATOM   1115 C CD  . PRO A 1 159 ? -18.048 1.591   12.610  1.00 33.16  ? 145 PRO A CD  1 
ATOM   1116 N N   . ARG A 1 160 ? -14.647 2.639   12.399  1.00 18.80  ? 146 ARG A N   1 
ATOM   1117 C CA  . ARG A 1 160 ? -13.525 3.505   12.675  1.00 19.21  ? 146 ARG A CA  1 
ATOM   1118 C C   . ARG A 1 160 ? -12.620 2.974   13.739  1.00 27.46  ? 146 ARG A C   1 
ATOM   1119 O O   . ARG A 1 160 ? -11.417 2.966   13.599  1.00 25.81  ? 146 ARG A O   1 
ATOM   1120 C CB  . ARG A 1 160 ? -13.913 4.960   12.972  1.00 26.27  ? 146 ARG A CB  1 
ATOM   1121 C CG  . ARG A 1 160 ? -12.632 5.804   13.102  1.00 47.88  ? 146 ARG A CG  1 
ATOM   1122 C CD  . ARG A 1 160 ? -12.881 7.205   13.657  1.00 100.00 ? 146 ARG A CD  1 
ATOM   1123 N NE  . ARG A 1 160 ? -11.657 8.018   13.788  1.00 100.00 ? 146 ARG A NE  1 
ATOM   1124 C CZ  . ARG A 1 160 ? -11.592 9.391   13.910  1.00 100.00 ? 146 ARG A CZ  1 
ATOM   1125 N NH1 . ARG A 1 160 ? -12.688 10.190  13.904  1.00 100.00 ? 146 ARG A NH1 1 
ATOM   1126 N NH2 . ARG A 1 160 ? -10.371 9.993   13.998  1.00 100.00 ? 146 ARG A NH2 1 
ATOM   1127 N N   . ALA A 1 161 ? -13.212 2.505   14.817  1.00 21.07  ? 147 ALA A N   1 
ATOM   1128 C CA  . ALA A 1 161 ? -12.464 1.957   15.891  1.00 22.58  ? 147 ALA A CA  1 
ATOM   1129 C C   . ALA A 1 161 ? -11.713 0.730   15.424  1.00 14.46  ? 147 ALA A C   1 
ATOM   1130 O O   . ALA A 1 161 ? -10.607 0.449   15.849  1.00 19.97  ? 147 ALA A O   1 
ATOM   1131 C CB  . ALA A 1 161 ? -13.456 1.476   16.965  1.00 22.59  ? 147 ALA A CB  1 
ATOM   1132 N N   . PHE A 1 162 ? -12.394 -0.042  14.613  1.00 17.74  ? 148 PHE A N   1 
ATOM   1133 C CA  . PHE A 1 162 ? -11.860 -1.263  14.099  1.00 21.07  ? 148 PHE A CA  1 
ATOM   1134 C C   . PHE A 1 162 ? -10.608 -0.979  13.275  1.00 12.86  ? 148 PHE A C   1 
ATOM   1135 O O   . PHE A 1 162 ? -9.620  -1.687  13.361  1.00 16.28  ? 148 PHE A O   1 
ATOM   1136 C CB  . PHE A 1 162 ? -12.949 -1.904  13.227  1.00 22.10  ? 148 PHE A CB  1 
ATOM   1137 C CG  . PHE A 1 162 ? -12.535 -3.140  12.520  1.00 20.30  ? 148 PHE A CG  1 
ATOM   1138 C CD1 . PHE A 1 162 ? -12.236 -4.305  13.224  1.00 19.22  ? 148 PHE A CD1 1 
ATOM   1139 C CD2 . PHE A 1 162 ? -12.454 -3.147  11.125  1.00 22.19  ? 148 PHE A CD2 1 
ATOM   1140 C CE1 . PHE A 1 162 ? -11.839 -5.487  12.593  1.00 22.97  ? 148 PHE A CE1 1 
ATOM   1141 C CE2 . PHE A 1 162 ? -12.075 -4.319  10.468  1.00 22.45  ? 148 PHE A CE2 1 
ATOM   1142 C CZ  . PHE A 1 162 ? -11.767 -5.474  11.205  1.00 30.43  ? 148 PHE A CZ  1 
ATOM   1143 N N   . LEU A 1 163 ? -10.635 0.086   12.529  1.00 16.86  ? 149 LEU A N   1 
ATOM   1144 C CA  . LEU A 1 163 ? -9.461  0.397   11.702  1.00 16.60  ? 149 LEU A CA  1 
ATOM   1145 C C   . LEU A 1 163 ? -8.300  0.760   12.496  1.00 12.27  ? 149 LEU A C   1 
ATOM   1146 O O   . LEU A 1 163 ? -7.146  0.594   12.073  1.00 13.39  ? 149 LEU A O   1 
ATOM   1147 C CB  . LEU A 1 163 ? -9.706  1.543   10.717  1.00 11.94  ? 149 LEU A CB  1 
ATOM   1148 C CG  . LEU A 1 163 ? -10.757 1.270   9.647   1.00 13.64  ? 149 LEU A CG  1 
ATOM   1149 C CD1 . LEU A 1 163 ? -11.062 2.599   8.881   1.00 17.57  ? 149 LEU A CD1 1 
ATOM   1150 C CD2 . LEU A 1 163 ? -10.315 0.173   8.668   1.00 14.05  ? 149 LEU A CD2 1 
ATOM   1151 N N   . LEU A 1 164 ? -8.600  1.376   13.621  1.00 12.10  ? 150 LEU A N   1 
ATOM   1152 C CA  . LEU A 1 164 ? -7.591  1.965   14.391  1.00 10.20  ? 150 LEU A CA  1 
ATOM   1153 C C   . LEU A 1 164 ? -7.183  1.166   15.558  1.00 16.12  ? 150 LEU A C   1 
ATOM   1154 O O   . LEU A 1 164 ? -6.512  1.683   16.443  1.00 20.16  ? 150 LEU A O   1 
ATOM   1155 C CB  . LEU A 1 164 ? -7.981  3.401   14.840  1.00 14.38  ? 150 LEU A CB  1 
ATOM   1156 C CG  . LEU A 1 164 ? -8.260  4.350   13.705  1.00 18.26  ? 150 LEU A CG  1 
ATOM   1157 C CD1 . LEU A 1 164 ? -8.506  5.735   14.309  1.00 20.54  ? 150 LEU A CD1 1 
ATOM   1158 C CD2 . LEU A 1 164 ? -7.085  4.422   12.702  1.00 18.56  ? 150 LEU A CD2 1 
ATOM   1159 N N   . GLN A 1 165 ? -7.472  -0.119  15.474  1.00 15.25  ? 151 GLN A N   1 
ATOM   1160 C CA  . GLN A 1 165 ? -7.066  -1.153  16.462  1.00 15.32  ? 151 GLN A CA  1 
ATOM   1161 C C   . GLN A 1 165 ? -6.103  -2.133  15.868  1.00 15.57  ? 151 GLN A C   1 
ATOM   1162 O O   . GLN A 1 165 ? -5.934  -2.217  14.676  1.00 16.21  ? 151 GLN A O   1 
ATOM   1163 C CB  . GLN A 1 165 ? -8.269  -1.918  16.980  1.00 18.89  ? 151 GLN A CB  1 
ATOM   1164 C CG  . GLN A 1 165 ? -8.823  -1.154  18.222  1.00 31.80  ? 151 GLN A CG  1 
ATOM   1165 C CD  . GLN A 1 165 ? -7.927  -1.403  19.438  1.00 100.00 ? 151 GLN A CD  1 
ATOM   1166 O OE1 . GLN A 1 165 ? -8.207  -0.917  20.556  1.00 75.46  ? 151 GLN A OE1 1 
ATOM   1167 N NE2 . GLN A 1 165 ? -6.839  -2.175  19.221  1.00 100.00 ? 151 GLN A NE2 1 
ATOM   1168 N N   . LYS A 1 166 ? -5.405  -2.814  16.709  1.00 14.54  ? 152 LYS A N   1 
ATOM   1169 C CA  . LYS A 1 166 ? -4.415  -3.776  16.237  1.00 11.38  ? 152 LYS A CA  1 
ATOM   1170 C C   . LYS A 1 166 ? -5.089  -5.081  15.838  1.00 17.84  ? 152 LYS A C   1 
ATOM   1171 O O   . LYS A 1 166 ? -6.218  -5.381  16.220  1.00 19.03  ? 152 LYS A O   1 
ATOM   1172 C CB  . LYS A 1 166 ? -3.425  -3.997  17.376  1.00 17.57  ? 152 LYS A CB  1 
ATOM   1173 C CG  . LYS A 1 166 ? -2.558  -2.732  17.573  1.00 18.13  ? 152 LYS A CG  1 
ATOM   1174 C CD  . LYS A 1 166 ? -1.189  -2.977  18.245  1.00 28.58  ? 152 LYS A CD  1 
ATOM   1175 C CE  . LYS A 1 166 ? -0.530  -1.703  18.800  1.00 92.16  ? 152 LYS A CE  1 
ATOM   1176 N NZ  . LYS A 1 166 ? 0.837   -1.904  19.332  1.00 95.84  ? 152 LYS A NZ  1 
ATOM   1177 N N   . PHE A 1 167 ? -4.396  -5.895  15.080  1.00 12.61  ? 153 PHE A N   1 
ATOM   1178 C CA  . PHE A 1 167 ? -4.941  -7.136  14.693  1.00 9.14   ? 153 PHE A CA  1 
ATOM   1179 C C   . PHE A 1 167 ? -4.945  -8.042  15.903  1.00 11.98  ? 153 PHE A C   1 
ATOM   1180 O O   . PHE A 1 167 ? -4.002  -7.984  16.714  1.00 14.17  ? 153 PHE A O   1 
ATOM   1181 C CB  . PHE A 1 167 ? -4.022  -7.786  13.652  1.00 13.46  ? 153 PHE A CB  1 
ATOM   1182 C CG  . PHE A 1 167 ? -4.082  -7.123  12.283  1.00 13.50  ? 153 PHE A CG  1 
ATOM   1183 C CD1 . PHE A 1 167 ? -3.045  -6.297  11.851  1.00 14.29  ? 153 PHE A CD1 1 
ATOM   1184 C CD2 . PHE A 1 167 ? -5.203  -7.288  11.456  1.00 13.14  ? 153 PHE A CD2 1 
ATOM   1185 C CE1 . PHE A 1 167 ? -3.079  -5.762  10.549  1.00 10.39  ? 153 PHE A CE1 1 
ATOM   1186 C CE2 . PHE A 1 167 ? -5.259  -6.746  10.170  1.00 13.45  ? 153 PHE A CE2 1 
ATOM   1187 C CZ  . PHE A 1 167 ? -4.228  -5.882  9.775   1.00 11.40  ? 153 PHE A CZ  1 
ATOM   1188 N N   . SER A 1 168 ? -5.924  -8.934  15.950  1.00 15.10  ? 154 SER A N   1 
ATOM   1189 C CA  . SER A 1 168 ? -5.968  -9.977  16.991  1.00 18.33  ? 154 SER A CA  1 
ATOM   1190 C C   . SER A 1 168 ? -4.820  -10.924 16.826  1.00 24.57  ? 154 SER A C   1 
ATOM   1191 O O   . SER A 1 168 ? -4.132  -10.939 15.793  1.00 20.61  ? 154 SER A O   1 
ATOM   1192 C CB  . SER A 1 168 ? -7.279  -10.745 17.052  1.00 21.24  ? 154 SER A CB  1 
ATOM   1193 O OG  . SER A 1 168 ? -7.416  -11.574 15.920  1.00 20.22  ? 154 SER A OG  1 
ATOM   1194 N N   . SER A 1 169 ? -4.594  -11.753 17.832  1.00 15.45  ? 155 SER A N   1 
ATOM   1195 C CA  . SER A 1 169 ? -3.499  -12.698 17.742  1.00 13.30  ? 155 SER A CA  1 
ATOM   1196 C C   . SER A 1 169 ? -3.652  -13.579 16.537  1.00 16.59  ? 155 SER A C   1 
ATOM   1197 O O   . SER A 1 169 ? -2.666  -13.926 15.823  1.00 21.67  ? 155 SER A O   1 
ATOM   1198 C CB  . SER A 1 169 ? -3.539  -13.633 18.959  1.00 22.33  ? 155 SER A CB  1 
ATOM   1199 O OG  . SER A 1 169 ? -3.124  -12.966 20.110  1.00 31.80  ? 155 SER A OG  1 
ATOM   1200 N N   . GLU A 1 170 ? -4.898  -14.008 16.330  1.00 17.04  ? 156 GLU A N   1 
ATOM   1201 C CA  . GLU A 1 170 ? -5.119  -14.926 15.223  1.00 28.60  ? 156 GLU A CA  1 
ATOM   1202 C C   . GLU A 1 170 ? -4.956  -14.225 13.863  1.00 29.13  ? 156 GLU A C   1 
ATOM   1203 O O   . GLU A 1 170 ? -4.363  -14.769 12.954  1.00 17.85  ? 156 GLU A O   1 
ATOM   1204 C CB  . GLU A 1 170 ? -6.464  -15.657 15.329  1.00 31.91  ? 156 GLU A CB  1 
ATOM   1205 C CG  . GLU A 1 170 ? -6.624  -16.460 16.662  1.00 24.21  ? 156 GLU A CG  1 
ATOM   1206 C CD  . GLU A 1 170 ? -6.853  -15.592 17.871  1.00 100.00 ? 156 GLU A CD  1 
ATOM   1207 O OE1 . GLU A 1 170 ? -7.252  -14.445 17.808  1.00 28.18  ? 156 GLU A OE1 1 
ATOM   1208 O OE2 . GLU A 1 170 ? -6.555  -16.193 18.997  1.00 100.00 ? 156 GLU A OE2 1 
ATOM   1209 N N   . GLU A 1 171 ? -5.462  -12.970 13.793  1.00 26.30  ? 157 GLU A N   1 
ATOM   1210 C CA  . GLU A 1 171 ? -5.409  -12.132 12.576  1.00 15.13  ? 157 GLU A CA  1 
ATOM   1211 C C   . GLU A 1 171 ? -4.032  -11.901 12.212  1.00 12.87  ? 157 GLU A C   1 
ATOM   1212 O O   . GLU A 1 171 ? -3.650  -12.001 11.047  1.00 20.32  ? 157 GLU A O   1 
ATOM   1213 C CB  . GLU A 1 171 ? -6.114  -10.817 12.799  1.00 14.38  ? 157 GLU A CB  1 
ATOM   1214 C CG  . GLU A 1 171 ? -7.626  -11.082 12.776  1.00 13.53  ? 157 GLU A CG  1 
ATOM   1215 C CD  . GLU A 1 171 ? -8.397  -9.951  13.380  1.00 21.24  ? 157 GLU A CD  1 
ATOM   1216 O OE1 . GLU A 1 171 ? -7.871  -8.913  13.724  1.00 21.47  ? 157 GLU A OE1 1 
ATOM   1217 O OE2 . GLU A 1 171 ? -9.707  -10.150 13.383  1.00 23.71  ? 157 GLU A OE2 1 
ATOM   1218 N N   . ARG A 1 172 ? -3.254  -11.683 13.221  1.00 9.91   ? 158 ARG A N   1 
ATOM   1219 C CA  . ARG A 1 172 ? -1.834  -11.408 13.033  1.00 18.25  ? 158 ARG A CA  1 
ATOM   1220 C C   . ARG A 1 172 ? -1.081  -12.510 12.284  1.00 20.80  ? 158 ARG A C   1 
ATOM   1221 O O   . ARG A 1 172 ? -0.234  -12.266 11.424  1.00 18.60  ? 158 ARG A O   1 
ATOM   1222 C CB  . ARG A 1 172 ? -1.222  -11.028 14.380  1.00 16.28  ? 158 ARG A CB  1 
ATOM   1223 C CG  . ARG A 1 172 ? 0.285   -10.928 14.403  1.00 26.35  ? 158 ARG A CG  1 
ATOM   1224 C CD  . ARG A 1 172 ? 0.819   -10.240 13.163  1.00 67.19  ? 158 ARG A CD  1 
ATOM   1225 N NE  . ARG A 1 172 ? 0.588   -8.812  13.230  1.00 22.30  ? 158 ARG A NE  1 
ATOM   1226 C CZ  . ARG A 1 172 ? 0.916   -7.889  12.228  1.00 18.27  ? 158 ARG A CZ  1 
ATOM   1227 N NH1 . ARG A 1 172 ? 1.472   -8.176  11.083  1.00 12.23  ? 158 ARG A NH1 1 
ATOM   1228 N NH2 . ARG A 1 172 ? 0.633   -6.621  12.437  1.00 15.40  ? 158 ARG A NH2 1 
ATOM   1229 N N   . VAL A 1 173 ? -1.371  -13.734 12.610  1.00 18.74  ? 159 VAL A N   1 
ATOM   1230 C CA  . VAL A 1 173 ? -0.698  -14.846 11.987  1.00 13.47  ? 159 VAL A CA  1 
ATOM   1231 C C   . VAL A 1 173 ? -1.044  -14.862 10.505  1.00 20.91  ? 159 VAL A C   1 
ATOM   1232 O O   . VAL A 1 173 ? -0.215  -15.149 9.613   1.00 18.81  ? 159 VAL A O   1 
ATOM   1233 C CB  . VAL A 1 173 ? -1.197  -16.146 12.671  1.00 19.87  ? 159 VAL A CB  1 
ATOM   1234 C CG1 . VAL A 1 173 ? -0.832  -17.380 11.854  1.00 22.05  ? 159 VAL A CG1 1 
ATOM   1235 C CG2 . VAL A 1 173 ? -0.573  -16.296 14.072  1.00 39.14  ? 159 VAL A CG2 1 
ATOM   1236 N N   . GLN A 1 174 ? -2.270  -14.509 10.209  1.00 16.85  ? 160 GLN A N   1 
ATOM   1237 C CA  . GLN A 1 174 ? -2.640  -14.509 8.807   1.00 14.50  ? 160 GLN A CA  1 
ATOM   1238 C C   . GLN A 1 174 ? -2.044  -13.302 8.109   1.00 15.72  ? 160 GLN A C   1 
ATOM   1239 O O   . GLN A 1 174 ? -1.664  -13.359 6.934   1.00 16.58  ? 160 GLN A O   1 
ATOM   1240 C CB  . GLN A 1 174 ? -4.119  -14.438 8.670   1.00 10.08  ? 160 GLN A CB  1 
ATOM   1241 C CG  . GLN A 1 174 ? -4.860  -15.686 9.186   1.00 17.47  ? 160 GLN A CG  1 
ATOM   1242 C CD  . GLN A 1 174 ? -6.343  -15.474 9.330   1.00 23.81  ? 160 GLN A CD  1 
ATOM   1243 O OE1 . GLN A 1 174 ? -6.855  -14.344 9.591   1.00 20.46  ? 160 GLN A OE1 1 
ATOM   1244 N NE2 . GLN A 1 174 ? -7.024  -16.576 9.373   1.00 31.65  ? 160 GLN A NE2 1 
ATOM   1245 N N   . ILE A 1 175 ? -1.996  -12.195 8.794   1.00 12.53  ? 161 ILE A N   1 
ATOM   1246 C CA  . ILE A 1 175 ? -1.416  -10.999 8.111   1.00 16.00  ? 161 ILE A CA  1 
ATOM   1247 C C   . ILE A 1 175 ? 0.060   -11.268 7.805   1.00 15.84  ? 161 ILE A C   1 
ATOM   1248 O O   . ILE A 1 175 ? 0.583   -10.977 6.749   1.00 15.41  ? 161 ILE A O   1 
ATOM   1249 C CB  . ILE A 1 175 ? -1.535  -9.726  8.969   1.00 10.92  ? 161 ILE A CB  1 
ATOM   1250 C CG1 . ILE A 1 175 ? -3.002  -9.278  9.149   1.00 11.90  ? 161 ILE A CG1 1 
ATOM   1251 C CG2 . ILE A 1 175 ? -0.661  -8.653  8.381   1.00 8.03   ? 161 ILE A CG2 1 
ATOM   1252 C CD1 . ILE A 1 175 ? -3.792  -9.057  7.844   1.00 12.62  ? 161 ILE A CD1 1 
ATOM   1253 N N   . ASP A 1 176 ? 0.771   -11.891 8.743   1.00 20.85  ? 162 ASP A N   1 
ATOM   1254 C CA  . ASP A 1 176 ? 2.204   -12.237 8.516   1.00 12.60  ? 162 ASP A CA  1 
ATOM   1255 C C   . ASP A 1 176 ? 2.381   -13.113 7.300   1.00 10.86  ? 162 ASP A C   1 
ATOM   1256 O O   . ASP A 1 176 ? 3.315   -12.916 6.513   1.00 16.07  ? 162 ASP A O   1 
ATOM   1257 C CB  . ASP A 1 176 ? 2.826   -12.932 9.752   1.00 14.83  ? 162 ASP A CB  1 
ATOM   1258 C CG  . ASP A 1 176 ? 2.998   -11.927 10.879  1.00 32.88  ? 162 ASP A CG  1 
ATOM   1259 O OD1 . ASP A 1 176 ? 2.879   -10.719 10.683  1.00 22.64  ? 162 ASP A OD1 1 
ATOM   1260 O OD2 . ASP A 1 176 ? 3.374   -12.462 12.052  1.00 18.38  ? 162 ASP A OD2 1 
ATOM   1261 N N   . THR A 1 177 ? 1.456   -14.054 7.120   1.00 13.84  ? 163 THR A N   1 
ATOM   1262 C CA  . THR A 1 177 ? 1.553   -14.896 5.995   1.00 10.31  ? 163 THR A CA  1 
ATOM   1263 C C   . THR A 1 177 ? 1.314   -14.093 4.755   1.00 14.06  ? 163 THR A C   1 
ATOM   1264 O O   . THR A 1 177 ? 1.889   -14.325 3.674   1.00 17.06  ? 163 THR A O   1 
ATOM   1265 C CB  . THR A 1 177 ? 0.499   -15.985 6.116   1.00 15.19  ? 163 THR A CB  1 
ATOM   1266 O OG1 . THR A 1 177 ? 0.965   -16.874 7.137   1.00 25.27  ? 163 THR A OG1 1 
ATOM   1267 C CG2 . THR A 1 177 ? 0.419   -16.742 4.859   1.00 20.26  ? 163 THR A CG2 1 
ATOM   1268 N N   . ALA A 1 178 ? 0.394   -13.194 4.865   1.00 14.03  ? 164 ALA A N   1 
ATOM   1269 C CA  . ALA A 1 178 ? 0.094   -12.375 3.678   1.00 16.89  ? 164 ALA A CA  1 
ATOM   1270 C C   . ALA A 1 178 ? 1.288   -11.477 3.309   1.00 12.62  ? 164 ALA A C   1 
ATOM   1271 O O   . ALA A 1 178 ? 1.510   -11.170 2.141   1.00 14.95  ? 164 ALA A O   1 
ATOM   1272 C CB  . ALA A 1 178 ? -1.077  -11.453 3.920   1.00 11.33  ? 164 ALA A CB  1 
ATOM   1273 N N   . LEU A 1 179 ? 2.011   -10.988 4.310   1.00 13.62  ? 165 LEU A N   1 
ATOM   1274 C CA  . LEU A 1 179 ? 3.125   -10.122 3.958   1.00 15.43  ? 165 LEU A CA  1 
ATOM   1275 C C   . LEU A 1 179 ? 4.151   -10.928 3.176   1.00 22.45  ? 165 LEU A C   1 
ATOM   1276 O O   . LEU A 1 179 ? 4.814   -10.413 2.289   1.00 14.44  ? 165 LEU A O   1 
ATOM   1277 C CB  . LEU A 1 179 ? 3.828   -9.466  5.169   1.00 14.31  ? 165 LEU A CB  1 
ATOM   1278 C CG  . LEU A 1 179 ? 2.841   -8.709  6.051   1.00 15.07  ? 165 LEU A CG  1 
ATOM   1279 C CD1 . LEU A 1 179 ? 3.527   -8.362  7.379   1.00 22.15  ? 165 LEU A CD1 1 
ATOM   1280 C CD2 . LEU A 1 179 ? 2.398   -7.414  5.333   1.00 17.37  ? 165 LEU A CD2 1 
ATOM   1281 N N   . GLU A 1 180 ? 4.377   -12.171 3.574   1.00 15.56  ? 166 GLU A N   1 
ATOM   1282 C CA  . GLU A 1 180 ? 5.389   -12.894 2.858   1.00 16.54  ? 166 GLU A CA  1 
ATOM   1283 C C   . GLU A 1 180 ? 4.930   -13.103 1.415   1.00 24.98  ? 166 GLU A C   1 
ATOM   1284 O O   . GLU A 1 180 ? 5.728   -13.072 0.437   1.00 18.03  ? 166 GLU A O   1 
ATOM   1285 C CB  . GLU A 1 180 ? 5.626   -14.244 3.547   1.00 28.29  ? 166 GLU A CB  1 
ATOM   1286 C CG  . GLU A 1 180 ? 6.449   -14.097 4.827   1.00 51.48  ? 166 GLU A CG  1 
ATOM   1287 C CD  . GLU A 1 180 ? 7.633   -13.179 4.671   1.00 100.00 ? 166 GLU A CD  1 
ATOM   1288 O OE1 . GLU A 1 180 ? 7.763   -12.141 5.307   1.00 30.03  ? 166 GLU A OE1 1 
ATOM   1289 O OE2 . GLU A 1 180 ? 8.514   -13.615 3.807   1.00 38.04  ? 166 GLU A OE2 1 
ATOM   1290 N N   . GLN A 1 181 ? 3.617   -13.335 1.263   1.00 20.38  ? 167 GLN A N   1 
ATOM   1291 C CA  . GLN A 1 181 ? 3.078   -13.608 -0.068  1.00 17.42  ? 167 GLN A CA  1 
ATOM   1292 C C   . GLN A 1 181 ? 3.148   -12.377 -0.923  1.00 20.84  ? 167 GLN A C   1 
ATOM   1293 O O   . GLN A 1 181 ? 3.424   -12.455 -2.136  1.00 17.36  ? 167 GLN A O   1 
ATOM   1294 C CB  . GLN A 1 181 ? 1.623   -14.057 0.041   1.00 16.91  ? 167 GLN A CB  1 
ATOM   1295 C CG  . GLN A 1 181 ? 0.969   -14.137 -1.342  1.00 20.38  ? 167 GLN A CG  1 
ATOM   1296 C CD  . GLN A 1 181 ? -0.509  -14.459 -1.254  1.00 23.69  ? 167 GLN A CD  1 
ATOM   1297 O OE1 . GLN A 1 181 ? -1.102  -14.484 -0.142  1.00 33.56  ? 167 GLN A OE1 1 
ATOM   1298 N NE2 . GLN A 1 181 ? -1.087  -14.825 -2.407  1.00 18.85  ? 167 GLN A NE2 1 
ATOM   1299 N N   . GLY A 1 182 ? 2.886   -11.248 -0.241  1.00 12.83  ? 168 GLY A N   1 
ATOM   1300 C CA  . GLY A 1 182 ? 2.879   -9.917  -0.878  1.00 12.45  ? 168 GLY A CA  1 
ATOM   1301 C C   . GLY A 1 182 ? 4.213   -9.512  -1.497  1.00 13.54  ? 168 GLY A C   1 
ATOM   1302 O O   . GLY A 1 182 ? 4.275   -8.925  -2.601  1.00 16.73  ? 168 GLY A O   1 
ATOM   1303 N N   . VAL A 1 183 ? 5.279   -9.834  -0.819  1.00 12.98  ? 169 VAL A N   1 
ATOM   1304 C CA  . VAL A 1 183 ? 6.573   -9.488  -1.303  1.00 16.16  ? 169 VAL A CA  1 
ATOM   1305 C C   . VAL A 1 183 ? 6.838   -10.106 -2.666  1.00 21.00  ? 169 VAL A C   1 
ATOM   1306 O O   . VAL A 1 183 ? 7.340   -9.499  -3.605  1.00 15.42  ? 169 VAL A O   1 
ATOM   1307 C CB  . VAL A 1 183 ? 7.640   -9.885  -0.269  1.00 23.96  ? 169 VAL A CB  1 
ATOM   1308 C CG1 . VAL A 1 183 ? 9.003   -9.505  -0.842  1.00 28.59  ? 169 VAL A CG1 1 
ATOM   1309 C CG2 . VAL A 1 183 ? 7.403   -9.060  0.992   1.00 21.90  ? 169 VAL A CG2 1 
ATOM   1310 N N   . ASP A 1 184 ? 6.507   -11.346 -2.774  1.00 16.78  ? 170 ASP A N   1 
ATOM   1311 C CA  . ASP A 1 184 ? 6.733   -12.036 -4.011  1.00 16.01  ? 170 ASP A CA  1 
ATOM   1312 C C   . ASP A 1 184 ? 5.768   -11.529 -5.135  1.00 17.06  ? 170 ASP A C   1 
ATOM   1313 O O   . ASP A 1 184 ? 6.153   -11.445 -6.311  1.00 15.80  ? 170 ASP A O   1 
ATOM   1314 C CB  . ASP A 1 184 ? 6.507   -13.541 -3.746  1.00 27.04  ? 170 ASP A CB  1 
ATOM   1315 C CG  . ASP A 1 184 ? 6.188   -14.297 -4.992  1.00 93.67  ? 170 ASP A CG  1 
ATOM   1316 O OD1 . ASP A 1 184 ? 5.154   -14.243 -5.650  1.00 32.11  ? 170 ASP A OD1 1 
ATOM   1317 O OD2 . ASP A 1 184 ? 7.211   -14.924 -5.376  1.00 42.21  ? 170 ASP A OD2 1 
ATOM   1318 N N   . ALA A 1 185 ? 4.473   -11.317 -4.792  1.00 9.00   ? 171 ALA A N   1 
ATOM   1319 C CA  . ALA A 1 185 ? 3.526   -10.846 -5.809  1.00 11.41  ? 171 ALA A CA  1 
ATOM   1320 C C   . ALA A 1 185 ? 3.986   -9.525  -6.357  1.00 11.42  ? 171 ALA A C   1 
ATOM   1321 O O   . ALA A 1 185 ? 3.818   -9.208  -7.523  1.00 11.48  ? 171 ALA A O   1 
ATOM   1322 C CB  . ALA A 1 185 ? 2.140   -10.591 -5.193  1.00 10.08  ? 171 ALA A CB  1 
ATOM   1323 N N   . VAL A 1 186 ? 4.468   -8.642  -5.436  1.00 11.07  ? 172 VAL A N   1 
ATOM   1324 C CA  . VAL A 1 186 ? 4.885   -7.299  -5.899  1.00 12.39  ? 172 VAL A CA  1 
ATOM   1325 C C   . VAL A 1 186 ? 6.124   -7.384  -6.790  1.00 12.32  ? 172 VAL A C   1 
ATOM   1326 O O   . VAL A 1 186 ? 6.179   -6.784  -7.841  1.00 11.38  ? 172 VAL A O   1 
ATOM   1327 C CB  . VAL A 1 186 ? 5.076   -6.311  -4.703  1.00 10.71  ? 172 VAL A CB  1 
ATOM   1328 C CG1 . VAL A 1 186 ? 5.770   -5.017  -5.207  1.00 9.54   ? 172 VAL A CG1 1 
ATOM   1329 C CG2 . VAL A 1 186 ? 3.693   -6.027  -4.135  1.00 9.59   ? 172 VAL A CG2 1 
ATOM   1330 N N   . ARG A 1 187 ? 7.100   -8.172  -6.380  1.00 10.40  ? 173 ARG A N   1 
ATOM   1331 C CA  . ARG A 1 187 ? 8.260   -8.356  -7.244  1.00 11.74  ? 173 ARG A CA  1 
ATOM   1332 C C   . ARG A 1 187 ? 7.886   -8.812  -8.589  1.00 6.91   ? 173 ARG A C   1 
ATOM   1333 O O   . ARG A 1 187 ? 8.409   -8.408  -9.603  1.00 12.44  ? 173 ARG A O   1 
ATOM   1334 C CB  . ARG A 1 187 ? 9.135   -9.418  -6.695  1.00 19.47  ? 173 ARG A CB  1 
ATOM   1335 C CG  . ARG A 1 187 ? 9.978   -8.944  -5.582  1.00 35.11  ? 173 ARG A CG  1 
ATOM   1336 C CD  . ARG A 1 187 ? 11.105  -9.929  -5.288  1.00 28.27  ? 173 ARG A CD  1 
ATOM   1337 N NE  . ARG A 1 187 ? 11.801  -10.397 -6.485  1.00 30.13  ? 173 ARG A NE  1 
ATOM   1338 C CZ  . ARG A 1 187 ? 13.019  -9.944  -6.841  1.00 63.00  ? 173 ARG A CZ  1 
ATOM   1339 N NH1 . ARG A 1 187 ? 13.685  -10.368 -7.935  1.00 68.36  ? 173 ARG A NH1 1 
ATOM   1340 N NH2 . ARG A 1 187 ? 13.569  -9.008  -6.093  1.00 39.51  ? 173 ARG A NH2 1 
ATOM   1341 N N   . THR A 1 188 ? 7.007   -9.804  -8.629  1.00 10.75  ? 174 THR A N   1 
ATOM   1342 C CA  . THR A 1 188 ? 6.553   -10.342 -9.937  1.00 12.94  ? 174 THR A CA  1 
ATOM   1343 C C   . THR A 1 188 ? 5.807   -9.315  -10.747 1.00 23.57  ? 174 THR A C   1 
ATOM   1344 O O   . THR A 1 188 ? 6.068   -9.133  -11.935 1.00 17.67  ? 174 THR A O   1 
ATOM   1345 C CB  . THR A 1 188 ? 5.656   -11.592 -9.762  1.00 10.62  ? 174 THR A CB  1 
ATOM   1346 O OG1 . THR A 1 188 ? 6.452   -12.586 -9.121  1.00 14.93  ? 174 THR A OG1 1 
ATOM   1347 C CG2 . THR A 1 188 ? 5.183   -12.091 -11.171 1.00 12.53  ? 174 THR A CG2 1 
ATOM   1348 N N   . LEU A 1 189 ? 4.875   -8.611  -10.126 1.00 10.90  ? 175 LEU A N   1 
ATOM   1349 C CA  . LEU A 1 189 ? 4.219   -7.559  -10.874 1.00 8.29   ? 175 LEU A CA  1 
ATOM   1350 C C   . LEU A 1 189 ? 5.194   -6.580  -11.458 1.00 13.02  ? 175 LEU A C   1 
ATOM   1351 O O   . LEU A 1 189 ? 5.059   -6.160  -12.589 1.00 16.00  ? 175 LEU A O   1 
ATOM   1352 C CB  . LEU A 1 189 ? 3.196   -6.812  -9.953  1.00 12.72  ? 175 LEU A CB  1 
ATOM   1353 C CG  . LEU A 1 189 ? 2.626   -5.520  -10.526 1.00 16.87  ? 175 LEU A CG  1 
ATOM   1354 C CD1 . LEU A 1 189 ? 1.620   -5.845  -11.614 1.00 26.14  ? 175 LEU A CD1 1 
ATOM   1355 C CD2 . LEU A 1 189 ? 1.958   -4.743  -9.417  1.00 14.61  ? 175 LEU A CD2 1 
ATOM   1356 N N   . VAL A 1 190 ? 6.109   -6.093  -10.645 1.00 10.25  ? 176 VAL A N   1 
ATOM   1357 C CA  . VAL A 1 190 ? 7.097   -5.096  -11.088 1.00 10.52  ? 176 VAL A CA  1 
ATOM   1358 C C   . VAL A 1 190 ? 8.015   -5.623  -12.180 1.00 19.66  ? 176 VAL A C   1 
ATOM   1359 O O   . VAL A 1 190 ? 8.216   -4.950  -13.170 1.00 18.00  ? 176 VAL A O   1 
ATOM   1360 C CB  . VAL A 1 190 ? 7.901   -4.660  -9.904  1.00 12.62  ? 176 VAL A CB  1 
ATOM   1361 C CG1 . VAL A 1 190 ? 9.089   -3.788  -10.360 1.00 10.61  ? 176 VAL A CG1 1 
ATOM   1362 C CG2 . VAL A 1 190 ? 6.938   -3.915  -8.950  1.00 11.14  ? 176 VAL A CG2 1 
ATOM   1363 N N   . LEU A 1 191 ? 8.536   -6.861  -12.045 1.00 12.49  ? 177 LEU A N   1 
ATOM   1364 C CA  . LEU A 1 191 ? 9.396   -7.443  -13.105 1.00 10.48  ? 177 LEU A CA  1 
ATOM   1365 C C   . LEU A 1 191 ? 8.733   -7.851  -14.447 1.00 17.36  ? 177 LEU A C   1 
ATOM   1366 O O   . LEU A 1 191 ? 9.327   -7.760  -15.543 1.00 15.74  ? 177 LEU A O   1 
ATOM   1367 C CB  . LEU A 1 191 ? 10.214  -8.607  -12.533 1.00 14.99  ? 177 LEU A CB  1 
ATOM   1368 C CG  . LEU A 1 191 ? 11.045  -8.186  -11.348 1.00 9.71   ? 177 LEU A CG  1 
ATOM   1369 C CD1 . LEU A 1 191 ? 11.754  -9.371  -10.696 1.00 13.24  ? 177 LEU A CD1 1 
ATOM   1370 C CD2 . LEU A 1 191 ? 12.067  -7.159  -11.826 1.00 13.85  ? 177 LEU A CD2 1 
ATOM   1371 N N   . LYS A 1 192 ? 7.514   -8.360  -14.394 1.00 13.62  ? 178 LYS A N   1 
ATOM   1372 C CA  . LYS A 1 192 ? 6.852   -8.874  -15.572 1.00 12.33  ? 178 LYS A CA  1 
ATOM   1373 C C   . LYS A 1 192 ? 6.645   -7.912  -16.697 1.00 19.44  ? 178 LYS A C   1 
ATOM   1374 O O   . LYS A 1 192 ? 6.504   -8.344  -17.857 1.00 23.28  ? 178 LYS A O   1 
ATOM   1375 C CB  . LYS A 1 192 ? 5.601   -9.731  -15.312 1.00 21.91  ? 178 LYS A CB  1 
ATOM   1376 C CG  . LYS A 1 192 ? 4.387   -8.928  -14.852 1.00 25.44  ? 178 LYS A CG  1 
ATOM   1377 C CD  . LYS A 1 192 ? 3.062   -9.735  -14.750 1.00 31.09  ? 178 LYS A CD  1 
ATOM   1378 C CE  . LYS A 1 192 ? 1.875   -8.831  -14.391 1.00 35.30  ? 178 LYS A CE  1 
ATOM   1379 N NZ  . LYS A 1 192 ? 1.545   -7.866  -15.471 1.00 39.91  ? 178 LYS A NZ  1 
ATOM   1380 N N   . GLY A 1 193 ? 6.608   -6.642  -16.352 1.00 25.38  ? 179 GLY A N   1 
ATOM   1381 C CA  . GLY A 1 193 ? 6.468   -5.576  -17.337 1.00 53.81  ? 179 GLY A CA  1 
ATOM   1382 C C   . GLY A 1 193 ? 5.134   -5.713  -18.025 1.00 44.20  ? 179 GLY A C   1 
ATOM   1383 O O   . GLY A 1 193 ? 4.189   -6.039  -17.324 1.00 32.24  ? 179 GLY A O   1 
ATOM   1384 N N   . GLU A 1 199 ? -6.481  -6.780  -18.471 1.00 37.93  ? 185 GLU A N   1 
ATOM   1385 C CA  . GLU A 1 199 ? -5.875  -8.088  -18.163 1.00 28.74  ? 185 GLU A CA  1 
ATOM   1386 C C   . GLU A 1 199 ? -5.658  -8.304  -16.694 1.00 27.36  ? 185 GLU A C   1 
ATOM   1387 O O   . GLU A 1 199 ? -4.848  -7.612  -16.096 1.00 41.95  ? 185 GLU A O   1 
ATOM   1388 C CB  . GLU A 1 199 ? -4.569  -8.248  -18.855 1.00 42.98  ? 185 GLU A CB  1 
ATOM   1389 C CG  . GLU A 1 199 ? -4.649  -9.440  -19.793 1.00 100.00 ? 185 GLU A CG  1 
ATOM   1390 C CD  . GLU A 1 199 ? -3.434  -9.544  -20.655 1.00 100.00 ? 185 GLU A CD  1 
ATOM   1391 O OE1 . GLU A 1 199 ? -2.288  -9.671  -20.206 1.00 100.00 ? 185 GLU A OE1 1 
ATOM   1392 O OE2 . GLU A 1 199 ? -3.727  -9.345  -21.923 1.00 100.00 ? 185 GLU A OE2 1 
ATOM   1393 N N   . ARG A 1 200 ? -6.372  -9.291  -16.137 1.00 34.27  ? 186 ARG A N   1 
ATOM   1394 C CA  . ARG A 1 200 ? -6.396  -9.579  -14.696 1.00 39.14  ? 186 ARG A CA  1 
ATOM   1395 C C   . ARG A 1 200 ? -5.427  -10.640 -14.192 1.00 30.28  ? 186 ARG A C   1 
ATOM   1396 O O   . ARG A 1 200 ? -5.155  -11.564 -14.888 1.00 33.92  ? 186 ARG A O   1 
ATOM   1397 C CB  . ARG A 1 200 ? -7.819  -9.972  -14.356 1.00 25.12  ? 186 ARG A CB  1 
ATOM   1398 C CG  . ARG A 1 200 ? -8.750  -8.860  -14.836 1.00 25.20  ? 186 ARG A CG  1 
ATOM   1399 C CD  . ARG A 1 200 ? -10.184 -9.232  -14.731 1.00 44.90  ? 186 ARG A CD  1 
ATOM   1400 N NE  . ARG A 1 200 ? -10.419 -10.389 -15.569 1.00 46.07  ? 186 ARG A NE  1 
ATOM   1401 C CZ  . ARG A 1 200 ? -11.271 -11.352 -15.288 1.00 41.24  ? 186 ARG A CZ  1 
ATOM   1402 N NH1 . ARG A 1 200 ? -11.412 -12.407 -16.141 1.00 27.16  ? 186 ARG A NH1 1 
ATOM   1403 N NH2 . ARG A 1 200 ? -12.040 -11.239 -14.150 1.00 37.27  ? 186 ARG A NH2 1 
ATOM   1404 N N   . PHE A 1 201 ? -5.037  -10.559 -12.925 1.00 19.56  ? 187 PHE A N   1 
ATOM   1405 C CA  . PHE A 1 201 ? -4.140  -11.542 -12.331 1.00 17.01  ? 187 PHE A CA  1 
ATOM   1406 C C   . PHE A 1 201 ? -4.699  -11.996 -11.054 1.00 25.80  ? 187 PHE A C   1 
ATOM   1407 O O   . PHE A 1 201 ? -5.225  -11.194 -10.299 1.00 34.80  ? 187 PHE A O   1 
ATOM   1408 C CB  . PHE A 1 201 ? -2.732  -10.920 -12.067 1.00 20.26  ? 187 PHE A CB  1 
ATOM   1409 C CG  . PHE A 1 201 ? -2.037  -10.561 -13.385 1.00 22.57  ? 187 PHE A CG  1 
ATOM   1410 C CD1 . PHE A 1 201 ? -1.293  -11.515 -14.075 1.00 23.16  ? 187 PHE A CD1 1 
ATOM   1411 C CD2 . PHE A 1 201 ? -2.293  -9.361  -14.052 1.00 39.18  ? 187 PHE A CD2 1 
ATOM   1412 C CE1 . PHE A 1 201 ? -0.704  -11.252 -15.316 1.00 22.22  ? 187 PHE A CE1 1 
ATOM   1413 C CE2 . PHE A 1 201 ? -1.773  -9.102  -15.325 1.00 36.92  ? 187 PHE A CE2 1 
ATOM   1414 C CZ  . PHE A 1 201 ? -0.997  -10.061 -15.978 1.00 27.77  ? 187 PHE A CZ  1 
ATOM   1415 N N   . ASN A 1 202 ? -4.572  -13.281 -10.798 1.00 15.14  ? 188 ASN A N   1 
ATOM   1416 C CA  . ASN A 1 202 ? -5.002  -13.950 -9.555  1.00 15.02  ? 188 ASN A CA  1 
ATOM   1417 C C   . ASN A 1 202 ? -3.790  -14.243 -8.736  1.00 19.08  ? 188 ASN A C   1 
ATOM   1418 O O   . ASN A 1 202 ? -2.779  -14.632 -9.273  1.00 16.78  ? 188 ASN A O   1 
ATOM   1419 C CB  . ASN A 1 202 ? -5.645  -15.301 -9.866  1.00 19.23  ? 188 ASN A CB  1 
ATOM   1420 C CG  . ASN A 1 202 ? -6.541  -15.165 -11.067 1.00 55.67  ? 188 ASN A CG  1 
ATOM   1421 O OD1 . ASN A 1 202 ? -6.486  -15.991 -11.983 1.00 100.00 ? 188 ASN A OD1 1 
ATOM   1422 N ND2 . ASN A 1 202 ? -7.208  -14.007 -11.171 1.00 73.95  ? 188 ASN A ND2 1 
ATOM   1423 N N   . LEU A 1 203 ? -3.914  -14.219 -7.427  1.00 16.91  ? 189 LEU A N   1 
ATOM   1424 C CA  . LEU A 1 203 ? -2.784  -14.548 -6.577  1.00 16.25  ? 189 LEU A CA  1 
ATOM   1425 C C   . LEU A 1 203 ? -3.042  -15.833 -5.877  1.00 23.61  ? 189 LEU A C   1 
ATOM   1426 O O   . LEU A 1 203 ? -4.145  -16.182 -5.557  1.00 31.78  ? 189 LEU A O   1 
ATOM   1427 C CB  . LEU A 1 203 ? -2.431  -13.462 -5.506  1.00 19.12  ? 189 LEU A CB  1 
ATOM   1428 C CG  . LEU A 1 203 ? -2.380  -12.026 -6.020  1.00 32.10  ? 189 LEU A CG  1 
ATOM   1429 C CD1 . LEU A 1 203 ? -2.170  -10.995 -4.867  1.00 14.99  ? 189 LEU A CD1 1 
ATOM   1430 C CD2 . LEU A 1 203 ? -1.302  -11.879 -7.092  1.00 32.39  ? 189 LEU A CD2 1 
ATOM   1431 N N   . VAL A 1 204 ? -2.020  -16.554 -5.686  1.00 22.78  ? 190 VAL A N   1 
ATOM   1432 C CA  . VAL A 1 204 ? -2.123  -17.798 -4.987  1.00 22.82  ? 190 VAL A CA  1 
ATOM   1433 C C   . VAL A 1 204 ? -1.000  -17.846 -4.022  1.00 65.75  ? 190 VAL A C   1 
ATOM   1434 O O   . VAL A 1 204 ? 0.162   -17.541 -4.388  1.00 33.29  ? 190 VAL A O   1 
ATOM   1435 C CB  . VAL A 1 204 ? -1.991  -19.022 -5.923  1.00 28.64  ? 190 VAL A CB  1 
ATOM   1436 C CG1 . VAL A 1 204 ? -2.058  -20.304 -5.075  1.00 23.35  ? 190 VAL A CG1 1 
ATOM   1437 C CG2 . VAL A 1 204 ? -3.076  -19.021 -7.001  1.00 26.67  ? 190 VAL A CG2 1 
ATOM   1438 N N   . GLN A 1 205 ? -1.320  -18.212 -2.795  1.00 27.53  ? 191 GLN A N   1 
ATOM   1439 C CA  . GLN A 1 205 ? -0.246  -18.299 -1.803  1.00 38.54  ? 191 GLN A CA  1 
ATOM   1440 C C   . GLN A 1 205 ? 0.400   -19.710 -1.732  1.00 41.64  ? 191 GLN A C   1 
ATOM   1441 O O   . GLN A 1 205 ? 1.421   -20.011 -2.379  1.00 50.43  ? 191 GLN A O   1 
ATOM   1442 C CB  . GLN A 1 205 ? -0.743  -17.767 -0.445  1.00 47.88  ? 191 GLN A CB  1 
ATOM   1443 C CG  . GLN A 1 205 ? -0.567  -18.700 0.766   1.00 100.00 ? 191 GLN A CG  1 
ATOM   1444 C CD  . GLN A 1 205 ? -1.278  -18.144 1.991   1.00 100.00 ? 191 GLN A CD  1 
ATOM   1445 O OE1 . GLN A 1 205 ? -1.685  -18.893 2.921   1.00 100.00 ? 191 GLN A OE1 1 
ATOM   1446 N NE2 . GLN A 1 205 ? -1.503  -16.799 1.979   1.00 61.43  ? 191 GLN A NE2 1 
HETATM 1447 O O   . HOH B 2 .   ? -6.169  16.727  -0.480  1.00 24.04  ? 202 HOH A O   1 
HETATM 1448 O O   . HOH B 2 .   ? 11.620  -2.188  6.406   1.00 23.39  ? 203 HOH A O   1 
HETATM 1449 O O   . HOH B 2 .   ? -3.089  0.396   4.747   1.00 8.20   ? 204 HOH A O   1 
HETATM 1450 O O   . HOH B 2 .   ? -0.900  7.034   3.788   1.00 12.16  ? 205 HOH A O   1 
HETATM 1451 O O   . HOH B 2 .   ? -5.782  -10.938 -7.575  1.00 13.72  ? 206 HOH A O   1 
HETATM 1452 O O   . HOH B 2 .   ? 6.404   -18.260 9.264   1.00 28.84  ? 207 HOH A O   1 
HETATM 1453 O O   . HOH B 2 .   ? -3.980  -14.236 0.158   1.00 22.99  ? 208 HOH A O   1 
HETATM 1454 O O   . HOH B 2 .   ? -6.721  10.932  7.923   1.00 16.98  ? 209 HOH A O   1 
HETATM 1455 O O   . HOH B 2 .   ? 6.195   -2.038  -17.117 1.00 44.46  ? 210 HOH A O   1 
HETATM 1456 O O   . HOH B 2 .   ? -0.163  -2.132  10.836  1.00 12.70  ? 211 HOH A O   1 
HETATM 1457 O O   . HOH B 2 .   ? -9.459  -14.045 10.777  1.00 31.05  ? 212 HOH A O   1 
HETATM 1458 O O   . HOH B 2 .   ? -17.727 0.769   -11.212 1.00 41.04  ? 213 HOH A O   1 
HETATM 1459 O O   . HOH B 2 .   ? 6.989   17.224  -7.013  1.00 25.12  ? 214 HOH A O   1 
HETATM 1460 O O   . HOH B 2 .   ? -15.221 -10.235 7.895   1.00 36.62  ? 215 HOH A O   1 
HETATM 1461 O O   . HOH B 2 .   ? 9.733   17.000  -3.998  1.00 29.75  ? 216 HOH A O   1 
HETATM 1462 O O   . HOH B 2 .   ? -1.095  -5.592  14.726  1.00 19.47  ? 217 HOH A O   1 
HETATM 1463 O O   . HOH B 2 .   ? -4.559  16.509  -9.440  1.00 45.20  ? 218 HOH A O   1 
HETATM 1464 O O   . HOH B 2 .   ? -14.622 -10.465 4.192   1.00 34.88  ? 219 HOH A O   1 
HETATM 1465 O O   . HOH B 2 .   ? -9.959  -0.505  0.981   1.00 56.46  ? 220 HOH A O   1 
HETATM 1466 O O   . HOH B 2 .   ? 11.047  0.548   6.909   1.00 32.88  ? 221 HOH A O   1 
HETATM 1467 O O   . HOH B 2 .   ? -2.748  -9.902  20.169  1.00 33.54  ? 222 HOH A O   1 
HETATM 1468 O O   . HOH B 2 .   ? -4.883  -14.352 21.859  1.00 23.88  ? 223 HOH A O   1 
HETATM 1469 O O   . HOH B 2 .   ? -15.386 3.237   -5.204  1.00 20.25  ? 224 HOH A O   1 
HETATM 1470 O O   . HOH B 2 .   ? -15.432 -10.783 1.579   1.00 29.28  ? 225 HOH A O   1 
HETATM 1471 O O   . HOH B 2 .   ? -10.579 10.911  1.190   1.00 22.20  ? 226 HOH A O   1 
HETATM 1472 O O   . HOH B 2 .   ? 5.557   1.868   9.734   1.00 25.96  ? 227 HOH A O   1 
HETATM 1473 O O   . HOH B 2 .   ? 12.543  4.560   8.324   1.00 43.60  ? 228 HOH A O   1 
HETATM 1474 O O   . HOH B 2 .   ? -2.723  -0.431  -14.218 1.00 32.77  ? 229 HOH A O   1 
HETATM 1475 O O   . HOH B 2 .   ? -0.731  14.207  -10.499 1.00 40.19  ? 230 HOH A O   1 
HETATM 1476 O O   . HOH B 2 .   ? 1.697   13.419  -10.395 1.00 27.75  ? 231 HOH A O   1 
HETATM 1477 O O   . HOH B 2 .   ? -10.763 -9.365  15.818  1.00 30.90  ? 232 HOH A O   1 
HETATM 1478 O O   . HOH B 2 .   ? 1.958   -0.561  11.392  1.00 21.13  ? 233 HOH A O   1 
HETATM 1479 O O   . HOH B 2 .   ? 1.015   8.320   -17.285 1.00 38.55  ? 234 HOH A O   1 
HETATM 1480 O O   . HOH B 2 .   ? 5.898   -15.611 12.456  1.00 38.21  ? 235 HOH A O   1 
HETATM 1481 O O   . HOH B 2 .   ? -11.198 -0.520  -1.316  1.00 45.98  ? 236 HOH A O   1 
HETATM 1482 O O   . HOH B 2 .   ? 2.240   4.747   12.461  1.00 20.27  ? 237 HOH A O   1 
HETATM 1483 O O   . HOH B 2 .   ? -7.864  -8.215  19.862  1.00 30.17  ? 238 HOH A O   1 
HETATM 1484 O O   . HOH B 2 .   ? 16.195  11.545  -4.914  1.00 29.03  ? 239 HOH A O   1 
HETATM 1485 O O   . HOH B 2 .   ? -9.491  -12.907 16.079  1.00 32.97  ? 240 HOH A O   1 
HETATM 1486 O O   . HOH B 2 .   ? -7.249  13.348  9.210   1.00 29.12  ? 241 HOH A O   1 
HETATM 1487 O O   . HOH B 2 .   ? -6.679  -4.700  -5.337  1.00 35.85  ? 242 HOH A O   1 
HETATM 1488 O O   . HOH B 2 .   ? -0.096  11.208  14.798  1.00 34.36  ? 243 HOH A O   1 
HETATM 1489 O O   . HOH B 2 .   ? -2.894  -16.769 17.717  1.00 42.00  ? 244 HOH A O   1 
HETATM 1490 O O   . HOH B 2 .   ? -3.924  -7.681  19.502  1.00 23.83  ? 245 HOH A O   1 
HETATM 1491 O O   . HOH B 2 .   ? -10.334 -9.132  18.773  1.00 26.58  ? 246 HOH A O   1 
HETATM 1492 O O   . HOH B 2 .   ? -14.357 -11.975 6.359   1.00 17.06  ? 247 HOH A O   1 
HETATM 1493 O O   . HOH B 2 .   ? 0.213   9.021   6.789   1.00 12.83  ? 248 HOH A O   1 
HETATM 1494 O O   . HOH B 2 .   ? -11.545 -0.897  2.604   1.00 17.75  ? 249 HOH A O   1 
HETATM 1495 O O   . HOH B 2 .   ? 6.445   -2.835  9.986   1.00 23.18  ? 250 HOH A O   1 
HETATM 1496 O O   . HOH B 2 .   ? -9.226  -15.073 6.694   1.00 26.85  ? 251 HOH A O   1 
HETATM 1497 O O   . HOH B 2 .   ? -6.658  -13.410 -6.359  1.00 24.46  ? 252 HOH A O   1 
HETATM 1498 O O   . HOH B 2 .   ? 2.160   11.454  14.758  1.00 28.82  ? 253 HOH A O   1 
HETATM 1499 O O   . HOH B 2 .   ? -13.788 1.470   2.942   1.00 37.21  ? 254 HOH A O   1 
HETATM 1500 O O   . HOH B 2 .   ? -2.871  -15.003 5.051   1.00 23.67  ? 255 HOH A O   1 
HETATM 1501 O O   . HOH B 2 .   ? -11.529 10.182  -5.538  1.00 31.65  ? 256 HOH A O   1 
HETATM 1502 O O   . HOH B 2 .   ? -12.196 -11.825 7.876   1.00 19.42  ? 257 HOH A O   1 
HETATM 1503 O O   . HOH B 2 .   ? 7.807   19.059  -8.990  1.00 39.78  ? 258 HOH A O   1 
HETATM 1504 O O   . HOH B 2 .   ? -4.074  3.769   11.053  1.00 15.33  ? 259 HOH A O   1 
HETATM 1505 O O   . HOH B 2 .   ? 0.397   19.484  -5.588  1.00 30.65  ? 260 HOH A O   1 
HETATM 1506 O O   . HOH B 2 .   ? -1.312  -17.962 7.900   1.00 30.86  ? 261 HOH A O   1 
HETATM 1507 O O   . HOH B 2 .   ? 4.871   -16.065 8.756   1.00 33.02  ? 262 HOH A O   1 
HETATM 1508 O O   . HOH B 2 .   ? -7.961  -12.824 20.034  1.00 16.98  ? 263 HOH A O   1 
HETATM 1509 O O   . HOH B 2 .   ? 3.284   -15.047 12.524  1.00 20.11  ? 264 HOH A O   1 
HETATM 1510 O O   . HOH B 2 .   ? 4.993   -6.311  9.947   1.00 26.64  ? 265 HOH A O   1 
HETATM 1511 O O   . HOH B 2 .   ? 3.758   17.159  -1.170  1.00 40.42  ? 266 HOH A O   1 
HETATM 1512 O O   . HOH B 2 .   ? 2.558   -15.053 15.250  1.00 41.93  ? 267 HOH A O   1 
HETATM 1513 O O   . HOH B 2 .   ? -10.104 6.221   7.005   1.00 25.42  ? 268 HOH A O   1 
HETATM 1514 O O   . HOH B 2 .   ? 12.632  17.645  2.721   1.00 28.46  ? 269 HOH A O   1 
HETATM 1515 O O   . HOH B 2 .   ? -8.616  -7.814  10.520  1.00 16.62  ? 270 HOH A O   1 
HETATM 1516 O O   . HOH B 2 .   ? 6.729   -14.126 9.012   1.00 23.33  ? 271 HOH A O   1 
HETATM 1517 O O   . HOH B 2 .   ? -21.237 4.477   1.523   1.00 24.96  ? 272 HOH A O   1 
HETATM 1518 O O   . HOH B 2 .   ? 3.500   -18.326 6.447   1.00 39.41  ? 273 HOH A O   1 
HETATM 1519 O O   . HOH B 2 .   ? 9.906   3.594   8.880   1.00 26.50  ? 274 HOH A O   1 
HETATM 1520 O O   . HOH B 2 .   ? 10.611  18.663  2.457   1.00 21.12  ? 275 HOH A O   1 
HETATM 1521 O O   . HOH B 2 .   ? 13.068  13.845  -12.899 1.00 33.45  ? 276 HOH A O   1 
HETATM 1522 O O   . HOH B 2 .   ? 2.923   1.534   10.916  1.00 34.42  ? 277 HOH A O   1 
HETATM 1523 O O   . HOH B 2 .   ? -0.163  -13.821 16.597  1.00 32.81  ? 278 HOH A O   1 
HETATM 1524 O O   . HOH B 2 .   ? 21.463  8.326   5.157   1.00 46.88  ? 279 HOH A O   1 
HETATM 1525 O O   . HOH B 2 .   ? -12.054 2.133   4.802   1.00 21.37  ? 280 HOH A O   1 
HETATM 1526 O O   . HOH B 2 .   ? 0.613   4.906   -17.517 1.00 22.87  ? 281 HOH A O   1 
HETATM 1527 O O   . HOH B 2 .   ? -10.425 0.093   5.093   1.00 15.88  ? 282 HOH A O   1 
HETATM 1528 O O   . HOH B 2 .   ? 2.450   -16.516 10.134  1.00 16.54  ? 283 HOH A O   1 
HETATM 1529 O O   . HOH B 2 .   ? -7.500  7.543   9.740   1.00 27.62  ? 284 HOH A O   1 
HETATM 1530 O O   . HOH B 2 .   ? 0.125   -1.647  -14.109 1.00 23.75  ? 285 HOH A O   1 
HETATM 1531 O O   . HOH B 2 .   ? 4.537   9.253   17.501  1.00 22.79  ? 286 HOH A O   1 
HETATM 1532 O O   . HOH B 2 .   ? -11.463 4.973   4.870   1.00 23.45  ? 287 HOH A O   1 
HETATM 1533 O O   . HOH B 2 .   ? 3.526   -5.354  -14.531 1.00 36.82  ? 288 HOH A O   1 
HETATM 1534 O O   . HOH B 2 .   ? 6.035   5.025   8.747   1.00 25.03  ? 289 HOH A O   1 
HETATM 1535 O O   . HOH B 2 .   ? -16.040 -8.026  4.483   1.00 35.16  ? 290 HOH A O   1 
HETATM 1536 O O   . HOH B 2 .   ? -16.382 -9.633  10.852  1.00 32.81  ? 291 HOH A O   1 
HETATM 1537 O O   . HOH B 2 .   ? -8.835  8.565   7.683   1.00 29.14  ? 292 HOH A O   1 
HETATM 1538 O O   . HOH B 2 .   ? 17.419  3.391   -8.217  1.00 28.97  ? 293 HOH A O   1 
HETATM 1539 O O   . HOH B 2 .   ? 17.097  5.093   0.117   1.00 28.99  ? 294 HOH A O   1 
HETATM 1540 O O   . HOH B 2 .   ? -17.513 8.263   -3.128  1.00 28.98  ? 295 HOH A O   1 
HETATM 1541 O O   . HOH B 2 .   ? -10.635 -11.740 18.978  1.00 32.82  ? 296 HOH A O   1 
HETATM 1542 O O   . HOH B 2 .   ? 9.456   -12.565 -9.373  1.00 21.01  ? 297 HOH A O   1 
HETATM 1543 O O   . HOH B 2 .   ? -7.084  19.580  5.617   1.00 37.61  ? 298 HOH A O   1 
HETATM 1544 O O   . HOH B 2 .   ? -18.047 3.959   -7.834  1.00 18.44  ? 299 HOH A O   1 
HETATM 1545 O O   . HOH B 2 .   ? -0.840  1.067   18.338  1.00 36.54  ? 300 HOH A O   1 
HETATM 1546 O O   . HOH B 2 .   ? 10.431  -0.712  -15.659 1.00 25.59  ? 301 HOH A O   1 
HETATM 1547 O O   . HOH B 2 .   ? 5.031   7.027   11.061  1.00 17.45  ? 302 HOH A O   1 
HETATM 1548 O O   . HOH B 2 .   ? 5.861   -12.035 7.497   1.00 27.27  ? 303 HOH A O   1 
HETATM 1549 O O   . HOH B 2 .   ? -9.837  13.075  -0.846  1.00 46.10  ? 304 HOH A O   1 
HETATM 1550 O O   . HOH B 2 .   ? 5.790   18.897  -11.066 1.00 19.65  ? 305 HOH A O   1 
HETATM 1551 O O   . HOH B 2 .   ? 3.393   18.472  -10.837 1.00 22.34  ? 306 HOH A O   1 
HETATM 1552 O O   . HOH B 2 .   ? -19.468 -2.985  12.766  1.00 32.90  ? 307 HOH A O   1 
HETATM 1553 O O   . HOH B 2 .   ? 6.558   -13.373 11.210  1.00 43.91  ? 308 HOH A O   1 
HETATM 1554 O O   . HOH B 2 .   ? -8.006  -12.380 -4.214  1.00 43.67  ? 309 HOH A O   1 
HETATM 1555 O O   . HOH B 2 .   ? -12.673 -8.645  10.418  1.00 30.00  ? 310 HOH A O   1 
HETATM 1556 O O   . HOH B 2 .   ? 3.953   -18.063 18.072  1.00 47.05  ? 311 HOH A O   1 
HETATM 1557 O O   . HOH B 2 .   ? -1.205  17.200  -5.517  1.00 36.10  ? 312 HOH A O   1 
HETATM 1558 O O   . HOH B 2 .   ? -4.346  -17.638 12.705  1.00 36.57  ? 313 HOH A O   1 
HETATM 1559 O O   . HOH B 2 .   ? 8.659   -2.542  -14.844 1.00 32.22  ? 314 HOH A O   1 
HETATM 1560 O O   . HOH B 2 .   ? -9.605  17.328  4.963   1.00 40.07  ? 315 HOH A O   1 
HETATM 1561 O O   . HOH B 2 .   ? 16.032  -7.522  -6.848  1.00 39.93  ? 316 HOH A O   1 
HETATM 1562 O O   . HOH B 2 .   ? -8.723  -1.288  -5.615  1.00 30.27  ? 317 HOH A O   1 
HETATM 1563 O O   . HOH B 2 .   ? -18.626 -10.663 0.721   1.00 35.47  ? 318 HOH A O   1 
HETATM 1564 O O   . HOH B 2 .   ? 8.938   5.435   10.980  1.00 52.12  ? 319 HOH A O   1 
HETATM 1565 O O   . HOH B 2 .   ? -3.038  2.978   -16.858 1.00 33.53  ? 320 HOH A O   1 
HETATM 1566 O O   . HOH B 2 .   ? 4.303   4.075   11.433  1.00 37.52  ? 321 HOH A O   1 
HETATM 1567 O O   . HOH B 2 .   ? -16.148 6.060   -10.588 1.00 30.96  ? 322 HOH A O   1 
HETATM 1568 O O   . HOH B 2 .   ? -11.898 2.000   -12.969 1.00 33.05  ? 323 HOH A O   1 
HETATM 1569 O O   . HOH B 2 .   ? 4.074   11.604  15.971  1.00 31.94  ? 324 HOH A O   1 
HETATM 1570 O O   . HOH B 2 .   ? 13.361  6.404   -9.466  1.00 37.39  ? 325 HOH A O   1 
HETATM 1571 O O   . HOH B 2 .   ? -10.680 10.377  9.343   1.00 45.88  ? 326 HOH A O   1 
HETATM 1572 O O   . HOH B 2 .   ? 17.067  13.930  -5.913  1.00 40.54  ? 327 HOH A O   1 
HETATM 1573 O O   . HOH B 2 .   ? 18.344  11.479  -2.549  1.00 51.22  ? 328 HOH A O   1 
HETATM 1574 O O   . HOH B 2 .   ? -13.064 -1.686  -0.145  1.00 39.50  ? 329 HOH A O   1 
HETATM 1575 O O   . HOH B 2 .   ? -12.737 -11.027 10.126  1.00 33.44  ? 330 HOH A O   1 
HETATM 1576 O O   . HOH B 2 .   ? 8.166   15.282  3.902   1.00 34.48  ? 331 HOH A O   1 
HETATM 1577 O O   . HOH B 2 .   ? -0.886  12.423  18.642  1.00 45.27  ? 332 HOH A O   1 
HETATM 1578 O O   . HOH B 2 .   ? -6.889  -16.117 21.601  1.00 42.49  ? 333 HOH A O   1 
HETATM 1579 O O   . HOH B 2 .   ? -15.086 10.109  -4.997  1.00 43.37  ? 334 HOH A O   1 
HETATM 1580 O O   . HOH B 2 .   ? -12.228 -12.566 20.837  1.00 34.37  ? 335 HOH A O   1 
HETATM 1581 O O   . HOH B 2 .   ? -7.259  -13.645 22.469  1.00 40.82  ? 336 HOH A O   1 
HETATM 1582 O O   . HOH B 2 .   ? 1.904   8.440   18.189  1.00 46.85  ? 337 HOH A O   1 
HETATM 1583 O O   . HOH B 2 .   ? -4.006  -17.181 6.016   1.00 46.91  ? 338 HOH A O   1 
HETATM 1584 O O   . HOH B 2 .   ? 14.682  -13.123 -8.348  1.00 45.77  ? 339 HOH A O   1 
HETATM 1585 O O   . HOH B 2 .   ? 6.616   -15.220 15.544  1.00 40.21  ? 340 HOH A O   1 
HETATM 1586 O O   . HOH B 2 .   ? 13.912  -13.977 2.664   1.00 41.65  ? 341 HOH A O   1 
HETATM 1587 O O   . HOH B 2 .   ? -16.933 -3.998  5.385   1.00 43.55  ? 342 HOH A O   1 
HETATM 1588 O O   . HOH B 2 .   ? -13.898 1.386   6.674   1.00 37.12  ? 343 HOH A O   1 
HETATM 1589 O O   . HOH B 2 .   ? 2.387   -18.414 2.911   1.00 54.59  ? 344 HOH A O   1 
HETATM 1590 O O   . HOH B 2 .   ? 9.275   0.551   10.242  1.00 60.54  ? 345 HOH A O   1 
HETATM 1591 O O   . HOH B 2 .   ? -21.326 0.599   5.097   1.00 50.54  ? 346 HOH A O   1 
HETATM 1592 O O   . HOH B 2 .   ? 0.661   -3.955  -14.722 1.00 41.11  ? 347 HOH A O   1 
HETATM 1593 O O   . HOH B 2 .   ? 18.415  1.603   -1.642  1.00 46.20  ? 348 HOH A O   1 
HETATM 1594 O O   . HOH B 2 .   ? -4.466  -14.472 -2.268  1.00 50.26  ? 349 HOH A O   1 
HETATM 1595 O O   . HOH B 2 .   ? -8.303  -11.218 -17.932 1.00 52.53  ? 350 HOH A O   1 
HETATM 1596 O O   . HOH B 2 .   ? 15.063  11.869  -10.586 1.00 58.69  ? 351 HOH A O   1 
HETATM 1597 O O   . HOH B 2 .   ? -12.292 18.509  5.950   1.00 57.76  ? 352 HOH A O   1 
HETATM 1598 O O   . HOH B 2 .   ? -15.358 5.767   -7.471  1.00 44.65  ? 353 HOH A O   1 
HETATM 1599 O O   . HOH B 2 .   ? 7.420   13.688  -14.433 1.00 56.59  ? 354 HOH A O   1 
HETATM 1600 O O   . HOH B 2 .   ? -15.865 1.043   -6.914  1.00 44.69  ? 355 HOH A O   1 
HETATM 1601 O O   . HOH B 2 .   ? -1.715  14.601  -14.718 1.00 50.45  ? 356 HOH A O   1 
HETATM 1602 O O   . HOH B 2 .   ? 16.328  7.181   -9.471  1.00 60.18  ? 357 HOH A O   1 
HETATM 1603 O O   . HOH B 2 .   ? 19.141  6.953   -1.469  1.00 45.09  ? 358 HOH A O   1 
HETATM 1604 O O   . HOH B 2 .   ? 15.449  -9.290  -3.624  1.00 69.56  ? 359 HOH A O   1 
HETATM 1605 O O   . HOH B 2 .   ? -7.396  -4.735  -15.868 1.00 56.63  ? 360 HOH A O   1 
HETATM 1606 O O   . HOH B 2 .   ? -11.116 -3.415  -10.493 1.00 45.35  ? 361 HOH A O   1 
HETATM 1607 O O   . HOH B 2 .   ? -4.524  -11.837 -18.483 1.00 60.13  ? 362 HOH A O   1 
HETATM 1608 O O   . HOH B 2 .   ? -13.238 7.898   -8.694  1.00 55.95  ? 363 HOH A O   1 
HETATM 1609 O O   . HOH B 2 .   ? -0.729  -1.223  -17.856 1.00 70.33  ? 364 HOH A O   1 
HETATM 1610 O O   . HOH B 2 .   ? -5.303  15.554  10.642  1.00 49.75  ? 365 HOH A O   1 
# 
loop_
_pdbx_poly_seq_scheme.asym_id 
_pdbx_poly_seq_scheme.entity_id 
_pdbx_poly_seq_scheme.seq_id 
_pdbx_poly_seq_scheme.mon_id 
_pdbx_poly_seq_scheme.ndb_seq_num 
_pdbx_poly_seq_scheme.pdb_seq_num 
_pdbx_poly_seq_scheme.auth_seq_num 
_pdbx_poly_seq_scheme.pdb_mon_id 
_pdbx_poly_seq_scheme.auth_mon_id 
_pdbx_poly_seq_scheme.pdb_strand_id 
_pdbx_poly_seq_scheme.pdb_ins_code 
_pdbx_poly_seq_scheme.hetero 
A 1 1   MET 1   -13 ?   ?   ?   A . n 
A 1 2   ARG 2   -12 ?   ?   ?   A . n 
A 1 3   GLY 3   -11 ?   ?   ?   A . n 
A 1 4   SER 4   -10 ?   ?   ?   A . n 
A 1 5   HIS 5   -9  ?   ?   ?   A . n 
A 1 6   HIS 6   -8  ?   ?   ?   A . n 
A 1 7   HIS 7   -7  ?   ?   ?   A . n 
A 1 8   HIS 8   -6  ?   ?   ?   A . n 
A 1 9   HIS 9   -5  ?   ?   ?   A . n 
A 1 10  HIS 10  -4  ?   ?   ?   A . n 
A 1 11  GLY 11  -3  ?   ?   ?   A . n 
A 1 12  SER 12  -2  ?   ?   ?   A . n 
A 1 13  VAL 13  -1  ?   ?   ?   A . n 
A 1 14  GLU 14  0   ?   ?   ?   A . n 
A 1 15  TYR 15  1   1   TYR ALA A . n 
A 1 16  THR 16  2   2   THR THR A . n 
A 1 17  PRO 17  3   3   PRO PRO A . n 
A 1 18  TRP 18  4   4   TRP TRP A . n 
A 1 19  LEU 19  5   5   LEU LEU A . n 
A 1 20  ILE 20  6   6   ILE ILE A . n 
A 1 21  ALA 21  7   7   ALA ALA A . n 
A 1 22  GLY 22  8   8   GLY GLY A . n 
A 1 23  LEU 23  9   9   LEU LEU A . n 
A 1 24  GLY 24  10  10  GLY GLY A . n 
A 1 25  ASN 25  11  11  ASN ASN A . n 
A 1 26  PRO 26  12  12  PRO PRO A . n 
A 1 27  GLY 27  13  13  GLY GLY A . n 
A 1 28  ASN 28  14  14  ASN ASN A . n 
A 1 29  LYS 29  15  15  LYS LYS A . n 
A 1 30  TYR 30  16  16  TYR TYR A . n 
A 1 31  TYR 31  17  17  TYR TYR A . n 
A 1 32  GLY 32  18  18  GLY GLY A . n 
A 1 33  THR 33  19  19  THR THR A . n 
A 1 34  ARG 34  20  20  ARG ARG A . n 
A 1 35  HIS 35  21  21  HIS HIS A . n 
A 1 36  ASN 36  22  22  ASN ASN A . n 
A 1 37  VAL 37  23  23  VAL VAL A . n 
A 1 38  GLY 38  24  24  GLY GLY A . n 
A 1 39  PHE 39  25  25  PHE PHE A . n 
A 1 40  GLU 40  26  26  GLU GLU A . n 
A 1 41  MET 41  27  27  MET MET A . n 
A 1 42  VAL 42  28  28  VAL VAL A . n 
A 1 43  ASP 43  29  29  ASP ASP A . n 
A 1 44  ARG 44  30  30  ARG ARG A . n 
A 1 45  ILE 45  31  31  ILE ILE A . n 
A 1 46  ALA 46  32  32  ALA ALA A . n 
A 1 47  ALA 47  33  33  ALA ALA A . n 
A 1 48  GLU 48  34  34  GLU GLU A . n 
A 1 49  GLU 49  35  35  GLU GLU A . n 
A 1 50  GLY 50  36  36  GLY GLY A . n 
A 1 51  ILE 51  37  37  ILE ILE A . n 
A 1 52  THR 52  38  38  THR THR A . n 
A 1 53  MET 53  39  39  MET MET A . n 
A 1 54  ASN 54  40  40  ASN ASN A . n 
A 1 55  THR 55  41  41  THR THR A . n 
A 1 56  ILE 56  42  42  ILE ILE A . n 
A 1 57  GLN 57  43  43  GLN GLN A . n 
A 1 58  SER 58  44  44  SER SER A . n 
A 1 59  LYS 59  45  45  LYS LYS A . n 
A 1 60  SER 60  46  46  SER SER A . n 
A 1 61  LEU 61  47  47  LEU LEU A . n 
A 1 62  LEU 62  48  48  LEU LEU A . n 
A 1 63  GLY 63  49  49  GLY GLY A . n 
A 1 64  ILE 64  50  50  ILE ILE A . n 
A 1 65  GLY 65  51  51  GLY GLY A . n 
A 1 66  SER 66  52  52  SER SER A . n 
A 1 67  ILE 67  53  53  ILE ILE A . n 
A 1 68  GLY 68  54  54  GLY GLY A . n 
A 1 69  GLU 69  55  55  GLU GLU A . n 
A 1 70  VAL 70  56  56  VAL VAL A . n 
A 1 71  PRO 71  57  57  PRO PRO A . n 
A 1 72  VAL 72  58  58  VAL VAL A . n 
A 1 73  LEU 73  59  59  LEU LEU A . n 
A 1 74  VAL 74  60  60  VAL VAL A . n 
A 1 75  VAL 75  61  61  VAL VAL A . n 
A 1 76  LYS 76  62  62  LYS LYS A . n 
A 1 77  PRO 77  63  63  PRO PRO A . n 
A 1 78  GLN 78  64  64  GLN GLN A . n 
A 1 79  SER 79  65  65  SER SER A . n 
A 1 80  TYR 80  66  66  TYR TYR A . n 
A 1 81  MET 81  67  67  MET MET A . n 
A 1 82  ASN 82  68  68  ASN ASN A . n 
A 1 83  TYR 83  69  69  TYR TYR A . n 
A 1 84  SER 84  70  70  SER SER A . n 
A 1 85  GLY 85  71  71  GLY GLY A . n 
A 1 86  GLU 86  72  72  GLU GLU A . n 
A 1 87  ALA 87  73  73  ALA ALA A . n 
A 1 88  ILE 88  74  74  ILE ILE A . n 
A 1 89  GLY 89  75  75  GLY GLY A . n 
A 1 90  PRO 90  76  76  PRO PRO A . n 
A 1 91  LEU 91  77  77  LEU LEU A . n 
A 1 92  ALA 92  78  78  ALA ALA A . n 
A 1 93  ALA 93  79  79  ALA ALA A . n 
A 1 94  TYR 94  80  80  TYR TYR A . n 
A 1 95  TYR 95  81  81  TYR TYR A . n 
A 1 96  GLN 96  82  82  GLN GLN A . n 
A 1 97  VAL 97  83  83  VAL VAL A . n 
A 1 98  PRO 98  84  84  PRO PRO A . n 
A 1 99  LEU 99  85  85  LEU LEU A . n 
A 1 100 ARG 100 86  86  ARG ARG A . n 
A 1 101 HIS 101 87  87  HIS HIS A . n 
A 1 102 ILE 102 88  88  ILE ILE A . n 
A 1 103 LEU 103 89  89  LEU LEU A . n 
A 1 104 LEU 104 90  90  LEU LEU A . n 
A 1 105 ILE 105 91  91  ILE ILE A . n 
A 1 106 TYR 106 92  92  TYR TYR A . n 
A 1 107 ASP 107 93  93  ASP ASP A . n 
A 1 108 ASP 108 94  94  ASP ASP A . n 
A 1 109 THR 109 95  95  THR THR A . n 
A 1 110 SER 110 96  96  SER SER A . n 
A 1 111 LEU 111 97  97  LEU LEU A . n 
A 1 112 PRO 112 98  98  PRO PRO A . n 
A 1 113 ASN 113 99  99  ASN ASN A . n 
A 1 114 GLY 114 100 100 GLY GLY A . n 
A 1 115 VAL 115 101 101 VAL VAL A . n 
A 1 116 LEU 116 102 102 LEU LEU A . n 
A 1 117 ARG 117 103 103 ARG ARG A . n 
A 1 118 LEU 118 104 104 LEU LEU A . n 
A 1 119 GLN 119 105 105 GLN GLN A . n 
A 1 120 LYS 120 106 106 LYS LYS A . n 
A 1 121 LYS 121 107 107 LYS LYS A . n 
A 1 122 GLY 122 108 108 GLY GLY A . n 
A 1 123 GLY 123 109 109 GLY GLY A . n 
A 1 124 HIS 124 110 110 HIS HIS A . n 
A 1 125 GLY 125 111 111 GLY GLY A . n 
A 1 126 ARG 126 112 112 ARG ARG A . n 
A 1 127 HIS 127 113 113 HIS HIS A . n 
A 1 128 ASN 128 114 114 ASN ASN A . n 
A 1 129 GLY 129 115 115 GLY GLY A . n 
A 1 130 LEU 130 116 116 LEU LEU A . n 
A 1 131 GLN 131 117 117 GLN GLN A . n 
A 1 132 ASN 132 118 118 ASN ASN A . n 
A 1 133 VAL 133 119 119 VAL VAL A . n 
A 1 134 ILE 134 120 120 ILE ILE A . n 
A 1 135 GLU 135 121 121 GLU GLU A . n 
A 1 136 HIS 136 122 122 HIS HIS A . n 
A 1 137 LEU 137 123 123 LEU LEU A . n 
A 1 138 ASP 138 124 124 ASP ASP A . n 
A 1 139 GLY 139 125 125 GLY GLY A . n 
A 1 140 ARG 140 126 126 ARG ARG A . n 
A 1 141 ARG 141 127 127 ARG ARG A . n 
A 1 142 GLU 142 128 128 GLU GLU A . n 
A 1 143 PHE 143 129 129 PHE PHE A . n 
A 1 144 PRO 144 130 130 PRO PRO A . n 
A 1 145 ARG 145 131 131 ARG ARG A . n 
A 1 146 LEU 146 132 132 LEU LEU A . n 
A 1 147 SER 147 133 133 SER SER A . n 
A 1 148 ILE 148 134 134 ILE ILE A . n 
A 1 149 GLY 149 135 135 GLY GLY A . n 
A 1 150 ILE 150 136 136 ILE ILE A . n 
A 1 151 GLY 151 137 137 GLY GLY A . n 
A 1 152 SER 152 138 138 SER SER A . n 
A 1 153 PRO 153 139 139 PRO PRO A . n 
A 1 154 PRO 154 140 140 PRO PRO A . n 
A 1 155 GLY 155 141 141 GLY GLY A . n 
A 1 156 LYS 156 142 142 LYS LYS A . n 
A 1 157 MET 157 143 143 MET MET A . n 
A 1 158 ASP 158 144 144 ASP ASP A . n 
A 1 159 PRO 159 145 145 PRO PRO A . n 
A 1 160 ARG 160 146 146 ARG ARG A . n 
A 1 161 ALA 161 147 147 ALA ALA A . n 
A 1 162 PHE 162 148 148 PHE PHE A . n 
A 1 163 LEU 163 149 149 LEU LEU A . n 
A 1 164 LEU 164 150 150 LEU LEU A . n 
A 1 165 GLN 165 151 151 GLN GLN A . n 
A 1 166 LYS 166 152 152 LYS LYS A . n 
A 1 167 PHE 167 153 153 PHE PHE A . n 
A 1 168 SER 168 154 154 SER SER A . n 
A 1 169 SER 169 155 155 SER SER A . n 
A 1 170 GLU 170 156 156 GLU GLU A . n 
A 1 171 GLU 171 157 157 GLU GLU A . n 
A 1 172 ARG 172 158 158 ARG ARG A . n 
A 1 173 VAL 173 159 159 VAL VAL A . n 
A 1 174 GLN 174 160 160 GLN GLN A . n 
A 1 175 ILE 175 161 161 ILE ILE A . n 
A 1 176 ASP 176 162 162 ASP ASP A . n 
A 1 177 THR 177 163 163 THR THR A . n 
A 1 178 ALA 178 164 164 ALA ALA A . n 
A 1 179 LEU 179 165 165 LEU LEU A . n 
A 1 180 GLU 180 166 166 GLU GLU A . n 
A 1 181 GLN 181 167 167 GLN GLN A . n 
A 1 182 GLY 182 168 168 GLY GLY A . n 
A 1 183 VAL 183 169 169 VAL VAL A . n 
A 1 184 ASP 184 170 170 ASP ASP A . n 
A 1 185 ALA 185 171 171 ALA ALA A . n 
A 1 186 VAL 186 172 172 VAL VAL A . n 
A 1 187 ARG 187 173 173 ARG ARG A . n 
A 1 188 THR 188 174 174 THR THR A . n 
A 1 189 LEU 189 175 175 LEU LEU A . n 
A 1 190 VAL 190 176 176 VAL VAL A . n 
A 1 191 LEU 191 177 177 LEU LEU A . n 
A 1 192 LYS 192 178 178 LYS LYS A . n 
A 1 193 GLY 193 179 179 GLY GLY A . n 
A 1 194 PHE 194 180 ?   ?   ?   A . n 
A 1 195 SER 195 181 ?   ?   ?   A . n 
A 1 196 GLY 196 182 ?   ?   ?   A . n 
A 1 197 SER 197 183 ?   ?   ?   A . n 
A 1 198 THR 198 184 ?   ?   ?   A . n 
A 1 199 GLU 199 185 185 GLU GLU A . n 
A 1 200 ARG 200 186 186 ARG ARG A . n 
A 1 201 PHE 201 187 187 PHE PHE A . n 
A 1 202 ASN 202 188 188 ASN ASN A . n 
A 1 203 LEU 203 189 189 LEU LEU A . n 
A 1 204 VAL 204 190 190 VAL VAL A . n 
A 1 205 GLN 205 191 191 GLN GLN A . n 
# 
loop_
_pdbx_nonpoly_scheme.asym_id 
_pdbx_nonpoly_scheme.entity_id 
_pdbx_nonpoly_scheme.mon_id 
_pdbx_nonpoly_scheme.ndb_seq_num 
_pdbx_nonpoly_scheme.pdb_seq_num 
_pdbx_nonpoly_scheme.auth_seq_num 
_pdbx_nonpoly_scheme.pdb_mon_id 
_pdbx_nonpoly_scheme.auth_mon_id 
_pdbx_nonpoly_scheme.pdb_strand_id 
_pdbx_nonpoly_scheme.pdb_ins_code 
B 2 HOH 1   202 202 HOH HOH A . 
B 2 HOH 2   203 203 HOH HOH A . 
B 2 HOH 3   204 204 HOH HOH A . 
B 2 HOH 4   205 205 HOH HOH A . 
B 2 HOH 5   206 206 HOH HOH A . 
B 2 HOH 6   207 207 HOH HOH A . 
B 2 HOH 7   208 208 HOH HOH A . 
B 2 HOH 8   209 209 HOH HOH A . 
B 2 HOH 9   210 210 HOH HOH A . 
B 2 HOH 10  211 211 HOH HOH A . 
B 2 HOH 11  212 212 HOH HOH A . 
B 2 HOH 12  213 213 HOH HOH A . 
B 2 HOH 13  214 214 HOH HOH A . 
B 2 HOH 14  215 215 HOH HOH A . 
B 2 HOH 15  216 216 HOH HOH A . 
B 2 HOH 16  217 217 HOH HOH A . 
B 2 HOH 17  218 218 HOH HOH A . 
B 2 HOH 18  219 219 HOH HOH A . 
B 2 HOH 19  220 220 HOH HOH A . 
B 2 HOH 20  221 221 HOH HOH A . 
B 2 HOH 21  222 222 HOH HOH A . 
B 2 HOH 22  223 223 HOH HOH A . 
B 2 HOH 23  224 224 HOH HOH A . 
B 2 HOH 24  225 225 HOH HOH A . 
B 2 HOH 25  226 226 HOH HOH A . 
B 2 HOH 26  227 227 HOH HOH A . 
B 2 HOH 27  228 228 HOH HOH A . 
B 2 HOH 28  229 229 HOH HOH A . 
B 2 HOH 29  230 230 HOH HOH A . 
B 2 HOH 30  231 231 HOH HOH A . 
B 2 HOH 31  232 232 HOH HOH A . 
B 2 HOH 32  233 233 HOH HOH A . 
B 2 HOH 33  234 234 HOH HOH A . 
B 2 HOH 34  235 235 HOH HOH A . 
B 2 HOH 35  236 236 HOH HOH A . 
B 2 HOH 36  237 237 HOH HOH A . 
B 2 HOH 37  238 238 HOH HOH A . 
B 2 HOH 38  239 239 HOH HOH A . 
B 2 HOH 39  240 240 HOH HOH A . 
B 2 HOH 40  241 241 HOH HOH A . 
B 2 HOH 41  242 242 HOH HOH A . 
B 2 HOH 42  243 243 HOH HOH A . 
B 2 HOH 43  244 244 HOH HOH A . 
B 2 HOH 44  245 245 HOH HOH A . 
B 2 HOH 45  246 246 HOH HOH A . 
B 2 HOH 46  247 247 HOH HOH A . 
B 2 HOH 47  248 248 HOH HOH A . 
B 2 HOH 48  249 249 HOH HOH A . 
B 2 HOH 49  250 250 HOH HOH A . 
B 2 HOH 50  251 251 HOH HOH A . 
B 2 HOH 51  252 252 HOH HOH A . 
B 2 HOH 52  253 253 HOH HOH A . 
B 2 HOH 53  254 254 HOH HOH A . 
B 2 HOH 54  255 255 HOH HOH A . 
B 2 HOH 55  256 256 HOH HOH A . 
B 2 HOH 56  257 257 HOH HOH A . 
B 2 HOH 57  258 258 HOH HOH A . 
B 2 HOH 58  259 259 HOH HOH A . 
B 2 HOH 59  260 260 HOH HOH A . 
B 2 HOH 60  261 261 HOH HOH A . 
B 2 HOH 61  262 262 HOH HOH A . 
B 2 HOH 62  263 263 HOH HOH A . 
B 2 HOH 63  264 264 HOH HOH A . 
B 2 HOH 64  265 265 HOH HOH A . 
B 2 HOH 65  266 266 HOH HOH A . 
B 2 HOH 66  267 267 HOH HOH A . 
B 2 HOH 67  268 268 HOH HOH A . 
B 2 HOH 68  269 269 HOH HOH A . 
B 2 HOH 69  270 270 HOH HOH A . 
B 2 HOH 70  271 271 HOH HOH A . 
B 2 HOH 71  272 272 HOH HOH A . 
B 2 HOH 72  273 273 HOH HOH A . 
B 2 HOH 73  274 274 HOH HOH A . 
B 2 HOH 74  275 275 HOH HOH A . 
B 2 HOH 75  276 276 HOH HOH A . 
B 2 HOH 76  277 277 HOH HOH A . 
B 2 HOH 77  278 278 HOH HOH A . 
B 2 HOH 78  279 279 HOH HOH A . 
B 2 HOH 79  280 280 HOH HOH A . 
B 2 HOH 80  281 281 HOH HOH A . 
B 2 HOH 81  282 282 HOH HOH A . 
B 2 HOH 82  283 283 HOH HOH A . 
B 2 HOH 83  284 284 HOH HOH A . 
B 2 HOH 84  285 285 HOH HOH A . 
B 2 HOH 85  286 286 HOH HOH A . 
B 2 HOH 86  287 287 HOH HOH A . 
B 2 HOH 87  288 288 HOH HOH A . 
B 2 HOH 88  289 289 HOH HOH A . 
B 2 HOH 89  290 290 HOH HOH A . 
B 2 HOH 90  291 291 HOH HOH A . 
B 2 HOH 91  292 292 HOH HOH A . 
B 2 HOH 92  293 293 HOH HOH A . 
B 2 HOH 93  294 294 HOH HOH A . 
B 2 HOH 94  295 295 HOH HOH A . 
B 2 HOH 95  296 296 HOH HOH A . 
B 2 HOH 96  297 297 HOH HOH A . 
B 2 HOH 97  298 298 HOH HOH A . 
B 2 HOH 98  299 299 HOH HOH A . 
B 2 HOH 99  300 300 HOH HOH A . 
B 2 HOH 100 301 301 HOH HOH A . 
B 2 HOH 101 302 302 HOH HOH A . 
B 2 HOH 102 303 303 HOH HOH A . 
B 2 HOH 103 304 304 HOH HOH A . 
B 2 HOH 104 305 305 HOH HOH A . 
B 2 HOH 105 306 306 HOH HOH A . 
B 2 HOH 106 307 307 HOH HOH A . 
B 2 HOH 107 308 308 HOH HOH A . 
B 2 HOH 108 309 309 HOH HOH A . 
B 2 HOH 109 310 310 HOH HOH A . 
B 2 HOH 110 311 311 HOH HOH A . 
B 2 HOH 111 312 312 HOH HOH A . 
B 2 HOH 112 313 313 HOH HOH A . 
B 2 HOH 113 314 314 HOH HOH A . 
B 2 HOH 114 315 315 HOH HOH A . 
B 2 HOH 115 316 316 HOH HOH A . 
B 2 HOH 116 317 317 HOH HOH A . 
B 2 HOH 117 318 318 HOH HOH A . 
B 2 HOH 118 319 319 HOH HOH A . 
B 2 HOH 119 320 320 HOH HOH A . 
B 2 HOH 120 321 321 HOH HOH A . 
B 2 HOH 121 322 322 HOH HOH A . 
B 2 HOH 122 323 323 HOH HOH A . 
B 2 HOH 123 324 324 HOH HOH A . 
B 2 HOH 124 325 325 HOH HOH A . 
B 2 HOH 125 326 326 HOH HOH A . 
B 2 HOH 126 327 327 HOH HOH A . 
B 2 HOH 127 328 328 HOH HOH A . 
B 2 HOH 128 329 329 HOH HOH A . 
B 2 HOH 129 330 330 HOH HOH A . 
B 2 HOH 130 331 331 HOH HOH A . 
B 2 HOH 131 332 332 HOH HOH A . 
B 2 HOH 132 333 333 HOH HOH A . 
B 2 HOH 133 334 334 HOH HOH A . 
B 2 HOH 134 335 335 HOH HOH A . 
B 2 HOH 135 336 336 HOH HOH A . 
B 2 HOH 136 337 337 HOH HOH A . 
B 2 HOH 137 338 338 HOH HOH A . 
B 2 HOH 138 339 339 HOH HOH A . 
B 2 HOH 139 340 340 HOH HOH A . 
B 2 HOH 140 341 341 HOH HOH A . 
B 2 HOH 141 342 342 HOH HOH A . 
B 2 HOH 142 343 343 HOH HOH A . 
B 2 HOH 143 344 344 HOH HOH A . 
B 2 HOH 144 345 345 HOH HOH A . 
B 2 HOH 145 346 346 HOH HOH A . 
B 2 HOH 146 347 347 HOH HOH A . 
B 2 HOH 147 348 348 HOH HOH A . 
B 2 HOH 148 349 349 HOH HOH A . 
B 2 HOH 149 350 350 HOH HOH A . 
B 2 HOH 150 351 351 HOH HOH A . 
B 2 HOH 151 352 352 HOH HOH A . 
B 2 HOH 152 353 353 HOH HOH A . 
B 2 HOH 153 354 354 HOH HOH A . 
B 2 HOH 154 355 355 HOH HOH A . 
B 2 HOH 155 356 356 HOH HOH A . 
B 2 HOH 156 357 357 HOH HOH A . 
B 2 HOH 157 358 358 HOH HOH A . 
B 2 HOH 158 359 359 HOH HOH A . 
B 2 HOH 159 360 360 HOH HOH A . 
B 2 HOH 160 361 361 HOH HOH A . 
B 2 HOH 161 362 362 HOH HOH A . 
B 2 HOH 162 363 363 HOH HOH A . 
B 2 HOH 163 364 364 HOH HOH A . 
B 2 HOH 164 365 365 HOH HOH A . 
# 
_pdbx_struct_assembly.id                   1 
_pdbx_struct_assembly.details              author_defined_assembly 
_pdbx_struct_assembly.method_details       ? 
_pdbx_struct_assembly.oligomeric_details   monomeric 
_pdbx_struct_assembly.oligomeric_count     1 
# 
_pdbx_struct_assembly_gen.assembly_id       1 
_pdbx_struct_assembly_gen.oper_expression   1 
_pdbx_struct_assembly_gen.asym_id_list      A,B 
# 
_pdbx_struct_oper_list.id                   1 
_pdbx_struct_oper_list.type                 'identity operation' 
_pdbx_struct_oper_list.name                 1_555 
_pdbx_struct_oper_list.symmetry_operation   x,y,z 
_pdbx_struct_oper_list.matrix[1][1]         1.0000000000 
_pdbx_struct_oper_list.matrix[1][2]         0.0000000000 
_pdbx_struct_oper_list.matrix[1][3]         0.0000000000 
_pdbx_struct_oper_list.vector[1]            0.0000000000 
_pdbx_struct_oper_list.matrix[2][1]         0.0000000000 
_pdbx_struct_oper_list.matrix[2][2]         1.0000000000 
_pdbx_struct_oper_list.matrix[2][3]         0.0000000000 
_pdbx_struct_oper_list.vector[2]            0.0000000000 
_pdbx_struct_oper_list.matrix[3][1]         0.0000000000 
_pdbx_struct_oper_list.matrix[3][2]         0.0000000000 
_pdbx_struct_oper_list.matrix[3][3]         1.0000000000 
_pdbx_struct_oper_list.vector[3]            0.0000000000 
# 
loop_
_pdbx_audit_revision_history.ordinal 
_pdbx_audit_revision_history.data_content_type 
_pdbx_audit_revision_history.major_revision 
_pdbx_audit_revision_history.minor_revision 
_pdbx_audit_revision_history.revision_date 
1 'Structure model' 1 0 2003-12-30 
2 'Structure model' 1 1 2008-04-29 
3 'Structure model' 1 2 2011-07-13 
4 'Structure model' 1 3 2023-08-23 
# 
_pdbx_audit_revision_details.ordinal             1 
_pdbx_audit_revision_details.revision_ordinal    1 
_pdbx_audit_revision_details.data_content_type   'Structure model' 
_pdbx_audit_revision_details.provider            repository 
_pdbx_audit_revision_details.type                'Initial release' 
_pdbx_audit_revision_details.description         ? 
_pdbx_audit_revision_details.details             ? 
# 
loop_
_pdbx_audit_revision_group.ordinal 
_pdbx_audit_revision_group.revision_ordinal 
_pdbx_audit_revision_group.data_content_type 
_pdbx_audit_revision_group.group 
1 2 'Structure model' 'Version format compliance' 
2 3 'Structure model' 'Version format compliance' 
3 4 'Structure model' 'Data collection'           
4 4 'Structure model' 'Database references'       
5 4 'Structure model' 'Refinement description'    
# 
loop_
_pdbx_audit_revision_category.ordinal 
_pdbx_audit_revision_category.revision_ordinal 
_pdbx_audit_revision_category.data_content_type 
_pdbx_audit_revision_category.category 
1 4 'Structure model' chem_comp_atom                
2 4 'Structure model' chem_comp_bond                
3 4 'Structure model' database_2                    
4 4 'Structure model' pdbx_initial_refinement_model 
5 4 'Structure model' struct_ref_seq_dif            
# 
loop_
_pdbx_audit_revision_item.ordinal 
_pdbx_audit_revision_item.revision_ordinal 
_pdbx_audit_revision_item.data_content_type 
_pdbx_audit_revision_item.item 
1 4 'Structure model' '_database_2.pdbx_DOI'                
2 4 'Structure model' '_database_2.pdbx_database_accession' 
3 4 'Structure model' '_struct_ref_seq_dif.details'         
# 
loop_
_software.name 
_software.classification 
_software.version 
_software.citation_id 
_software.pdbx_ordinal 
MOSFLM 'data reduction' .         ? 1 
SCALA  'data scaling'   .         ? 2 
EPMR   phasing          .         ? 3 
TNT    refinement       .         ? 4 
CCP4   'data scaling'   '(SCALA)' ? 5 
# 
loop_
_pdbx_validate_rmsd_bond.id 
_pdbx_validate_rmsd_bond.PDB_model_num 
_pdbx_validate_rmsd_bond.auth_atom_id_1 
_pdbx_validate_rmsd_bond.auth_asym_id_1 
_pdbx_validate_rmsd_bond.auth_comp_id_1 
_pdbx_validate_rmsd_bond.auth_seq_id_1 
_pdbx_validate_rmsd_bond.PDB_ins_code_1 
_pdbx_validate_rmsd_bond.label_alt_id_1 
_pdbx_validate_rmsd_bond.auth_atom_id_2 
_pdbx_validate_rmsd_bond.auth_asym_id_2 
_pdbx_validate_rmsd_bond.auth_comp_id_2 
_pdbx_validate_rmsd_bond.auth_seq_id_2 
_pdbx_validate_rmsd_bond.PDB_ins_code_2 
_pdbx_validate_rmsd_bond.label_alt_id_2 
_pdbx_validate_rmsd_bond.bond_value 
_pdbx_validate_rmsd_bond.bond_target_value 
_pdbx_validate_rmsd_bond.bond_deviation 
_pdbx_validate_rmsd_bond.bond_standard_deviation 
_pdbx_validate_rmsd_bond.linker_flag 
1 1 CD A GLU 55  ? ? OE2 A GLU 55  ? ? 1.334 1.252 0.082 0.011 N 
2 1 CD A GLU 121 ? ? OE2 A GLU 121 ? ? 1.344 1.252 0.092 0.011 N 
3 1 CD A GLU 128 ? ? OE2 A GLU 128 ? ? 1.337 1.252 0.085 0.011 N 
4 1 CD A GLU 157 ? ? OE2 A GLU 157 ? ? 1.324 1.252 0.072 0.011 N 
# 
loop_
_pdbx_validate_rmsd_angle.id 
_pdbx_validate_rmsd_angle.PDB_model_num 
_pdbx_validate_rmsd_angle.auth_atom_id_1 
_pdbx_validate_rmsd_angle.auth_asym_id_1 
_pdbx_validate_rmsd_angle.auth_comp_id_1 
_pdbx_validate_rmsd_angle.auth_seq_id_1 
_pdbx_validate_rmsd_angle.PDB_ins_code_1 
_pdbx_validate_rmsd_angle.label_alt_id_1 
_pdbx_validate_rmsd_angle.auth_atom_id_2 
_pdbx_validate_rmsd_angle.auth_asym_id_2 
_pdbx_validate_rmsd_angle.auth_comp_id_2 
_pdbx_validate_rmsd_angle.auth_seq_id_2 
_pdbx_validate_rmsd_angle.PDB_ins_code_2 
_pdbx_validate_rmsd_angle.label_alt_id_2 
_pdbx_validate_rmsd_angle.auth_atom_id_3 
_pdbx_validate_rmsd_angle.auth_asym_id_3 
_pdbx_validate_rmsd_angle.auth_comp_id_3 
_pdbx_validate_rmsd_angle.auth_seq_id_3 
_pdbx_validate_rmsd_angle.PDB_ins_code_3 
_pdbx_validate_rmsd_angle.label_alt_id_3 
_pdbx_validate_rmsd_angle.angle_value 
_pdbx_validate_rmsd_angle.angle_target_value 
_pdbx_validate_rmsd_angle.angle_deviation 
_pdbx_validate_rmsd_angle.angle_standard_deviation 
_pdbx_validate_rmsd_angle.linker_flag 
1  1 CB A ASP 29  ? ? CG A ASP 29  ? ? OD1 A ASP 29  ? ? 124.08 118.30 5.78  0.90 N 
2  1 CB A ASP 29  ? ? CG A ASP 29  ? ? OD2 A ASP 29  ? ? 112.83 118.30 -5.47 0.90 N 
3  1 NE A ARG 30  ? ? CZ A ARG 30  ? ? NH1 A ARG 30  ? ? 124.26 120.30 3.96  0.50 N 
4  1 NE A ARG 86  ? ? CZ A ARG 86  ? ? NH1 A ARG 86  ? ? 123.70 120.30 3.40  0.50 N 
5  1 NE A ARG 86  ? ? CZ A ARG 86  ? ? NH2 A ARG 86  ? ? 117.10 120.30 -3.20 0.50 N 
6  1 CB A ASP 93  ? ? CG A ASP 93  ? ? OD1 A ASP 93  ? ? 125.18 118.30 6.88  0.90 N 
7  1 CB A ASP 93  ? ? CG A ASP 93  ? ? OD2 A ASP 93  ? ? 112.29 118.30 -6.01 0.90 N 
8  1 CB A ASP 94  ? ? CG A ASP 94  ? ? OD2 A ASP 94  ? ? 111.63 118.30 -6.67 0.90 N 
9  1 NE A ARG 112 ? ? CZ A ARG 112 ? ? NH2 A ARG 112 ? ? 117.26 120.30 -3.04 0.50 N 
10 1 CB A ASP 124 ? ? CG A ASP 124 ? ? OD1 A ASP 124 ? ? 124.05 118.30 5.75  0.90 N 
11 1 CB A ASP 124 ? ? CG A ASP 124 ? ? OD2 A ASP 124 ? ? 111.28 118.30 -7.02 0.90 N 
12 1 CB A ASP 144 ? ? CG A ASP 144 ? ? OD1 A ASP 144 ? ? 125.14 118.30 6.84  0.90 N 
13 1 CB A ASP 144 ? ? CG A ASP 144 ? ? OD2 A ASP 144 ? ? 110.96 118.30 -7.34 0.90 N 
14 1 NE A ARG 158 ? ? CZ A ARG 158 ? ? NH1 A ARG 158 ? ? 125.60 120.30 5.30  0.50 N 
15 1 CB A ASP 170 ? ? CG A ASP 170 ? ? OD1 A ASP 170 ? ? 127.27 118.30 8.97  0.90 N 
16 1 CB A ASP 170 ? ? CG A ASP 170 ? ? OD2 A ASP 170 ? ? 109.48 118.30 -8.82 0.90 N 
17 1 NE A ARG 173 ? ? CZ A ARG 173 ? ? NH1 A ARG 173 ? ? 123.69 120.30 3.39  0.50 N 
# 
loop_
_pdbx_validate_torsion.id 
_pdbx_validate_torsion.PDB_model_num 
_pdbx_validate_torsion.auth_comp_id 
_pdbx_validate_torsion.auth_asym_id 
_pdbx_validate_torsion.auth_seq_id 
_pdbx_validate_torsion.PDB_ins_code 
_pdbx_validate_torsion.label_alt_id 
_pdbx_validate_torsion.phi 
_pdbx_validate_torsion.psi 
1 1 TYR A 66  ? ? 83.54  149.33 
2 1 MET A 143 ? ? -38.65 138.77 
# 
loop_
_pdbx_unobs_or_zero_occ_atoms.id 
_pdbx_unobs_or_zero_occ_atoms.PDB_model_num 
_pdbx_unobs_or_zero_occ_atoms.polymer_flag 
_pdbx_unobs_or_zero_occ_atoms.occupancy_flag 
_pdbx_unobs_or_zero_occ_atoms.auth_asym_id 
_pdbx_unobs_or_zero_occ_atoms.auth_comp_id 
_pdbx_unobs_or_zero_occ_atoms.auth_seq_id 
_pdbx_unobs_or_zero_occ_atoms.PDB_ins_code 
_pdbx_unobs_or_zero_occ_atoms.auth_atom_id 
_pdbx_unobs_or_zero_occ_atoms.label_alt_id 
_pdbx_unobs_or_zero_occ_atoms.label_asym_id 
_pdbx_unobs_or_zero_occ_atoms.label_comp_id 
_pdbx_unobs_or_zero_occ_atoms.label_seq_id 
_pdbx_unobs_or_zero_occ_atoms.label_atom_id 
1 1 Y 1 A TYR 1 ? CG  ? A TYR 15 CG  
2 1 Y 1 A TYR 1 ? CD1 ? A TYR 15 CD1 
3 1 Y 1 A TYR 1 ? CD2 ? A TYR 15 CD2 
4 1 Y 1 A TYR 1 ? CE1 ? A TYR 15 CE1 
5 1 Y 1 A TYR 1 ? CE2 ? A TYR 15 CE2 
6 1 Y 1 A TYR 1 ? CZ  ? A TYR 15 CZ  
7 1 Y 1 A TYR 1 ? OH  ? A TYR 15 OH  
# 
loop_
_pdbx_unobs_or_zero_occ_residues.id 
_pdbx_unobs_or_zero_occ_residues.PDB_model_num 
_pdbx_unobs_or_zero_occ_residues.polymer_flag 
_pdbx_unobs_or_zero_occ_residues.occupancy_flag 
_pdbx_unobs_or_zero_occ_residues.auth_asym_id 
_pdbx_unobs_or_zero_occ_residues.auth_comp_id 
_pdbx_unobs_or_zero_occ_residues.auth_seq_id 
_pdbx_unobs_or_zero_occ_residues.PDB_ins_code 
_pdbx_unobs_or_zero_occ_residues.label_asym_id 
_pdbx_unobs_or_zero_occ_residues.label_comp_id 
_pdbx_unobs_or_zero_occ_residues.label_seq_id 
1  1 Y 1 A MET -13 ? A MET 1   
2  1 Y 1 A ARG -12 ? A ARG 2   
3  1 Y 1 A GLY -11 ? A GLY 3   
4  1 Y 1 A SER -10 ? A SER 4   
5  1 Y 1 A HIS -9  ? A HIS 5   
6  1 Y 1 A HIS -8  ? A HIS 6   
7  1 Y 1 A HIS -7  ? A HIS 7   
8  1 Y 1 A HIS -6  ? A HIS 8   
9  1 Y 1 A HIS -5  ? A HIS 9   
10 1 Y 1 A HIS -4  ? A HIS 10  
11 1 Y 1 A GLY -3  ? A GLY 11  
12 1 Y 1 A SER -2  ? A SER 12  
13 1 Y 1 A VAL -1  ? A VAL 13  
14 1 Y 1 A GLU 0   ? A GLU 14  
15 1 Y 1 A PHE 180 ? A PHE 194 
16 1 Y 1 A SER 181 ? A SER 195 
17 1 Y 1 A GLY 182 ? A GLY 196 
18 1 Y 1 A SER 183 ? A SER 197 
19 1 Y 1 A THR 184 ? A THR 198 
# 
loop_
_chem_comp_atom.comp_id 
_chem_comp_atom.atom_id 
_chem_comp_atom.type_symbol 
_chem_comp_atom.pdbx_aromatic_flag 
_chem_comp_atom.pdbx_stereo_config 
_chem_comp_atom.pdbx_ordinal 
ALA N    N N N 1   
ALA CA   C N S 2   
ALA C    C N N 3   
ALA O    O N N 4   
ALA CB   C N N 5   
ALA OXT  O N N 6   
ALA H    H N N 7   
ALA H2   H N N 8   
ALA HA   H N N 9   
ALA HB1  H N N 10  
ALA HB2  H N N 11  
ALA HB3  H N N 12  
ALA HXT  H N N 13  
ARG N    N N N 14  
ARG CA   C N S 15  
ARG C    C N N 16  
ARG O    O N N 17  
ARG CB   C N N 18  
ARG CG   C N N 19  
ARG CD   C N N 20  
ARG NE   N N N 21  
ARG CZ   C N N 22  
ARG NH1  N N N 23  
ARG NH2  N N N 24  
ARG OXT  O N N 25  
ARG H    H N N 26  
ARG H2   H N N 27  
ARG HA   H N N 28  
ARG HB2  H N N 29  
ARG HB3  H N N 30  
ARG HG2  H N N 31  
ARG HG3  H N N 32  
ARG HD2  H N N 33  
ARG HD3  H N N 34  
ARG HE   H N N 35  
ARG HH11 H N N 36  
ARG HH12 H N N 37  
ARG HH21 H N N 38  
ARG HH22 H N N 39  
ARG HXT  H N N 40  
ASN N    N N N 41  
ASN CA   C N S 42  
ASN C    C N N 43  
ASN O    O N N 44  
ASN CB   C N N 45  
ASN CG   C N N 46  
ASN OD1  O N N 47  
ASN ND2  N N N 48  
ASN OXT  O N N 49  
ASN H    H N N 50  
ASN H2   H N N 51  
ASN HA   H N N 52  
ASN HB2  H N N 53  
ASN HB3  H N N 54  
ASN HD21 H N N 55  
ASN HD22 H N N 56  
ASN HXT  H N N 57  
ASP N    N N N 58  
ASP CA   C N S 59  
ASP C    C N N 60  
ASP O    O N N 61  
ASP CB   C N N 62  
ASP CG   C N N 63  
ASP OD1  O N N 64  
ASP OD2  O N N 65  
ASP OXT  O N N 66  
ASP H    H N N 67  
ASP H2   H N N 68  
ASP HA   H N N 69  
ASP HB2  H N N 70  
ASP HB3  H N N 71  
ASP HD2  H N N 72  
ASP HXT  H N N 73  
GLN N    N N N 74  
GLN CA   C N S 75  
GLN C    C N N 76  
GLN O    O N N 77  
GLN CB   C N N 78  
GLN CG   C N N 79  
GLN CD   C N N 80  
GLN OE1  O N N 81  
GLN NE2  N N N 82  
GLN OXT  O N N 83  
GLN H    H N N 84  
GLN H2   H N N 85  
GLN HA   H N N 86  
GLN HB2  H N N 87  
GLN HB3  H N N 88  
GLN HG2  H N N 89  
GLN HG3  H N N 90  
GLN HE21 H N N 91  
GLN HE22 H N N 92  
GLN HXT  H N N 93  
GLU N    N N N 94  
GLU CA   C N S 95  
GLU C    C N N 96  
GLU O    O N N 97  
GLU CB   C N N 98  
GLU CG   C N N 99  
GLU CD   C N N 100 
GLU OE1  O N N 101 
GLU OE2  O N N 102 
GLU OXT  O N N 103 
GLU H    H N N 104 
GLU H2   H N N 105 
GLU HA   H N N 106 
GLU HB2  H N N 107 
GLU HB3  H N N 108 
GLU HG2  H N N 109 
GLU HG3  H N N 110 
GLU HE2  H N N 111 
GLU HXT  H N N 112 
GLY N    N N N 113 
GLY CA   C N N 114 
GLY C    C N N 115 
GLY O    O N N 116 
GLY OXT  O N N 117 
GLY H    H N N 118 
GLY H2   H N N 119 
GLY HA2  H N N 120 
GLY HA3  H N N 121 
GLY HXT  H N N 122 
HIS N    N N N 123 
HIS CA   C N S 124 
HIS C    C N N 125 
HIS O    O N N 126 
HIS CB   C N N 127 
HIS CG   C Y N 128 
HIS ND1  N Y N 129 
HIS CD2  C Y N 130 
HIS CE1  C Y N 131 
HIS NE2  N Y N 132 
HIS OXT  O N N 133 
HIS H    H N N 134 
HIS H2   H N N 135 
HIS HA   H N N 136 
HIS HB2  H N N 137 
HIS HB3  H N N 138 
HIS HD1  H N N 139 
HIS HD2  H N N 140 
HIS HE1  H N N 141 
HIS HE2  H N N 142 
HIS HXT  H N N 143 
HOH O    O N N 144 
HOH H1   H N N 145 
HOH H2   H N N 146 
ILE N    N N N 147 
ILE CA   C N S 148 
ILE C    C N N 149 
ILE O    O N N 150 
ILE CB   C N S 151 
ILE CG1  C N N 152 
ILE CG2  C N N 153 
ILE CD1  C N N 154 
ILE OXT  O N N 155 
ILE H    H N N 156 
ILE H2   H N N 157 
ILE HA   H N N 158 
ILE HB   H N N 159 
ILE HG12 H N N 160 
ILE HG13 H N N 161 
ILE HG21 H N N 162 
ILE HG22 H N N 163 
ILE HG23 H N N 164 
ILE HD11 H N N 165 
ILE HD12 H N N 166 
ILE HD13 H N N 167 
ILE HXT  H N N 168 
LEU N    N N N 169 
LEU CA   C N S 170 
LEU C    C N N 171 
LEU O    O N N 172 
LEU CB   C N N 173 
LEU CG   C N N 174 
LEU CD1  C N N 175 
LEU CD2  C N N 176 
LEU OXT  O N N 177 
LEU H    H N N 178 
LEU H2   H N N 179 
LEU HA   H N N 180 
LEU HB2  H N N 181 
LEU HB3  H N N 182 
LEU HG   H N N 183 
LEU HD11 H N N 184 
LEU HD12 H N N 185 
LEU HD13 H N N 186 
LEU HD21 H N N 187 
LEU HD22 H N N 188 
LEU HD23 H N N 189 
LEU HXT  H N N 190 
LYS N    N N N 191 
LYS CA   C N S 192 
LYS C    C N N 193 
LYS O    O N N 194 
LYS CB   C N N 195 
LYS CG   C N N 196 
LYS CD   C N N 197 
LYS CE   C N N 198 
LYS NZ   N N N 199 
LYS OXT  O N N 200 
LYS H    H N N 201 
LYS H2   H N N 202 
LYS HA   H N N 203 
LYS HB2  H N N 204 
LYS HB3  H N N 205 
LYS HG2  H N N 206 
LYS HG3  H N N 207 
LYS HD2  H N N 208 
LYS HD3  H N N 209 
LYS HE2  H N N 210 
LYS HE3  H N N 211 
LYS HZ1  H N N 212 
LYS HZ2  H N N 213 
LYS HZ3  H N N 214 
LYS HXT  H N N 215 
MET N    N N N 216 
MET CA   C N S 217 
MET C    C N N 218 
MET O    O N N 219 
MET CB   C N N 220 
MET CG   C N N 221 
MET SD   S N N 222 
MET CE   C N N 223 
MET OXT  O N N 224 
MET H    H N N 225 
MET H2   H N N 226 
MET HA   H N N 227 
MET HB2  H N N 228 
MET HB3  H N N 229 
MET HG2  H N N 230 
MET HG3  H N N 231 
MET HE1  H N N 232 
MET HE2  H N N 233 
MET HE3  H N N 234 
MET HXT  H N N 235 
PHE N    N N N 236 
PHE CA   C N S 237 
PHE C    C N N 238 
PHE O    O N N 239 
PHE CB   C N N 240 
PHE CG   C Y N 241 
PHE CD1  C Y N 242 
PHE CD2  C Y N 243 
PHE CE1  C Y N 244 
PHE CE2  C Y N 245 
PHE CZ   C Y N 246 
PHE OXT  O N N 247 
PHE H    H N N 248 
PHE H2   H N N 249 
PHE HA   H N N 250 
PHE HB2  H N N 251 
PHE HB3  H N N 252 
PHE HD1  H N N 253 
PHE HD2  H N N 254 
PHE HE1  H N N 255 
PHE HE2  H N N 256 
PHE HZ   H N N 257 
PHE HXT  H N N 258 
PRO N    N N N 259 
PRO CA   C N S 260 
PRO C    C N N 261 
PRO O    O N N 262 
PRO CB   C N N 263 
PRO CG   C N N 264 
PRO CD   C N N 265 
PRO OXT  O N N 266 
PRO H    H N N 267 
PRO HA   H N N 268 
PRO HB2  H N N 269 
PRO HB3  H N N 270 
PRO HG2  H N N 271 
PRO HG3  H N N 272 
PRO HD2  H N N 273 
PRO HD3  H N N 274 
PRO HXT  H N N 275 
SER N    N N N 276 
SER CA   C N S 277 
SER C    C N N 278 
SER O    O N N 279 
SER CB   C N N 280 
SER OG   O N N 281 
SER OXT  O N N 282 
SER H    H N N 283 
SER H2   H N N 284 
SER HA   H N N 285 
SER HB2  H N N 286 
SER HB3  H N N 287 
SER HG   H N N 288 
SER HXT  H N N 289 
THR N    N N N 290 
THR CA   C N S 291 
THR C    C N N 292 
THR O    O N N 293 
THR CB   C N R 294 
THR OG1  O N N 295 
THR CG2  C N N 296 
THR OXT  O N N 297 
THR H    H N N 298 
THR H2   H N N 299 
THR HA   H N N 300 
THR HB   H N N 301 
THR HG1  H N N 302 
THR HG21 H N N 303 
THR HG22 H N N 304 
THR HG23 H N N 305 
THR HXT  H N N 306 
TRP N    N N N 307 
TRP CA   C N S 308 
TRP C    C N N 309 
TRP O    O N N 310 
TRP CB   C N N 311 
TRP CG   C Y N 312 
TRP CD1  C Y N 313 
TRP CD2  C Y N 314 
TRP NE1  N Y N 315 
TRP CE2  C Y N 316 
TRP CE3  C Y N 317 
TRP CZ2  C Y N 318 
TRP CZ3  C Y N 319 
TRP CH2  C Y N 320 
TRP OXT  O N N 321 
TRP H    H N N 322 
TRP H2   H N N 323 
TRP HA   H N N 324 
TRP HB2  H N N 325 
TRP HB3  H N N 326 
TRP HD1  H N N 327 
TRP HE1  H N N 328 
TRP HE3  H N N 329 
TRP HZ2  H N N 330 
TRP HZ3  H N N 331 
TRP HH2  H N N 332 
TRP HXT  H N N 333 
TYR N    N N N 334 
TYR CA   C N S 335 
TYR C    C N N 336 
TYR O    O N N 337 
TYR CB   C N N 338 
TYR CG   C Y N 339 
TYR CD1  C Y N 340 
TYR CD2  C Y N 341 
TYR CE1  C Y N 342 
TYR CE2  C Y N 343 
TYR CZ   C Y N 344 
TYR OH   O N N 345 
TYR OXT  O N N 346 
TYR H    H N N 347 
TYR H2   H N N 348 
TYR HA   H N N 349 
TYR HB2  H N N 350 
TYR HB3  H N N 351 
TYR HD1  H N N 352 
TYR HD2  H N N 353 
TYR HE1  H N N 354 
TYR HE2  H N N 355 
TYR HH   H N N 356 
TYR HXT  H N N 357 
VAL N    N N N 358 
VAL CA   C N S 359 
VAL C    C N N 360 
VAL O    O N N 361 
VAL CB   C N N 362 
VAL CG1  C N N 363 
VAL CG2  C N N 364 
VAL OXT  O N N 365 
VAL H    H N N 366 
VAL H2   H N N 367 
VAL HA   H N N 368 
VAL HB   H N N 369 
VAL HG11 H N N 370 
VAL HG12 H N N 371 
VAL HG13 H N N 372 
VAL HG21 H N N 373 
VAL HG22 H N N 374 
VAL HG23 H N N 375 
VAL HXT  H N N 376 
# 
loop_
_chem_comp_bond.comp_id 
_chem_comp_bond.atom_id_1 
_chem_comp_bond.atom_id_2 
_chem_comp_bond.value_order 
_chem_comp_bond.pdbx_aromatic_flag 
_chem_comp_bond.pdbx_stereo_config 
_chem_comp_bond.pdbx_ordinal 
ALA N   CA   sing N N 1   
ALA N   H    sing N N 2   
ALA N   H2   sing N N 3   
ALA CA  C    sing N N 4   
ALA CA  CB   sing N N 5   
ALA CA  HA   sing N N 6   
ALA C   O    doub N N 7   
ALA C   OXT  sing N N 8   
ALA CB  HB1  sing N N 9   
ALA CB  HB2  sing N N 10  
ALA CB  HB3  sing N N 11  
ALA OXT HXT  sing N N 12  
ARG N   CA   sing N N 13  
ARG N   H    sing N N 14  
ARG N   H2   sing N N 15  
ARG CA  C    sing N N 16  
ARG CA  CB   sing N N 17  
ARG CA  HA   sing N N 18  
ARG C   O    doub N N 19  
ARG C   OXT  sing N N 20  
ARG CB  CG   sing N N 21  
ARG CB  HB2  sing N N 22  
ARG CB  HB3  sing N N 23  
ARG CG  CD   sing N N 24  
ARG CG  HG2  sing N N 25  
ARG CG  HG3  sing N N 26  
ARG CD  NE   sing N N 27  
ARG CD  HD2  sing N N 28  
ARG CD  HD3  sing N N 29  
ARG NE  CZ   sing N N 30  
ARG NE  HE   sing N N 31  
ARG CZ  NH1  sing N N 32  
ARG CZ  NH2  doub N N 33  
ARG NH1 HH11 sing N N 34  
ARG NH1 HH12 sing N N 35  
ARG NH2 HH21 sing N N 36  
ARG NH2 HH22 sing N N 37  
ARG OXT HXT  sing N N 38  
ASN N   CA   sing N N 39  
ASN N   H    sing N N 40  
ASN N   H2   sing N N 41  
ASN CA  C    sing N N 42  
ASN CA  CB   sing N N 43  
ASN CA  HA   sing N N 44  
ASN C   O    doub N N 45  
ASN C   OXT  sing N N 46  
ASN CB  CG   sing N N 47  
ASN CB  HB2  sing N N 48  
ASN CB  HB3  sing N N 49  
ASN CG  OD1  doub N N 50  
ASN CG  ND2  sing N N 51  
ASN ND2 HD21 sing N N 52  
ASN ND2 HD22 sing N N 53  
ASN OXT HXT  sing N N 54  
ASP N   CA   sing N N 55  
ASP N   H    sing N N 56  
ASP N   H2   sing N N 57  
ASP CA  C    sing N N 58  
ASP CA  CB   sing N N 59  
ASP CA  HA   sing N N 60  
ASP C   O    doub N N 61  
ASP C   OXT  sing N N 62  
ASP CB  CG   sing N N 63  
ASP CB  HB2  sing N N 64  
ASP CB  HB3  sing N N 65  
ASP CG  OD1  doub N N 66  
ASP CG  OD2  sing N N 67  
ASP OD2 HD2  sing N N 68  
ASP OXT HXT  sing N N 69  
GLN N   CA   sing N N 70  
GLN N   H    sing N N 71  
GLN N   H2   sing N N 72  
GLN CA  C    sing N N 73  
GLN CA  CB   sing N N 74  
GLN CA  HA   sing N N 75  
GLN C   O    doub N N 76  
GLN C   OXT  sing N N 77  
GLN CB  CG   sing N N 78  
GLN CB  HB2  sing N N 79  
GLN CB  HB3  sing N N 80  
GLN CG  CD   sing N N 81  
GLN CG  HG2  sing N N 82  
GLN CG  HG3  sing N N 83  
GLN CD  OE1  doub N N 84  
GLN CD  NE2  sing N N 85  
GLN NE2 HE21 sing N N 86  
GLN NE2 HE22 sing N N 87  
GLN OXT HXT  sing N N 88  
GLU N   CA   sing N N 89  
GLU N   H    sing N N 90  
GLU N   H2   sing N N 91  
GLU CA  C    sing N N 92  
GLU CA  CB   sing N N 93  
GLU CA  HA   sing N N 94  
GLU C   O    doub N N 95  
GLU C   OXT  sing N N 96  
GLU CB  CG   sing N N 97  
GLU CB  HB2  sing N N 98  
GLU CB  HB3  sing N N 99  
GLU CG  CD   sing N N 100 
GLU CG  HG2  sing N N 101 
GLU CG  HG3  sing N N 102 
GLU CD  OE1  doub N N 103 
GLU CD  OE2  sing N N 104 
GLU OE2 HE2  sing N N 105 
GLU OXT HXT  sing N N 106 
GLY N   CA   sing N N 107 
GLY N   H    sing N N 108 
GLY N   H2   sing N N 109 
GLY CA  C    sing N N 110 
GLY CA  HA2  sing N N 111 
GLY CA  HA3  sing N N 112 
GLY C   O    doub N N 113 
GLY C   OXT  sing N N 114 
GLY OXT HXT  sing N N 115 
HIS N   CA   sing N N 116 
HIS N   H    sing N N 117 
HIS N   H2   sing N N 118 
HIS CA  C    sing N N 119 
HIS CA  CB   sing N N 120 
HIS CA  HA   sing N N 121 
HIS C   O    doub N N 122 
HIS C   OXT  sing N N 123 
HIS CB  CG   sing N N 124 
HIS CB  HB2  sing N N 125 
HIS CB  HB3  sing N N 126 
HIS CG  ND1  sing Y N 127 
HIS CG  CD2  doub Y N 128 
HIS ND1 CE1  doub Y N 129 
HIS ND1 HD1  sing N N 130 
HIS CD2 NE2  sing Y N 131 
HIS CD2 HD2  sing N N 132 
HIS CE1 NE2  sing Y N 133 
HIS CE1 HE1  sing N N 134 
HIS NE2 HE2  sing N N 135 
HIS OXT HXT  sing N N 136 
HOH O   H1   sing N N 137 
HOH O   H2   sing N N 138 
ILE N   CA   sing N N 139 
ILE N   H    sing N N 140 
ILE N   H2   sing N N 141 
ILE CA  C    sing N N 142 
ILE CA  CB   sing N N 143 
ILE CA  HA   sing N N 144 
ILE C   O    doub N N 145 
ILE C   OXT  sing N N 146 
ILE CB  CG1  sing N N 147 
ILE CB  CG2  sing N N 148 
ILE CB  HB   sing N N 149 
ILE CG1 CD1  sing N N 150 
ILE CG1 HG12 sing N N 151 
ILE CG1 HG13 sing N N 152 
ILE CG2 HG21 sing N N 153 
ILE CG2 HG22 sing N N 154 
ILE CG2 HG23 sing N N 155 
ILE CD1 HD11 sing N N 156 
ILE CD1 HD12 sing N N 157 
ILE CD1 HD13 sing N N 158 
ILE OXT HXT  sing N N 159 
LEU N   CA   sing N N 160 
LEU N   H    sing N N 161 
LEU N   H2   sing N N 162 
LEU CA  C    sing N N 163 
LEU CA  CB   sing N N 164 
LEU CA  HA   sing N N 165 
LEU C   O    doub N N 166 
LEU C   OXT  sing N N 167 
LEU CB  CG   sing N N 168 
LEU CB  HB2  sing N N 169 
LEU CB  HB3  sing N N 170 
LEU CG  CD1  sing N N 171 
LEU CG  CD2  sing N N 172 
LEU CG  HG   sing N N 173 
LEU CD1 HD11 sing N N 174 
LEU CD1 HD12 sing N N 175 
LEU CD1 HD13 sing N N 176 
LEU CD2 HD21 sing N N 177 
LEU CD2 HD22 sing N N 178 
LEU CD2 HD23 sing N N 179 
LEU OXT HXT  sing N N 180 
LYS N   CA   sing N N 181 
LYS N   H    sing N N 182 
LYS N   H2   sing N N 183 
LYS CA  C    sing N N 184 
LYS CA  CB   sing N N 185 
LYS CA  HA   sing N N 186 
LYS C   O    doub N N 187 
LYS C   OXT  sing N N 188 
LYS CB  CG   sing N N 189 
LYS CB  HB2  sing N N 190 
LYS CB  HB3  sing N N 191 
LYS CG  CD   sing N N 192 
LYS CG  HG2  sing N N 193 
LYS CG  HG3  sing N N 194 
LYS CD  CE   sing N N 195 
LYS CD  HD2  sing N N 196 
LYS CD  HD3  sing N N 197 
LYS CE  NZ   sing N N 198 
LYS CE  HE2  sing N N 199 
LYS CE  HE3  sing N N 200 
LYS NZ  HZ1  sing N N 201 
LYS NZ  HZ2  sing N N 202 
LYS NZ  HZ3  sing N N 203 
LYS OXT HXT  sing N N 204 
MET N   CA   sing N N 205 
MET N   H    sing N N 206 
MET N   H2   sing N N 207 
MET CA  C    sing N N 208 
MET CA  CB   sing N N 209 
MET CA  HA   sing N N 210 
MET C   O    doub N N 211 
MET C   OXT  sing N N 212 
MET CB  CG   sing N N 213 
MET CB  HB2  sing N N 214 
MET CB  HB3  sing N N 215 
MET CG  SD   sing N N 216 
MET CG  HG2  sing N N 217 
MET CG  HG3  sing N N 218 
MET SD  CE   sing N N 219 
MET CE  HE1  sing N N 220 
MET CE  HE2  sing N N 221 
MET CE  HE3  sing N N 222 
MET OXT HXT  sing N N 223 
PHE N   CA   sing N N 224 
PHE N   H    sing N N 225 
PHE N   H2   sing N N 226 
PHE CA  C    sing N N 227 
PHE CA  CB   sing N N 228 
PHE CA  HA   sing N N 229 
PHE C   O    doub N N 230 
PHE C   OXT  sing N N 231 
PHE CB  CG   sing N N 232 
PHE CB  HB2  sing N N 233 
PHE CB  HB3  sing N N 234 
PHE CG  CD1  doub Y N 235 
PHE CG  CD2  sing Y N 236 
PHE CD1 CE1  sing Y N 237 
PHE CD1 HD1  sing N N 238 
PHE CD2 CE2  doub Y N 239 
PHE CD2 HD2  sing N N 240 
PHE CE1 CZ   doub Y N 241 
PHE CE1 HE1  sing N N 242 
PHE CE2 CZ   sing Y N 243 
PHE CE2 HE2  sing N N 244 
PHE CZ  HZ   sing N N 245 
PHE OXT HXT  sing N N 246 
PRO N   CA   sing N N 247 
PRO N   CD   sing N N 248 
PRO N   H    sing N N 249 
PRO CA  C    sing N N 250 
PRO CA  CB   sing N N 251 
PRO CA  HA   sing N N 252 
PRO C   O    doub N N 253 
PRO C   OXT  sing N N 254 
PRO CB  CG   sing N N 255 
PRO CB  HB2  sing N N 256 
PRO CB  HB3  sing N N 257 
PRO CG  CD   sing N N 258 
PRO CG  HG2  sing N N 259 
PRO CG  HG3  sing N N 260 
PRO CD  HD2  sing N N 261 
PRO CD  HD3  sing N N 262 
PRO OXT HXT  sing N N 263 
SER N   CA   sing N N 264 
SER N   H    sing N N 265 
SER N   H2   sing N N 266 
SER CA  C    sing N N 267 
SER CA  CB   sing N N 268 
SER CA  HA   sing N N 269 
SER C   O    doub N N 270 
SER C   OXT  sing N N 271 
SER CB  OG   sing N N 272 
SER CB  HB2  sing N N 273 
SER CB  HB3  sing N N 274 
SER OG  HG   sing N N 275 
SER OXT HXT  sing N N 276 
THR N   CA   sing N N 277 
THR N   H    sing N N 278 
THR N   H2   sing N N 279 
THR CA  C    sing N N 280 
THR CA  CB   sing N N 281 
THR CA  HA   sing N N 282 
THR C   O    doub N N 283 
THR C   OXT  sing N N 284 
THR CB  OG1  sing N N 285 
THR CB  CG2  sing N N 286 
THR CB  HB   sing N N 287 
THR OG1 HG1  sing N N 288 
THR CG2 HG21 sing N N 289 
THR CG2 HG22 sing N N 290 
THR CG2 HG23 sing N N 291 
THR OXT HXT  sing N N 292 
TRP N   CA   sing N N 293 
TRP N   H    sing N N 294 
TRP N   H2   sing N N 295 
TRP CA  C    sing N N 296 
TRP CA  CB   sing N N 297 
TRP CA  HA   sing N N 298 
TRP C   O    doub N N 299 
TRP C   OXT  sing N N 300 
TRP CB  CG   sing N N 301 
TRP CB  HB2  sing N N 302 
TRP CB  HB3  sing N N 303 
TRP CG  CD1  doub Y N 304 
TRP CG  CD2  sing Y N 305 
TRP CD1 NE1  sing Y N 306 
TRP CD1 HD1  sing N N 307 
TRP CD2 CE2  doub Y N 308 
TRP CD2 CE3  sing Y N 309 
TRP NE1 CE2  sing Y N 310 
TRP NE1 HE1  sing N N 311 
TRP CE2 CZ2  sing Y N 312 
TRP CE3 CZ3  doub Y N 313 
TRP CE3 HE3  sing N N 314 
TRP CZ2 CH2  doub Y N 315 
TRP CZ2 HZ2  sing N N 316 
TRP CZ3 CH2  sing Y N 317 
TRP CZ3 HZ3  sing N N 318 
TRP CH2 HH2  sing N N 319 
TRP OXT HXT  sing N N 320 
TYR N   CA   sing N N 321 
TYR N   H    sing N N 322 
TYR N   H2   sing N N 323 
TYR CA  C    sing N N 324 
TYR CA  CB   sing N N 325 
TYR CA  HA   sing N N 326 
TYR C   O    doub N N 327 
TYR C   OXT  sing N N 328 
TYR CB  CG   sing N N 329 
TYR CB  HB2  sing N N 330 
TYR CB  HB3  sing N N 331 
TYR CG  CD1  doub Y N 332 
TYR CG  CD2  sing Y N 333 
TYR CD1 CE1  sing Y N 334 
TYR CD1 HD1  sing N N 335 
TYR CD2 CE2  doub Y N 336 
TYR CD2 HD2  sing N N 337 
TYR CE1 CZ   doub Y N 338 
TYR CE1 HE1  sing N N 339 
TYR CE2 CZ   sing Y N 340 
TYR CE2 HE2  sing N N 341 
TYR CZ  OH   sing N N 342 
TYR OH  HH   sing N N 343 
TYR OXT HXT  sing N N 344 
VAL N   CA   sing N N 345 
VAL N   H    sing N N 346 
VAL N   H2   sing N N 347 
VAL CA  C    sing N N 348 
VAL CA  CB   sing N N 349 
VAL CA  HA   sing N N 350 
VAL C   O    doub N N 351 
VAL C   OXT  sing N N 352 
VAL CB  CG1  sing N N 353 
VAL CB  CG2  sing N N 354 
VAL CB  HB   sing N N 355 
VAL CG1 HG11 sing N N 356 
VAL CG1 HG12 sing N N 357 
VAL CG1 HG13 sing N N 358 
VAL CG2 HG21 sing N N 359 
VAL CG2 HG22 sing N N 360 
VAL CG2 HG23 sing N N 361 
VAL OXT HXT  sing N N 362 
# 
_pdbx_entity_nonpoly.entity_id   2 
_pdbx_entity_nonpoly.name        water 
_pdbx_entity_nonpoly.comp_id     HOH 
# 
_pdbx_initial_refinement_model.id               1 
_pdbx_initial_refinement_model.entity_id_list   ? 
_pdbx_initial_refinement_model.type             'experimental model' 
_pdbx_initial_refinement_model.source_name      PDB 
_pdbx_initial_refinement_model.accession_code   2PTH 
_pdbx_initial_refinement_model.details          'PDB ENTRY 2PTH' 
# 
